data_8UN7
#
_entry.id   8UN7
#
_cell.length_a   1.00
_cell.length_b   1.00
_cell.length_c   1.00
_cell.angle_alpha   90.00
_cell.angle_beta   90.00
_cell.angle_gamma   90.00
#
_symmetry.space_group_name_H-M   'P 1'
#
loop_
_entity.id
_entity.type
_entity.pdbx_description
1 polymer 'Microfibril-associated glycoprotein 4'
2 non-polymer 2-acetamido-2-deoxy-beta-D-glucopyranose
3 non-polymer 'CALCIUM ION'
#
_entity_poly.entity_id   1
_entity_poly.type   'polypeptide(L)'
_entity_poly.pdbx_seq_one_letter_code
;QVSGIRGDALERFCLQQPLDCDDIYAQGYQSDGVYLIYPSGPSVPVPVFCDMTTEGGKWTVFQKRFNGSVSFFRGWNDYK
LGFGRADGEYWLGLQNMHLLTLKQKYELRVDLEDFENNTAYAKYADFSISPNAVSAEEDGYTLFVAGFEDGGAGDSLSYH
SGQKFSTFDRDQDLFVQNCAALSSGAFWFRSCHFANLNGFYLGGSHLSYANGINWAQWKGFYYSLKRTEMKIRRAGKPIP
NPLLGLDSTRTGHHHHHHHH
;
_entity_poly.pdbx_strand_id   A,D,B,E,C,F,G,H
#
# COMPACT_ATOMS: atom_id res chain seq x y z
N GLN A 17 42.34 3.24 9.72
CA GLN A 17 41.34 3.49 10.73
C GLN A 17 41.09 2.24 11.58
N PRO A 18 40.80 2.40 12.86
CA PRO A 18 40.63 1.24 13.74
C PRO A 18 39.35 0.49 13.42
N LEU A 19 39.50 -0.77 13.02
CA LEU A 19 38.36 -1.62 12.70
C LEU A 19 37.65 -2.13 13.95
N ASP A 20 38.40 -2.44 15.01
CA ASP A 20 37.84 -3.03 16.20
C ASP A 20 38.62 -2.51 17.41
N CYS A 21 38.38 -3.12 18.56
CA CYS A 21 39.10 -2.72 19.77
C CYS A 21 40.54 -3.21 19.78
N ASP A 22 40.92 -4.11 18.87
CA ASP A 22 42.32 -4.52 18.79
C ASP A 22 43.22 -3.38 18.32
N ASP A 23 42.80 -2.67 17.27
CA ASP A 23 43.56 -1.51 16.84
C ASP A 23 43.52 -0.40 17.87
N ILE A 24 42.44 -0.33 18.66
CA ILE A 24 42.38 0.64 19.75
C ILE A 24 43.36 0.26 20.86
N TYR A 25 43.59 -1.03 21.06
CA TYR A 25 44.62 -1.46 22.01
C TYR A 25 45.99 -0.98 21.61
N ALA A 26 46.24 -0.80 20.32
CA ALA A 26 47.46 -0.17 19.83
C ALA A 26 47.35 1.33 20.08
N GLN A 27 48.32 2.10 19.57
CA GLN A 27 48.41 3.55 19.74
C GLN A 27 48.17 3.97 21.19
N GLY A 28 48.51 3.09 22.14
CA GLY A 28 48.52 3.42 23.55
C GLY A 28 47.20 3.82 24.16
N TYR A 29 46.12 3.09 23.86
CA TYR A 29 44.81 3.40 24.40
C TYR A 29 44.30 2.27 25.28
N GLN A 30 45.16 1.74 26.13
CA GLN A 30 44.86 0.53 26.92
C GLN A 30 43.97 0.87 28.12
N SER A 31 42.84 1.49 27.83
CA SER A 31 41.91 1.89 28.89
C SER A 31 40.51 1.34 28.63
N ASP A 32 39.56 1.71 29.50
CA ASP A 32 38.19 1.25 29.41
C ASP A 32 37.26 2.42 29.15
N GLY A 33 36.38 2.29 28.17
CA GLY A 33 35.43 3.34 27.87
C GLY A 33 34.91 3.20 26.45
N VAL A 34 34.13 4.20 26.05
CA VAL A 34 33.49 4.23 24.74
C VAL A 34 34.49 4.78 23.72
N TYR A 35 34.64 4.08 22.61
CA TYR A 35 35.53 4.52 21.54
C TYR A 35 34.80 4.51 20.20
N LEU A 36 35.53 4.71 19.11
CA LEU A 36 34.97 4.70 17.77
C LEU A 36 35.64 3.62 16.93
N ILE A 37 34.85 2.97 16.08
CA ILE A 37 35.35 1.93 15.19
C ILE A 37 34.78 2.18 13.80
N TYR A 38 35.44 1.61 12.79
CA TYR A 38 35.16 1.94 11.40
C TYR A 38 34.90 0.66 10.61
N PRO A 39 33.73 0.04 10.80
CA PRO A 39 33.50 -1.27 10.19
C PRO A 39 33.08 -1.23 8.73
N SER A 40 32.63 -0.08 8.22
CA SER A 40 32.08 0.02 6.87
C SER A 40 32.62 1.24 6.15
N GLY A 41 33.94 1.44 6.21
CA GLY A 41 34.57 2.52 5.50
C GLY A 41 35.04 3.63 6.42
N PRO A 42 35.84 4.56 5.87
CA PRO A 42 36.37 5.65 6.70
C PRO A 42 35.33 6.65 7.14
N SER A 43 34.10 6.57 6.64
CA SER A 43 33.02 7.45 7.04
C SER A 43 31.99 6.71 7.89
N VAL A 44 31.17 7.49 8.59
CA VAL A 44 30.10 6.97 9.45
C VAL A 44 30.66 5.97 10.46
N PRO A 45 31.38 6.42 11.49
CA PRO A 45 31.87 5.50 12.51
C PRO A 45 30.77 5.08 13.47
N VAL A 46 31.13 4.16 14.38
CA VAL A 46 30.19 3.59 15.35
C VAL A 46 30.80 3.63 16.75
N PRO A 47 30.07 4.10 17.77
CA PRO A 47 30.58 4.03 19.13
C PRO A 47 30.29 2.70 19.78
N VAL A 48 31.29 2.17 20.50
CA VAL A 48 31.24 0.82 21.07
C VAL A 48 32.06 0.83 22.37
N PHE A 49 31.77 -0.15 23.23
CA PHE A 49 32.41 -0.29 24.54
C PHE A 49 33.41 -1.43 24.48
N CYS A 50 34.69 -1.12 24.73
CA CYS A 50 35.76 -2.10 24.76
C CYS A 50 36.17 -2.38 26.20
N ASP A 51 36.22 -3.66 26.56
CA ASP A 51 36.51 -4.08 27.94
C ASP A 51 37.95 -4.55 27.99
N MET A 52 38.85 -3.61 28.32
CA MET A 52 40.27 -3.91 28.45
C MET A 52 40.67 -4.15 29.90
N THR A 53 40.01 -5.08 30.59
CA THR A 53 40.35 -5.32 31.98
C THR A 53 40.43 -6.79 32.38
N THR A 54 39.76 -7.70 31.65
CA THR A 54 39.57 -9.06 32.16
C THR A 54 40.85 -9.89 32.06
N GLU A 55 41.28 -10.21 30.84
CA GLU A 55 42.46 -11.06 30.65
C GLU A 55 43.61 -10.33 29.99
N GLY A 56 43.40 -9.74 28.82
CA GLY A 56 44.48 -9.06 28.13
C GLY A 56 44.04 -7.87 27.31
N GLY A 57 42.82 -7.40 27.54
CA GLY A 57 42.28 -6.31 26.76
C GLY A 57 41.38 -6.79 25.65
N LYS A 58 41.20 -5.96 24.61
CA LYS A 58 40.37 -6.30 23.45
C LYS A 58 38.94 -6.53 23.95
N TRP A 59 38.29 -7.63 23.62
CA TRP A 59 36.95 -7.95 24.09
C TRP A 59 35.93 -6.90 23.66
N THR A 60 35.74 -6.80 22.35
CA THR A 60 34.69 -5.97 21.79
C THR A 60 33.32 -6.52 22.16
N VAL A 61 32.45 -5.67 22.71
CA VAL A 61 31.16 -6.07 23.25
C VAL A 61 30.07 -5.81 22.22
N PHE A 62 29.12 -6.74 22.08
CA PHE A 62 27.97 -6.52 21.21
C PHE A 62 26.63 -6.84 21.89
N GLN A 63 26.60 -6.87 23.22
CA GLN A 63 25.37 -7.08 23.96
C GLN A 63 25.62 -6.72 25.42
N LYS A 64 24.61 -6.16 26.08
CA LYS A 64 24.75 -5.75 27.47
C LYS A 64 23.39 -5.57 28.11
N ARG A 65 23.19 -6.16 29.28
CA ARG A 65 22.01 -5.93 30.11
C ARG A 65 22.43 -5.94 31.56
N PHE A 66 21.92 -4.98 32.34
CA PHE A 66 22.03 -5.06 33.79
C PHE A 66 20.77 -4.67 34.55
N ASN A 67 19.79 -4.02 33.92
CA ASN A 67 18.50 -3.77 34.55
C ASN A 67 17.45 -3.63 33.45
N GLY A 68 16.23 -3.27 33.83
CA GLY A 68 15.14 -3.30 32.87
C GLY A 68 15.31 -2.32 31.73
N SER A 69 15.18 -1.03 32.04
CA SER A 69 15.47 0.08 31.12
C SER A 69 15.05 -0.19 29.68
N VAL A 70 16.03 -0.45 28.81
CA VAL A 70 15.77 -0.63 27.39
C VAL A 70 15.02 -1.93 27.16
N SER A 71 13.93 -1.85 26.39
CA SER A 71 13.16 -3.02 26.01
C SER A 71 13.85 -3.75 24.87
N PHE A 72 13.65 -5.07 24.79
CA PHE A 72 14.32 -5.90 23.80
C PHE A 72 13.34 -6.62 22.89
N PHE A 73 12.08 -6.21 22.84
CA PHE A 73 11.13 -6.82 21.93
C PHE A 73 11.52 -6.60 20.48
N ARG A 74 11.44 -5.35 20.01
CA ARG A 74 12.01 -4.91 18.73
C ARG A 74 11.56 -5.73 17.52
N GLY A 75 12.17 -5.47 16.36
CA GLY A 75 11.82 -6.15 15.13
C GLY A 75 13.01 -6.45 14.23
N TRP A 76 12.75 -6.77 12.97
CA TRP A 76 13.83 -7.18 12.06
C TRP A 76 14.74 -6.01 11.73
N ASN A 77 14.17 -4.84 11.46
CA ASN A 77 15.00 -3.67 11.14
C ASN A 77 15.84 -3.24 12.34
N ASP A 78 15.26 -3.29 13.54
CA ASP A 78 15.97 -2.85 14.74
C ASP A 78 17.11 -3.79 15.08
N TYR A 79 16.97 -5.09 14.79
CA TYR A 79 18.07 -6.01 15.00
C TYR A 79 19.09 -5.95 13.88
N LYS A 80 18.67 -5.61 12.67
CA LYS A 80 19.62 -5.48 11.57
C LYS A 80 20.48 -4.23 11.71
N LEU A 81 19.91 -3.13 12.24
CA LEU A 81 20.63 -1.86 12.28
C LEU A 81 21.13 -1.49 13.68
N GLY A 82 20.66 -2.14 14.72
CA GLY A 82 21.17 -1.86 16.05
C GLY A 82 20.32 -0.85 16.79
N PHE A 83 20.43 -0.86 18.12
CA PHE A 83 19.66 0.04 18.97
C PHE A 83 20.34 0.14 20.32
N GLY A 84 19.85 1.06 21.14
CA GLY A 84 20.35 1.27 22.48
C GLY A 84 21.44 2.31 22.54
N ARG A 85 21.98 2.50 23.74
CA ARG A 85 23.04 3.45 23.99
C ARG A 85 24.32 2.70 24.37
N ALA A 86 25.47 3.30 24.03
CA ALA A 86 26.74 2.61 24.21
C ALA A 86 27.15 2.52 25.67
N ASP A 87 26.82 3.54 26.48
CA ASP A 87 27.23 3.51 27.88
C ASP A 87 26.30 2.65 28.73
N GLY A 88 25.12 2.31 28.22
CA GLY A 88 24.19 1.47 28.97
C GLY A 88 23.97 0.11 28.33
N GLU A 89 22.72 -0.18 27.98
CA GLU A 89 22.37 -1.42 27.31
C GLU A 89 22.20 -1.16 25.82
N TYR A 90 22.61 -2.13 25.00
CA TYR A 90 22.57 -1.93 23.56
C TYR A 90 22.73 -3.26 22.84
N TRP A 91 22.46 -3.23 21.54
CA TRP A 91 22.70 -4.34 20.62
C TRP A 91 23.32 -3.77 19.36
N LEU A 92 24.51 -4.25 19.01
CA LEU A 92 25.30 -3.60 17.96
C LEU A 92 24.60 -3.68 16.61
N GLY A 93 24.15 -4.86 16.22
CA GLY A 93 23.50 -4.94 14.90
C GLY A 93 24.15 -6.00 14.04
N LEU A 94 23.31 -6.85 13.45
CA LEU A 94 23.81 -7.99 12.70
C LEU A 94 24.66 -7.56 11.51
N GLN A 95 24.31 -6.44 10.87
CA GLN A 95 25.07 -5.97 9.73
C GLN A 95 26.51 -5.63 10.11
N ASN A 96 26.68 -4.95 11.25
CA ASN A 96 28.01 -4.53 11.68
C ASN A 96 28.87 -5.72 12.08
N MET A 97 28.30 -6.67 12.82
CA MET A 97 29.06 -7.86 13.19
C MET A 97 29.39 -8.71 11.97
N HIS A 98 28.48 -8.79 10.99
CA HIS A 98 28.80 -9.50 9.77
C HIS A 98 29.96 -8.83 9.02
N LEU A 99 29.92 -7.50 8.91
CA LEU A 99 31.00 -6.80 8.22
C LEU A 99 32.33 -6.97 8.94
N LEU A 100 32.28 -7.00 10.28
CA LEU A 100 33.51 -7.23 11.05
C LEU A 100 34.06 -8.64 10.81
N THR A 101 33.20 -9.65 10.97
CA THR A 101 33.67 -11.03 10.89
C THR A 101 33.95 -11.50 9.47
N LEU A 102 33.50 -10.75 8.46
CA LEU A 102 33.83 -11.12 7.09
C LEU A 102 35.32 -10.96 6.80
N LYS A 103 35.96 -9.97 7.43
CA LYS A 103 37.34 -9.62 7.12
C LYS A 103 38.35 -10.41 7.94
N GLN A 104 38.16 -10.50 9.25
CA GLN A 104 39.13 -11.10 10.14
C GLN A 104 38.51 -12.26 10.92
N LYS A 105 39.37 -13.18 11.34
CA LYS A 105 38.98 -14.27 12.23
C LYS A 105 38.76 -13.73 13.64
N TYR A 106 37.88 -14.40 14.39
CA TYR A 106 37.50 -13.92 15.71
C TYR A 106 37.24 -15.11 16.62
N GLU A 107 36.83 -14.81 17.86
CA GLU A 107 36.60 -15.80 18.90
C GLU A 107 35.58 -15.24 19.87
N LEU A 108 34.67 -16.09 20.34
CA LEU A 108 33.52 -15.66 21.12
C LEU A 108 33.67 -16.04 22.59
N ARG A 109 33.20 -15.16 23.48
CA ARG A 109 33.15 -15.41 24.91
C ARG A 109 31.85 -14.87 25.49
N VAL A 110 31.21 -15.64 26.36
CA VAL A 110 29.96 -15.26 27.02
C VAL A 110 30.13 -15.44 28.52
N ASP A 111 29.78 -14.41 29.29
CA ASP A 111 29.78 -14.47 30.75
C ASP A 111 28.49 -13.86 31.27
N LEU A 112 28.01 -14.39 32.40
CA LEU A 112 26.71 -14.02 32.93
C LEU A 112 26.70 -14.19 34.44
N GLU A 113 25.77 -13.50 35.10
CA GLU A 113 25.66 -13.48 36.56
C GLU A 113 24.19 -13.49 36.98
N ASP A 114 23.87 -14.27 38.01
CA ASP A 114 22.51 -14.39 38.50
C ASP A 114 22.25 -13.30 39.54
N PHE A 115 21.26 -13.52 40.40
CA PHE A 115 20.90 -12.49 41.36
C PHE A 115 21.91 -12.37 42.51
N GLU A 116 22.42 -13.50 43.07
CA GLU A 116 23.03 -13.33 44.40
C GLU A 116 24.30 -12.50 44.29
N ASN A 117 25.35 -13.22 43.89
CA ASN A 117 26.65 -12.73 43.49
C ASN A 117 27.25 -13.72 42.50
N ASN A 118 26.50 -14.76 42.13
CA ASN A 118 27.10 -15.95 41.55
C ASN A 118 27.64 -15.57 40.17
N THR A 119 28.64 -16.30 39.70
CA THR A 119 29.24 -16.01 38.41
C THR A 119 29.50 -17.29 37.65
N ALA A 120 29.64 -17.16 36.33
CA ALA A 120 30.00 -18.26 35.44
C ALA A 120 30.35 -17.66 34.09
N TYR A 121 30.90 -18.50 33.21
CA TYR A 121 31.26 -18.04 31.87
C TYR A 121 31.48 -19.25 30.97
N ALA A 122 31.53 -18.97 29.66
CA ALA A 122 31.78 -19.98 28.64
C ALA A 122 32.62 -19.38 27.53
N LYS A 123 33.31 -20.25 26.79
CA LYS A 123 34.22 -19.82 25.73
C LYS A 123 34.04 -20.70 24.50
N TYR A 124 34.11 -20.08 23.32
CA TYR A 124 34.04 -20.79 22.05
C TYR A 124 35.20 -20.34 21.18
N ALA A 125 35.84 -21.29 20.51
CA ALA A 125 37.06 -20.99 19.79
C ALA A 125 36.81 -20.28 18.46
N ASP A 126 35.67 -20.52 17.83
CA ASP A 126 35.37 -19.94 16.52
C ASP A 126 33.99 -19.30 16.52
N PHE A 127 33.87 -18.15 15.86
CA PHE A 127 32.60 -17.46 15.76
C PHE A 127 32.54 -16.69 14.44
N SER A 128 31.41 -16.81 13.74
CA SER A 128 31.21 -16.11 12.49
C SER A 128 29.73 -16.04 12.19
N ILE A 129 29.37 -15.17 11.24
CA ILE A 129 28.00 -14.97 10.81
C ILE A 129 27.96 -15.02 9.29
N SER A 130 27.29 -16.03 8.73
CA SER A 130 27.20 -16.24 7.29
C SER A 130 28.58 -16.22 6.66
N PRO A 131 29.39 -17.26 6.88
CA PRO A 131 30.81 -17.21 6.49
C PRO A 131 31.04 -16.93 5.01
N ASN A 132 30.44 -17.71 4.13
CA ASN A 132 30.75 -17.65 2.69
C ASN A 132 29.55 -17.27 1.86
N ALA A 133 28.68 -16.41 2.38
CA ALA A 133 27.44 -16.02 1.69
C ALA A 133 27.72 -14.88 0.72
N VAL A 134 27.15 -15.00 -0.49
CA VAL A 134 27.25 -13.91 -1.46
C VAL A 134 26.43 -12.73 -1.02
N SER A 135 25.26 -12.97 -0.43
CA SER A 135 24.41 -11.94 0.14
C SER A 135 24.00 -12.36 1.54
N ALA A 136 24.51 -11.66 2.55
CA ALA A 136 24.33 -12.11 3.93
C ALA A 136 22.87 -12.07 4.36
N GLU A 137 22.15 -11.02 3.98
CA GLU A 137 20.76 -10.91 4.39
C GLU A 137 19.90 -12.02 3.79
N GLU A 138 20.22 -12.45 2.56
CA GLU A 138 19.42 -13.48 1.91
C GLU A 138 19.57 -14.82 2.62
N ASP A 139 20.77 -15.14 3.10
CA ASP A 139 20.94 -16.34 3.91
C ASP A 139 20.19 -16.25 5.23
N GLY A 140 20.24 -15.10 5.90
CA GLY A 140 19.55 -14.92 7.16
C GLY A 140 20.43 -14.81 8.39
N TYR A 141 21.73 -14.52 8.23
CA TYR A 141 22.66 -14.30 9.34
C TYR A 141 22.76 -15.54 10.23
N THR A 142 23.19 -16.65 9.62
CA THR A 142 23.32 -17.90 10.32
C THR A 142 24.47 -17.85 11.33
N LEU A 143 24.46 -18.79 12.27
CA LEU A 143 25.43 -18.87 13.35
C LEU A 143 26.40 -20.02 13.11
N PHE A 144 27.64 -19.85 13.58
CA PHE A 144 28.64 -20.90 13.57
C PHE A 144 29.51 -20.80 14.81
N VAL A 145 29.77 -21.93 15.45
CA VAL A 145 30.58 -21.99 16.66
C VAL A 145 31.26 -23.34 16.73
N ALA A 146 32.51 -23.36 17.19
CA ALA A 146 33.27 -24.59 17.30
C ALA A 146 34.31 -24.45 18.40
N GLY A 147 34.61 -25.57 19.05
CA GLY A 147 35.66 -25.59 20.06
C GLY A 147 35.25 -25.07 21.42
N PHE A 148 34.25 -25.68 22.02
CA PHE A 148 33.76 -25.24 23.32
C PHE A 148 34.77 -25.54 24.41
N GLU A 149 34.99 -24.57 25.29
CA GLU A 149 35.82 -24.75 26.48
C GLU A 149 35.02 -24.24 27.67
N ASP A 150 34.85 -25.09 28.67
CA ASP A 150 33.94 -24.80 29.77
C ASP A 150 34.56 -23.80 30.74
N GLY A 151 33.68 -23.12 31.48
CA GLY A 151 34.10 -22.21 32.53
C GLY A 151 33.15 -22.26 33.71
N GLY A 152 32.25 -23.24 33.70
CA GLY A 152 31.25 -23.39 34.73
C GLY A 152 29.83 -23.09 34.30
N ALA A 153 29.60 -22.76 33.04
CA ALA A 153 28.28 -22.42 32.54
C ALA A 153 27.66 -23.50 31.67
N GLY A 154 28.45 -24.24 30.91
CA GLY A 154 27.94 -25.30 30.07
C GLY A 154 27.85 -24.89 28.61
N ASP A 155 27.58 -25.89 27.77
CA ASP A 155 27.47 -25.68 26.34
C ASP A 155 25.98 -25.63 25.97
N SER A 156 25.53 -24.45 25.54
CA SER A 156 24.14 -24.28 25.14
C SER A 156 24.00 -23.61 23.78
N LEU A 157 25.12 -23.39 23.07
CA LEU A 157 25.08 -22.83 21.74
C LEU A 157 25.55 -23.79 20.65
N SER A 158 26.21 -24.90 21.02
CA SER A 158 26.68 -25.84 20.01
C SER A 158 25.54 -26.64 19.40
N TYR A 159 24.46 -26.85 20.16
CA TYR A 159 23.30 -27.52 19.59
C TYR A 159 22.71 -26.70 18.45
N HIS A 160 22.77 -25.38 18.58
CA HIS A 160 22.41 -24.45 17.52
C HIS A 160 23.56 -24.33 16.52
N SER A 161 23.52 -23.29 15.69
CA SER A 161 24.48 -23.02 14.62
C SER A 161 24.08 -23.81 13.38
N GLY A 162 24.15 -23.15 12.22
CA GLY A 162 23.46 -23.59 11.03
C GLY A 162 22.02 -23.16 10.95
N GLN A 163 21.51 -22.46 11.96
CA GLN A 163 20.14 -21.96 11.99
C GLN A 163 20.15 -20.45 11.83
N LYS A 164 19.18 -19.96 11.08
CA LYS A 164 19.08 -18.54 10.77
C LYS A 164 18.52 -17.76 11.96
N PHE A 165 18.81 -16.47 11.98
CA PHE A 165 18.19 -15.57 12.94
C PHE A 165 16.69 -15.48 12.68
N SER A 166 15.93 -15.21 13.74
CA SER A 166 14.48 -15.19 13.63
C SER A 166 13.92 -14.13 14.56
N THR A 167 12.67 -13.74 14.30
CA THR A 167 11.95 -12.76 15.09
C THR A 167 10.47 -13.13 15.11
N PHE A 168 9.69 -12.28 15.77
CA PHE A 168 8.26 -12.50 15.99
C PHE A 168 7.42 -12.00 14.81
N ASP A 169 7.98 -11.12 13.98
CA ASP A 169 7.24 -10.57 12.86
C ASP A 169 7.70 -11.15 11.53
N ARG A 170 8.78 -11.91 11.52
CA ARG A 170 9.28 -12.51 10.29
C ARG A 170 8.58 -13.82 9.98
N ASP A 171 8.69 -14.78 10.90
CA ASP A 171 8.66 -16.18 10.55
C ASP A 171 7.31 -16.85 10.72
N GLN A 172 7.00 -17.18 11.98
CA GLN A 172 5.67 -17.57 12.48
C GLN A 172 4.88 -18.44 11.50
N ASP A 173 5.57 -19.28 10.74
CA ASP A 173 4.90 -20.27 9.87
C ASP A 173 5.36 -21.68 10.17
N LEU A 174 6.66 -21.96 10.11
CA LEU A 174 7.15 -23.30 10.38
C LEU A 174 7.10 -23.64 11.85
N PHE A 175 7.10 -22.62 12.72
CA PHE A 175 6.94 -22.87 14.15
C PHE A 175 5.57 -23.43 14.47
N VAL A 176 4.52 -22.94 13.81
CA VAL A 176 3.17 -23.40 14.08
C VAL A 176 2.97 -24.85 13.61
N GLN A 177 3.72 -25.28 12.59
CA GLN A 177 3.61 -26.66 12.16
C GLN A 177 4.36 -27.61 13.09
N ASN A 178 5.67 -27.39 13.27
CA ASN A 178 6.46 -28.29 14.10
C ASN A 178 6.04 -28.21 15.57
N CYS A 179 5.98 -27.00 16.12
CA CYS A 179 5.55 -26.75 17.48
C CYS A 179 4.17 -26.11 17.46
N ALA A 180 3.70 -25.70 18.63
CA ALA A 180 2.52 -24.86 18.75
C ALA A 180 2.94 -23.48 19.27
N ALA A 181 2.01 -22.54 19.19
CA ALA A 181 2.21 -21.18 19.70
C ALA A 181 3.31 -20.43 18.95
N LEU A 182 3.38 -19.11 19.16
CA LEU A 182 4.29 -18.24 18.45
C LEU A 182 5.58 -18.02 19.25
N SER A 183 6.66 -17.75 18.51
CA SER A 183 7.99 -17.68 19.12
C SER A 183 8.12 -16.44 20.00
N SER A 184 7.95 -15.25 19.42
CA SER A 184 8.09 -13.98 20.13
C SER A 184 9.47 -13.84 20.77
N GLY A 185 10.50 -14.23 20.03
CA GLY A 185 11.86 -14.13 20.52
C GLY A 185 12.83 -13.88 19.39
N ALA A 186 14.04 -13.46 19.75
CA ALA A 186 15.07 -13.10 18.80
C ALA A 186 16.36 -13.83 19.15
N PHE A 187 16.65 -14.91 18.44
CA PHE A 187 17.88 -15.68 18.62
C PHE A 187 17.99 -16.65 17.45
N TRP A 188 18.99 -17.52 17.52
CA TRP A 188 19.18 -18.58 16.53
C TRP A 188 18.49 -19.84 17.04
N PHE A 189 17.28 -20.09 16.54
CA PHE A 189 16.45 -21.18 17.04
C PHE A 189 16.59 -22.42 16.17
N ARG A 190 16.67 -23.58 16.81
CA ARG A 190 16.83 -24.87 16.15
C ARG A 190 15.58 -25.74 16.22
N SER A 191 14.93 -25.78 17.38
CA SER A 191 13.75 -26.61 17.60
C SER A 191 12.78 -25.80 18.45
N CYS A 192 11.85 -26.50 19.10
CA CYS A 192 10.81 -25.86 19.91
C CYS A 192 11.36 -25.21 21.19
N HIS A 193 12.67 -25.16 21.39
CA HIS A 193 13.23 -24.57 22.60
C HIS A 193 13.13 -23.05 22.55
N PHE A 194 12.65 -22.44 23.64
CA PHE A 194 12.40 -21.01 23.68
C PHE A 194 13.18 -20.34 24.80
N ALA A 195 14.45 -20.70 24.95
CA ALA A 195 15.32 -20.12 25.98
C ALA A 195 16.44 -19.34 25.30
N ASN A 196 16.55 -18.06 25.64
CA ASN A 196 17.58 -17.22 25.06
C ASN A 196 17.79 -16.01 25.95
N LEU A 197 18.88 -15.28 25.68
CA LEU A 197 19.26 -14.11 26.46
C LEU A 197 18.59 -12.84 25.97
N ASN A 198 17.77 -12.89 24.93
CA ASN A 198 17.04 -11.73 24.42
C ASN A 198 15.56 -11.79 24.77
N GLY A 199 15.24 -12.28 25.96
CA GLY A 199 13.87 -12.36 26.42
C GLY A 199 13.51 -11.21 27.34
N PHE A 200 12.34 -11.34 27.96
CA PHE A 200 11.83 -10.31 28.86
C PHE A 200 12.60 -10.32 30.17
N TYR A 201 12.65 -9.15 30.81
CA TYR A 201 13.38 -8.99 32.06
C TYR A 201 12.42 -9.26 33.22
N LEU A 202 12.53 -10.44 33.80
CA LEU A 202 11.79 -10.83 34.99
C LEU A 202 12.71 -10.77 36.20
N GLY A 203 12.16 -11.06 37.36
CA GLY A 203 12.92 -10.99 38.60
C GLY A 203 13.85 -12.17 38.80
N GLY A 204 14.02 -12.60 40.05
CA GLY A 204 14.88 -13.73 40.33
C GLY A 204 14.35 -15.02 39.75
N SER A 205 13.04 -15.27 39.93
CA SER A 205 12.41 -16.50 39.47
C SER A 205 11.01 -16.19 38.95
N HIS A 206 10.49 -17.10 38.14
CA HIS A 206 9.16 -16.95 37.57
C HIS A 206 8.50 -18.31 37.47
N LEU A 207 7.16 -18.29 37.36
CA LEU A 207 6.40 -19.52 37.26
C LEU A 207 6.15 -19.96 35.82
N SER A 208 6.20 -19.04 34.87
CA SER A 208 5.99 -19.39 33.48
C SER A 208 7.18 -20.17 32.93
N TYR A 209 7.01 -20.70 31.72
CA TYR A 209 8.08 -21.44 31.08
C TYR A 209 9.13 -20.46 30.58
N ALA A 210 10.03 -20.92 29.71
CA ALA A 210 11.20 -20.14 29.34
C ALA A 210 10.76 -18.93 28.53
N ASN A 211 10.67 -17.76 29.19
CA ASN A 211 10.41 -16.52 28.50
C ASN A 211 11.21 -15.35 29.07
N GLY A 212 12.12 -15.60 30.01
CA GLY A 212 13.00 -14.57 30.51
C GLY A 212 14.41 -14.75 30.00
N ILE A 213 15.39 -14.22 30.73
CA ILE A 213 16.79 -14.39 30.33
C ILE A 213 17.30 -15.72 30.88
N ASN A 214 17.23 -16.76 30.06
CA ASN A 214 17.47 -18.13 30.49
C ASN A 214 18.71 -18.70 29.83
N TRP A 215 19.56 -19.34 30.64
CA TRP A 215 20.67 -20.16 30.16
C TRP A 215 20.45 -21.55 30.75
N ALA A 216 19.97 -22.47 29.92
CA ALA A 216 19.42 -23.73 30.44
C ALA A 216 20.47 -24.56 31.17
N GLN A 217 21.70 -24.56 30.66
CA GLN A 217 22.72 -25.44 31.24
C GLN A 217 23.11 -25.01 32.65
N TRP A 218 23.13 -23.70 32.93
CA TRP A 218 23.58 -23.25 34.25
C TRP A 218 22.47 -23.33 35.29
N LYS A 219 21.38 -22.59 35.09
CA LYS A 219 20.32 -22.47 36.08
C LYS A 219 19.11 -23.35 35.77
N GLY A 220 18.52 -23.17 34.61
CA GLY A 220 17.35 -23.93 34.22
C GLY A 220 16.37 -23.07 33.47
N PHE A 221 15.16 -23.59 33.30
CA PHE A 221 14.12 -22.95 32.52
C PHE A 221 13.21 -22.06 33.36
N TYR A 222 13.50 -21.88 34.65
CA TYR A 222 12.64 -21.11 35.54
C TYR A 222 13.40 -20.03 36.29
N TYR A 223 14.61 -19.67 35.85
CA TYR A 223 15.42 -18.65 36.50
C TYR A 223 15.90 -17.66 35.45
N SER A 224 15.61 -16.38 35.67
CA SER A 224 16.03 -15.31 34.78
C SER A 224 17.21 -14.57 35.41
N LEU A 225 18.27 -14.39 34.63
CA LEU A 225 19.54 -13.91 35.15
C LEU A 225 19.46 -12.42 35.47
N LYS A 226 20.59 -11.86 35.90
CA LYS A 226 20.72 -10.45 36.23
C LYS A 226 21.50 -9.65 35.20
N ARG A 227 22.63 -10.18 34.73
CA ARG A 227 23.49 -9.47 33.79
C ARG A 227 23.92 -10.43 32.70
N THR A 228 23.97 -9.91 31.46
CA THR A 228 24.46 -10.67 30.32
C THR A 228 25.48 -9.82 29.56
N GLU A 229 26.40 -10.50 28.89
CA GLU A 229 27.41 -9.82 28.09
C GLU A 229 28.08 -10.79 27.13
N MET A 230 28.08 -10.47 25.84
CA MET A 230 28.72 -11.27 24.82
C MET A 230 29.78 -10.44 24.12
N LYS A 231 30.99 -10.96 24.03
CA LYS A 231 32.12 -10.25 23.45
C LYS A 231 32.79 -11.13 22.40
N ILE A 232 33.60 -10.50 21.56
CA ILE A 232 34.40 -11.22 20.58
C ILE A 232 35.82 -10.65 20.59
N ARG A 233 36.75 -11.45 20.10
CA ARG A 233 38.16 -11.07 20.09
C ARG A 233 38.87 -11.84 18.98
N ARG A 234 39.86 -11.19 18.36
CA ARG A 234 40.61 -11.83 17.29
C ARG A 234 41.49 -12.95 17.84
N ALA A 235 41.73 -13.96 17.02
CA ALA A 235 42.55 -15.09 17.42
C ALA A 235 43.31 -15.66 16.23
N GLN B 17 39.83 17.55 3.80
CA GLN B 17 38.74 18.41 3.37
C GLN B 17 38.17 19.17 4.56
N PRO B 18 37.61 20.36 4.34
CA PRO B 18 37.00 21.11 5.45
C PRO B 18 35.76 20.40 5.97
N LEU B 19 35.66 20.30 7.28
CA LEU B 19 34.51 19.67 7.92
C LEU B 19 33.46 20.68 8.34
N ASP B 20 33.88 21.89 8.69
CA ASP B 20 32.96 22.95 9.10
C ASP B 20 33.65 24.29 8.85
N CYS B 21 33.04 25.36 9.39
CA CYS B 21 33.58 26.70 9.19
C CYS B 21 34.90 26.94 9.93
N ASP B 22 35.19 26.15 10.96
CA ASP B 22 36.47 26.32 11.66
C ASP B 22 37.65 26.02 10.75
N ASP B 23 37.54 24.98 9.92
CA ASP B 23 38.59 24.70 8.95
C ASP B 23 38.53 25.66 7.77
N ILE B 24 37.38 26.30 7.55
CA ILE B 24 37.27 27.32 6.51
C ILE B 24 38.02 28.58 6.94
N TYR B 25 38.03 28.86 8.24
CA TYR B 25 38.78 30.02 8.75
C TYR B 25 40.25 29.95 8.40
N ALA B 26 40.82 28.73 8.36
CA ALA B 26 42.21 28.56 7.96
C ALA B 26 42.29 28.67 6.43
N GLN B 27 43.46 28.34 5.87
CA GLN B 27 43.82 28.57 4.47
C GLN B 27 43.43 29.97 4.01
N GLY B 28 43.42 30.93 4.92
CA GLY B 28 43.20 32.33 4.56
C GLY B 28 41.88 32.64 3.89
N TYR B 29 40.78 32.15 4.46
CA TYR B 29 39.46 32.42 3.90
C TYR B 29 38.55 33.08 4.92
N GLN B 30 39.08 34.07 5.64
CA GLN B 30 38.31 34.79 6.66
C GLN B 30 37.39 35.82 5.98
N SER B 31 36.16 35.40 5.74
CA SER B 31 35.16 36.29 5.15
C SER B 31 33.76 35.84 5.53
N ASP B 32 32.74 36.46 4.95
CA ASP B 32 31.35 36.16 5.28
C ASP B 32 30.61 35.80 3.99
N GLY B 33 30.28 34.52 3.85
CA GLY B 33 29.63 34.05 2.65
C GLY B 33 29.40 32.56 2.69
N VAL B 34 28.87 32.05 1.59
CA VAL B 34 28.49 30.64 1.47
C VAL B 34 29.70 29.83 1.05
N TYR B 35 29.99 28.77 1.81
CA TYR B 35 31.12 27.91 1.49
C TYR B 35 30.66 26.46 1.37
N LEU B 36 31.61 25.54 1.24
CA LEU B 36 31.31 24.12 1.10
C LEU B 36 31.94 23.36 2.27
N ILE B 37 31.22 22.36 2.77
CA ILE B 37 31.71 21.52 3.87
C ILE B 37 31.47 20.06 3.51
N TYR B 38 32.23 19.18 4.15
CA TYR B 38 32.26 17.75 3.82
C TYR B 38 31.98 16.94 5.08
N PRO B 39 30.71 16.81 5.46
CA PRO B 39 30.39 16.08 6.70
C PRO B 39 30.28 14.57 6.52
N SER B 40 30.04 14.09 5.31
CA SER B 40 29.73 12.67 5.08
C SER B 40 30.60 12.11 3.96
N GLY B 41 31.90 12.37 4.03
CA GLY B 41 32.83 11.82 3.07
C GLY B 41 33.38 12.87 2.13
N PRO B 42 34.41 12.49 1.36
CA PRO B 42 35.02 13.46 0.44
C PRO B 42 34.11 13.87 -0.70
N SER B 43 33.05 13.12 -0.99
CA SER B 43 32.13 13.45 -2.07
C SER B 43 30.84 14.04 -1.50
N VAL B 44 30.02 14.58 -2.41
CA VAL B 44 28.73 15.18 -2.09
C VAL B 44 28.86 16.23 -0.99
N PRO B 45 29.43 17.39 -1.26
CA PRO B 45 29.50 18.46 -0.25
C PRO B 45 28.16 19.15 -0.09
N VAL B 46 28.08 20.01 0.92
CA VAL B 46 26.88 20.76 1.25
C VAL B 46 27.21 22.25 1.38
N PRO B 47 26.46 23.13 0.75
CA PRO B 47 26.72 24.57 0.90
C PRO B 47 26.06 25.12 2.15
N VAL B 48 26.82 25.91 2.91
CA VAL B 48 26.38 26.44 4.20
C VAL B 48 26.87 27.88 4.32
N PHE B 49 26.42 28.56 5.37
CA PHE B 49 26.72 29.97 5.59
C PHE B 49 27.49 30.12 6.90
N CYS B 50 28.69 30.67 6.81
CA CYS B 50 29.55 30.91 7.97
C CYS B 50 29.56 32.41 8.27
N ASP B 51 29.30 32.76 9.53
CA ASP B 51 29.19 34.17 9.94
C ASP B 51 30.47 34.48 10.71
N MET B 52 31.47 34.94 9.96
CA MET B 52 32.81 35.17 10.51
C MET B 52 33.03 36.63 10.88
N THR B 53 32.11 37.24 11.62
CA THR B 53 32.31 38.64 11.99
C THR B 53 31.85 39.02 13.40
N THR B 54 31.39 38.08 14.22
CA THR B 54 30.80 38.46 15.50
C THR B 54 31.83 38.52 16.63
N GLU B 55 32.42 37.37 16.97
CA GLU B 55 33.35 37.30 18.10
C GLU B 55 34.74 36.85 17.67
N GLY B 56 34.86 35.74 16.93
CA GLY B 56 36.15 35.26 16.50
C GLY B 56 36.09 34.52 15.20
N GLY B 57 34.99 34.62 14.47
CA GLY B 57 34.78 33.83 13.28
C GLY B 57 34.11 32.52 13.60
N LYS B 58 34.27 31.52 12.73
CA LYS B 58 33.65 30.19 12.90
C LYS B 58 32.14 30.39 12.90
N TRP B 59 31.42 29.91 13.92
CA TRP B 59 29.99 30.14 14.07
C TRP B 59 29.21 29.59 12.85
N THR B 60 29.28 28.27 12.71
CA THR B 60 28.49 27.60 11.68
C THR B 60 27.01 27.76 11.98
N VAL B 61 26.23 28.12 10.97
CA VAL B 61 24.83 28.48 11.13
C VAL B 61 23.95 27.35 10.58
N PHE B 62 23.06 26.82 11.41
CA PHE B 62 22.14 25.78 10.98
C PHE B 62 20.67 26.20 11.08
N GLN B 63 20.40 27.51 11.08
CA GLN B 63 19.04 28.01 11.07
C GLN B 63 19.07 29.51 10.77
N LYS B 64 18.08 29.99 10.03
CA LYS B 64 18.05 31.40 9.63
C LYS B 64 16.63 31.79 9.25
N ARG B 65 16.16 32.91 9.79
CA ARG B 65 14.88 33.52 9.39
C ARG B 65 15.01 35.02 9.51
N PHE B 66 14.55 35.75 8.49
CA PHE B 66 14.40 37.19 8.61
C PHE B 66 13.11 37.75 8.03
N ASN B 67 12.37 37.00 7.22
CA ASN B 67 11.04 37.41 6.79
C ASN B 67 10.21 36.15 6.58
N GLY B 68 9.05 36.29 5.94
CA GLY B 68 8.17 35.14 5.81
C GLY B 68 8.69 34.07 4.87
N SER B 69 8.65 34.36 3.57
CA SER B 69 9.22 33.52 2.51
C SER B 69 9.03 32.02 2.75
N VAL B 70 10.12 31.34 3.11
CA VAL B 70 10.12 29.89 3.27
C VAL B 70 9.19 29.49 4.39
N SER B 71 8.41 28.43 4.17
CA SER B 71 7.52 27.90 5.19
C SER B 71 8.22 26.80 5.99
N PHE B 72 7.92 26.73 7.28
CA PHE B 72 8.60 25.83 8.19
C PHE B 72 7.70 24.74 8.76
N PHE B 73 6.54 24.51 8.16
CA PHE B 73 5.65 23.44 8.64
C PHE B 73 6.31 22.08 8.48
N ARG B 74 6.52 21.64 7.23
CA ARG B 74 7.35 20.47 6.90
C ARG B 74 6.97 19.19 7.62
N GLY B 75 7.79 18.14 7.46
CA GLY B 75 7.56 16.86 8.10
C GLY B 75 8.84 16.22 8.61
N TRP B 76 8.83 14.91 8.86
CA TRP B 76 10.01 14.24 9.41
C TRP B 76 11.12 14.11 8.38
N ASN B 77 10.77 13.78 7.14
CA ASN B 77 11.79 13.64 6.09
C ASN B 77 12.48 14.96 5.81
N ASP B 78 11.73 16.05 5.76
CA ASP B 78 12.32 17.35 5.46
C ASP B 78 13.26 17.80 6.56
N TYR B 79 12.86 17.64 7.82
CA TYR B 79 13.74 17.99 8.93
C TYR B 79 14.92 17.04 9.05
N LYS B 80 14.79 15.81 8.54
CA LYS B 80 15.92 14.89 8.54
C LYS B 80 16.94 15.22 7.46
N LEU B 81 16.48 15.67 6.29
CA LEU B 81 17.39 15.91 5.18
C LEU B 81 17.73 17.38 4.97
N GLY B 82 16.86 18.30 5.35
CA GLY B 82 17.15 19.71 5.22
C GLY B 82 16.41 20.37 4.07
N PHE B 83 16.15 21.67 4.22
CA PHE B 83 15.42 22.42 3.22
C PHE B 83 15.88 23.87 3.26
N GLY B 84 15.53 24.61 2.22
CA GLY B 84 15.84 26.03 2.14
C GLY B 84 17.00 26.33 1.21
N ARG B 85 17.45 27.57 1.27
CA ARG B 85 18.56 28.04 0.45
C ARG B 85 19.67 28.57 1.34
N ALA B 86 20.91 28.50 0.83
CA ALA B 86 22.07 28.86 1.64
C ALA B 86 22.14 30.36 1.90
N ASP B 87 21.73 31.19 0.94
CA ASP B 87 21.82 32.63 1.15
C ASP B 87 20.61 33.18 1.88
N GLY B 88 19.47 32.51 1.81
CA GLY B 88 18.28 32.98 2.51
C GLY B 88 18.01 32.24 3.79
N GLU B 89 16.79 31.75 3.96
CA GLU B 89 16.40 30.96 5.13
C GLU B 89 16.52 29.48 4.82
N TYR B 90 16.90 28.68 5.83
CA TYR B 90 17.12 27.27 5.61
C TYR B 90 17.15 26.52 6.93
N TRP B 91 17.21 25.19 6.82
CA TRP B 91 17.41 24.29 7.94
C TRP B 91 18.41 23.24 7.52
N LEU B 92 19.53 23.14 8.23
CA LEU B 92 20.64 22.31 7.77
C LEU B 92 20.27 20.83 7.74
N GLY B 93 19.59 20.34 8.76
CA GLY B 93 19.21 18.92 8.73
C GLY B 93 19.81 18.18 9.91
N LEU B 94 18.95 17.42 10.61
CA LEU B 94 19.38 16.74 11.82
C LEU B 94 20.49 15.73 11.54
N GLN B 95 20.48 15.11 10.37
CA GLN B 95 21.49 14.11 10.04
C GLN B 95 22.88 14.73 9.96
N ASN B 96 22.99 15.87 9.27
CA ASN B 96 24.29 16.51 9.10
C ASN B 96 24.80 17.09 10.41
N MET B 97 23.91 17.68 11.21
CA MET B 97 24.34 18.17 12.52
C MET B 97 24.78 17.02 13.42
N HIS B 98 24.07 15.88 13.37
CA HIS B 98 24.50 14.73 14.15
C HIS B 98 25.87 14.25 13.71
N LEU B 99 26.10 14.17 12.40
CA LEU B 99 27.39 13.72 11.89
C LEU B 99 28.50 14.67 12.31
N LEU B 100 28.23 15.98 12.27
CA LEU B 100 29.23 16.96 12.69
C LEU B 100 29.54 16.83 14.17
N THR B 101 28.51 16.79 15.01
CA THR B 101 28.73 16.79 16.45
C THR B 101 29.30 15.48 16.97
N LEU B 102 29.10 14.37 16.25
CA LEU B 102 29.64 13.10 16.71
C LEU B 102 31.16 13.11 16.73
N LYS B 103 31.79 13.66 15.70
CA LYS B 103 33.25 13.63 15.58
C LYS B 103 33.94 14.59 16.54
N GLN B 104 33.46 15.83 16.63
CA GLN B 104 34.12 16.88 17.41
C GLN B 104 33.15 17.49 18.42
N LYS B 105 33.72 18.08 19.46
CA LYS B 105 32.92 18.83 20.42
C LYS B 105 32.58 20.20 19.84
N TYR B 106 31.52 20.81 20.38
CA TYR B 106 31.06 22.10 19.88
C TYR B 106 30.49 22.91 21.05
N GLU B 107 29.85 24.03 20.71
CA GLU B 107 29.31 24.96 21.69
C GLU B 107 28.26 25.82 20.99
N LEU B 108 27.11 25.99 21.62
CA LEU B 108 25.93 26.57 20.99
C LEU B 108 25.75 28.03 21.36
N ARG B 109 25.40 28.85 20.37
CA ARG B 109 25.04 30.25 20.57
C ARG B 109 23.75 30.55 19.83
N VAL B 110 22.85 31.27 20.49
CA VAL B 110 21.58 31.72 19.91
C VAL B 110 21.49 33.23 20.06
N ASP B 111 21.15 33.92 18.98
CA ASP B 111 20.93 35.35 19.01
C ASP B 111 19.61 35.68 18.34
N LEU B 112 18.84 36.57 18.97
CA LEU B 112 17.48 36.86 18.55
C LEU B 112 17.24 38.36 18.63
N GLU B 113 16.21 38.82 17.92
CA GLU B 113 15.95 40.24 17.75
C GLU B 113 14.45 40.48 17.64
N ASP B 114 13.94 41.42 18.45
CA ASP B 114 12.53 41.75 18.44
C ASP B 114 12.18 42.58 17.21
N PHE B 115 10.94 43.05 17.13
CA PHE B 115 10.51 43.74 15.91
C PHE B 115 10.99 45.18 15.87
N GLU B 116 10.93 45.90 17.00
CA GLU B 116 11.21 47.33 16.92
C GLU B 116 12.65 47.63 16.54
N ASN B 117 13.63 47.45 17.44
CA ASN B 117 15.04 47.49 17.08
C ASN B 117 15.93 46.67 18.00
N ASN B 118 15.33 45.98 18.98
CA ASN B 118 16.06 45.38 20.09
C ASN B 118 16.68 44.04 19.69
N THR B 119 17.77 43.68 20.37
CA THR B 119 18.44 42.40 20.16
C THR B 119 18.87 41.82 21.51
N ALA B 120 19.13 40.52 21.50
CA ALA B 120 19.61 39.81 22.68
C ALA B 120 20.31 38.53 22.23
N TYR B 121 20.86 37.79 23.19
CA TYR B 121 21.55 36.56 22.86
C TYR B 121 21.69 35.68 24.09
N ALA B 122 21.99 34.40 23.85
CA ALA B 122 22.23 33.42 24.90
C ALA B 122 23.35 32.49 24.47
N LYS B 123 23.99 31.86 25.45
CA LYS B 123 25.13 30.99 25.18
C LYS B 123 25.03 29.73 26.02
N TYR B 124 25.41 28.60 25.43
CA TYR B 124 25.44 27.31 26.12
C TYR B 124 26.82 26.69 25.93
N ALA B 125 27.35 26.08 27.00
CA ALA B 125 28.73 25.63 26.99
C ALA B 125 28.95 24.36 26.19
N ASP B 126 27.99 23.44 26.18
CA ASP B 126 28.12 22.17 25.48
C ASP B 126 26.87 21.87 24.67
N PHE B 127 27.06 21.44 23.43
CA PHE B 127 25.95 21.12 22.54
C PHE B 127 26.23 19.83 21.80
N SER B 128 25.27 18.91 21.83
CA SER B 128 25.41 17.64 21.12
C SER B 128 24.02 17.08 20.84
N ILE B 129 23.96 16.19 19.85
CA ILE B 129 22.72 15.55 19.43
C ILE B 129 22.93 14.05 19.44
N SER B 130 22.18 13.36 20.31
CA SER B 130 22.27 11.90 20.47
C SER B 130 23.72 11.49 20.68
N PRO B 131 24.30 11.77 21.85
CA PRO B 131 25.75 11.64 22.03
C PRO B 131 26.31 10.25 21.76
N ASN B 132 25.81 9.22 22.47
CA ASN B 132 26.40 7.89 22.41
C ASN B 132 25.40 6.82 21.98
N ALA B 133 24.62 7.09 20.94
CA ALA B 133 23.64 6.14 20.42
C ALA B 133 24.27 5.32 19.31
N VAL B 134 24.00 4.01 19.31
CA VAL B 134 24.46 3.16 18.22
C VAL B 134 23.78 3.55 16.92
N SER B 135 22.47 3.83 16.98
CA SER B 135 21.72 4.35 15.84
C SER B 135 21.04 5.64 16.29
N ALA B 136 21.36 6.76 15.63
CA ALA B 136 20.83 8.05 16.05
C ALA B 136 19.34 8.17 15.73
N GLU B 137 18.92 7.66 14.58
CA GLU B 137 17.53 7.78 14.18
C GLU B 137 16.61 7.02 15.12
N GLU B 138 17.06 5.87 15.65
CA GLU B 138 16.23 5.10 16.57
C GLU B 138 16.06 5.83 17.90
N ASP B 139 17.09 6.57 18.33
CA ASP B 139 16.99 7.33 19.57
C ASP B 139 16.00 8.49 19.43
N GLY B 140 15.95 9.12 18.27
CA GLY B 140 15.08 10.26 18.06
C GLY B 140 15.77 11.61 18.02
N TYR B 141 17.10 11.64 17.92
CA TYR B 141 17.87 12.88 17.85
C TYR B 141 17.64 13.74 19.09
N THR B 142 17.93 13.17 20.25
CA THR B 142 17.72 13.87 21.50
C THR B 142 18.68 15.05 21.63
N LEU B 143 18.33 15.98 22.52
CA LEU B 143 19.10 17.18 22.74
C LEU B 143 19.83 17.11 24.07
N PHE B 144 20.99 17.77 24.14
CA PHE B 144 21.77 17.87 25.36
C PHE B 144 22.48 19.21 25.38
N VAL B 145 22.20 20.03 26.39
CA VAL B 145 22.82 21.33 26.55
C VAL B 145 23.10 21.57 28.02
N ALA B 146 24.27 22.13 28.31
CA ALA B 146 24.65 22.42 29.69
C ALA B 146 25.62 23.60 29.69
N GLY B 147 25.70 24.27 30.84
CA GLY B 147 26.58 25.42 30.98
C GLY B 147 26.02 26.69 30.39
N PHE B 148 24.86 27.12 30.89
CA PHE B 148 24.23 28.35 30.39
C PHE B 148 25.02 29.58 30.82
N GLU B 149 25.02 30.59 29.95
CA GLU B 149 25.73 31.83 30.20
C GLU B 149 24.87 32.98 29.70
N ASP B 150 24.39 33.82 30.61
CA ASP B 150 23.36 34.79 30.28
C ASP B 150 23.91 35.92 29.43
N GLY B 151 23.03 36.46 28.58
CA GLY B 151 23.37 37.62 27.78
C GLY B 151 22.19 38.56 27.62
N GLY B 152 21.14 38.35 28.41
CA GLY B 152 19.95 39.19 28.36
C GLY B 152 18.74 38.53 27.74
N ALA B 153 18.80 37.22 27.45
CA ALA B 153 17.69 36.52 26.82
C ALA B 153 17.03 35.50 27.72
N GLY B 154 17.72 34.99 28.73
CA GLY B 154 17.18 34.00 29.63
C GLY B 154 17.50 32.58 29.20
N ASP B 155 17.16 31.64 30.06
CA ASP B 155 17.42 30.22 29.82
C ASP B 155 16.11 29.55 29.39
N SER B 156 16.05 29.11 28.13
CA SER B 156 14.86 28.45 27.60
C SER B 156 15.17 27.12 26.92
N LEU B 157 16.40 26.61 27.06
CA LEU B 157 16.75 25.30 26.53
C LEU B 157 17.25 24.34 27.60
N SER B 158 17.46 24.81 28.84
CA SER B 158 17.94 23.92 29.89
C SER B 158 16.84 23.05 30.45
N TYR B 159 15.59 23.55 30.45
CA TYR B 159 14.47 22.74 30.92
C TYR B 159 14.28 21.51 30.05
N HIS B 160 14.49 21.67 28.74
CA HIS B 160 14.51 20.57 27.79
C HIS B 160 15.85 19.85 27.87
N SER B 161 16.18 19.07 26.84
CA SER B 161 17.37 18.22 26.77
C SER B 161 17.11 16.92 27.49
N GLY B 162 17.49 15.81 26.85
CA GLY B 162 16.96 14.51 27.20
C GLY B 162 15.66 14.17 26.51
N GLN B 163 15.10 15.11 25.74
CA GLN B 163 13.87 14.93 25.00
C GLN B 163 14.16 14.78 23.52
N LYS B 164 13.34 13.99 22.84
CA LYS B 164 13.54 13.71 21.43
C LYS B 164 12.80 14.71 20.55
N PHE B 165 13.13 14.68 19.26
CA PHE B 165 12.46 15.52 18.29
C PHE B 165 11.10 14.92 17.92
N SER B 166 10.08 15.77 17.85
CA SER B 166 8.75 15.34 17.45
C SER B 166 8.20 16.30 16.41
N THR B 167 7.23 15.83 15.65
CA THR B 167 6.62 16.58 14.57
C THR B 167 5.11 16.36 14.66
N PHE B 168 4.38 16.89 13.68
CA PHE B 168 2.93 16.83 13.62
C PHE B 168 2.42 15.53 13.03
N ASP B 169 3.32 14.72 12.47
CA ASP B 169 2.91 13.46 11.85
C ASP B 169 3.60 12.24 12.45
N ARG B 170 4.71 12.43 13.18
CA ARG B 170 5.42 11.28 13.72
C ARG B 170 4.70 10.74 14.95
N ASP B 171 4.68 11.55 16.00
CA ASP B 171 4.17 11.15 17.31
C ASP B 171 2.67 11.35 17.50
N GLN B 172 2.29 12.59 17.80
CA GLN B 172 0.91 13.05 17.99
C GLN B 172 0.02 12.03 18.72
N ASP B 173 0.59 11.27 19.65
CA ASP B 173 -0.22 10.29 20.38
C ASP B 173 -0.01 10.39 21.89
N LEU B 174 1.21 10.64 22.36
CA LEU B 174 1.41 10.77 23.80
C LEU B 174 0.99 12.14 24.27
N PHE B 175 0.86 13.10 23.35
CA PHE B 175 0.47 14.45 23.72
C PHE B 175 -1.02 14.55 24.05
N VAL B 176 -1.87 13.80 23.34
CA VAL B 176 -3.31 13.92 23.57
C VAL B 176 -3.71 13.26 24.88
N GLN B 177 -2.79 12.58 25.54
CA GLN B 177 -3.11 11.97 26.83
C GLN B 177 -2.79 12.92 27.98
N ASN B 178 -1.55 13.42 28.03
CA ASN B 178 -1.18 14.35 29.08
C ASN B 178 -1.85 15.70 28.89
N CYS B 179 -1.79 16.24 27.68
CA CYS B 179 -2.36 17.53 27.33
C CYS B 179 -3.57 17.30 26.42
N ALA B 180 -4.15 18.39 25.94
CA ALA B 180 -5.17 18.31 24.90
C ALA B 180 -4.64 18.92 23.61
N ALA B 181 -5.37 18.68 22.52
CA ALA B 181 -5.04 19.22 21.21
C ALA B 181 -3.74 18.65 20.67
N LEU B 182 -3.47 18.87 19.39
CA LEU B 182 -2.28 18.37 18.73
C LEU B 182 -1.16 19.41 18.78
N SER B 183 0.06 18.95 18.55
CA SER B 183 1.22 19.82 18.73
C SER B 183 1.44 20.73 17.53
N SER B 184 1.66 20.14 16.35
CA SER B 184 1.92 20.87 15.11
C SER B 184 3.14 21.78 15.25
N GLY B 185 4.25 21.21 15.71
CA GLY B 185 5.48 21.95 15.87
C GLY B 185 6.68 21.03 15.73
N ALA B 186 7.85 21.64 15.57
CA ALA B 186 9.10 20.91 15.32
C ALA B 186 10.18 21.42 16.26
N PHE B 187 10.29 20.81 17.43
CA PHE B 187 11.30 21.16 18.41
C PHE B 187 11.40 20.03 19.41
N TRP B 188 12.31 20.18 20.38
CA TRP B 188 12.46 19.23 21.47
C TRP B 188 11.54 19.65 22.60
N PHE B 189 10.44 18.91 22.78
CA PHE B 189 9.40 19.28 23.72
C PHE B 189 9.53 18.47 25.01
N ARG B 190 9.10 19.07 26.12
CA ARG B 190 9.14 18.43 27.41
C ARG B 190 7.77 18.23 28.04
N SER B 191 6.90 19.24 27.97
CA SER B 191 5.55 19.16 28.51
C SER B 191 4.63 19.91 27.56
N CYS B 192 3.46 20.32 28.07
CA CYS B 192 2.51 21.00 27.19
C CYS B 192 2.94 22.41 26.80
N HIS B 193 4.13 22.90 27.14
CA HIS B 193 4.57 24.18 26.62
C HIS B 193 4.92 24.04 25.14
N PHE B 194 4.21 24.77 24.29
CA PHE B 194 4.31 24.58 22.85
C PHE B 194 4.87 25.82 22.17
N ALA B 195 5.90 26.42 22.77
CA ALA B 195 6.53 27.62 22.24
C ALA B 195 7.93 27.28 21.76
N ASN B 196 8.20 27.56 20.48
CA ASN B 196 9.49 27.24 19.90
C ASN B 196 9.76 28.20 18.74
N LEU B 197 11.01 28.21 18.29
CA LEU B 197 11.47 29.12 17.25
C LEU B 197 11.22 28.59 15.84
N ASN B 198 10.59 27.43 15.69
CA ASN B 198 10.25 26.86 14.39
C ASN B 198 8.75 26.90 14.13
N GLY B 199 8.09 27.98 14.52
CA GLY B 199 6.65 28.12 14.36
C GLY B 199 6.27 28.94 13.15
N PHE B 200 5.08 29.53 13.23
CA PHE B 200 4.55 30.34 12.14
C PHE B 200 5.07 31.77 12.24
N TYR B 201 5.02 32.48 11.11
CA TYR B 201 5.52 33.85 11.03
C TYR B 201 4.33 34.81 11.11
N LEU B 202 4.06 35.32 12.31
CA LEU B 202 3.01 36.28 12.55
C LEU B 202 3.61 37.67 12.70
N GLY B 203 2.76 38.66 12.94
CA GLY B 203 3.22 40.02 13.08
C GLY B 203 3.91 40.27 14.41
N GLY B 204 3.90 41.52 14.87
CA GLY B 204 4.54 41.82 16.14
C GLY B 204 3.88 41.15 17.32
N SER B 205 2.54 41.23 17.38
CA SER B 205 1.78 40.69 18.49
C SER B 205 0.55 39.96 17.95
N HIS B 206 0.12 38.95 18.71
CA HIS B 206 -1.03 38.15 18.32
C HIS B 206 -1.85 37.81 19.56
N LEU B 207 -3.15 37.54 19.34
CA LEU B 207 -4.05 37.22 20.43
C LEU B 207 -4.05 35.75 20.80
N SER B 208 -3.70 34.87 19.87
CA SER B 208 -3.66 33.44 20.14
C SER B 208 -2.47 33.12 21.04
N TYR B 209 -2.46 31.90 21.56
CA TYR B 209 -1.42 31.47 22.49
C TYR B 209 -0.16 31.14 21.68
N ALA B 210 0.81 30.49 22.31
CA ALA B 210 2.14 30.37 21.73
C ALA B 210 2.09 29.48 20.50
N ASN B 211 1.99 30.10 19.33
CA ASN B 211 2.05 29.35 18.07
C ASN B 211 2.87 30.08 17.01
N GLY B 212 3.70 31.04 17.39
CA GLY B 212 4.58 31.71 16.45
C GLY B 212 6.03 31.48 16.81
N ILE B 213 6.88 32.46 16.53
CA ILE B 213 8.30 32.39 16.88
C ILE B 213 8.49 32.99 18.27
N ASN B 214 8.37 32.17 19.30
CA ASN B 214 8.33 32.65 20.68
C ASN B 214 9.56 32.19 21.44
N TRP B 215 10.16 33.12 22.19
CA TRP B 215 11.21 32.82 23.16
C TRP B 215 10.68 33.26 24.51
N ALA B 216 10.36 32.29 25.36
CA ALA B 216 9.52 32.55 26.52
C ALA B 216 10.17 33.54 27.50
N GLN B 217 11.47 33.41 27.72
CA GLN B 217 12.11 34.21 28.76
C GLN B 217 12.19 35.69 28.40
N TRP B 218 12.44 36.01 27.12
CA TRP B 218 12.66 37.41 26.76
C TRP B 218 11.36 38.20 26.70
N LYS B 219 10.46 37.82 25.81
CA LYS B 219 9.22 38.57 25.60
C LYS B 219 8.02 37.93 26.28
N GLY B 220 7.77 36.67 26.01
CA GLY B 220 6.63 35.98 26.58
C GLY B 220 5.98 35.09 25.54
N PHE B 221 4.73 34.73 25.80
CA PHE B 221 3.98 33.81 24.95
C PHE B 221 3.05 34.53 23.99
N TYR B 222 3.14 35.85 23.88
CA TYR B 222 2.24 36.62 23.02
C TYR B 222 2.99 37.56 22.08
N TYR B 223 4.22 37.23 21.71
CA TYR B 223 5.02 38.08 20.84
C TYR B 223 5.86 37.19 19.93
N SER B 224 5.67 37.33 18.62
CA SER B 224 6.43 36.58 17.63
C SER B 224 7.59 37.43 17.13
N LEU B 225 8.79 36.88 17.17
CA LEU B 225 10.00 37.65 16.92
C LEU B 225 10.13 37.97 15.43
N LYS B 226 11.23 38.64 15.08
CA LYS B 226 11.50 39.08 13.72
C LYS B 226 12.62 38.31 13.04
N ARG B 227 13.69 38.00 13.75
CA ARG B 227 14.83 37.29 13.17
C ARG B 227 15.35 36.26 14.16
N THR B 228 15.73 35.08 13.64
CA THR B 228 16.31 34.02 14.46
C THR B 228 17.59 33.52 13.80
N GLU B 229 18.49 32.99 14.62
CA GLU B 229 19.75 32.44 14.14
C GLU B 229 20.42 31.57 15.21
N MET B 230 20.76 30.33 14.86
CA MET B 230 21.42 29.40 15.77
C MET B 230 22.78 29.04 15.18
N LYS B 231 23.83 29.21 15.97
CA LYS B 231 25.20 28.94 15.53
C LYS B 231 25.93 28.07 16.54
N ILE B 232 26.84 27.24 16.03
CA ILE B 232 27.67 26.39 16.87
C ILE B 232 29.13 26.65 16.53
N ARG B 233 30.01 26.41 17.51
CA ARG B 233 31.42 26.67 17.35
C ARG B 233 32.21 25.65 18.15
N ARG B 234 33.40 25.29 17.65
CA ARG B 234 34.26 24.34 18.34
C ARG B 234 34.82 24.94 19.62
N ALA B 235 34.86 24.11 20.67
CA ALA B 235 35.37 24.54 21.97
C ALA B 235 36.54 23.67 22.40
N GLN C 17 40.63 11.59 -10.64
CA GLN C 17 39.74 11.00 -11.63
C GLN C 17 39.06 12.09 -12.47
N PRO C 18 38.82 11.83 -13.75
CA PRO C 18 38.24 12.85 -14.62
C PRO C 18 36.79 13.12 -14.27
N LEU C 19 36.50 14.36 -13.87
CA LEU C 19 35.14 14.76 -13.52
C LEU C 19 34.27 14.99 -14.75
N ASP C 20 34.84 15.53 -15.82
CA ASP C 20 34.09 15.89 -17.01
C ASP C 20 34.98 15.66 -18.23
N CYS C 21 34.51 16.15 -19.37
CA CYS C 21 35.30 16.02 -20.60
C CYS C 21 36.48 16.97 -20.64
N ASP C 22 36.55 17.96 -19.74
CA ASP C 22 37.72 18.83 -19.69
C ASP C 22 38.97 18.07 -19.23
N ASP C 23 38.85 17.27 -18.18
CA ASP C 23 39.96 16.44 -17.77
C ASP C 23 40.29 15.38 -18.81
N ILE C 24 39.29 14.94 -19.57
CA ILE C 24 39.54 14.01 -20.66
C ILE C 24 40.30 14.69 -21.79
N TYR C 25 40.07 15.99 -21.99
CA TYR C 25 40.87 16.74 -22.96
C TYR C 25 42.33 16.77 -22.59
N ALA C 26 42.65 16.69 -21.30
CA ALA C 26 44.03 16.52 -20.85
C ALA C 26 44.44 15.07 -21.10
N GLN C 27 45.62 14.69 -20.61
CA GLN C 27 46.21 13.36 -20.80
C GLN C 27 46.10 12.88 -22.24
N GLY C 28 46.09 13.82 -23.19
CA GLY C 28 46.18 13.50 -24.60
C GLY C 28 45.07 12.66 -25.19
N TYR C 29 43.81 12.99 -24.86
CA TYR C 29 42.68 12.24 -25.37
C TYR C 29 41.79 13.11 -26.24
N GLN C 30 42.39 13.91 -27.11
CA GLN C 30 41.68 14.93 -27.88
C GLN C 30 40.93 14.31 -29.06
N SER C 31 40.09 13.33 -28.75
CA SER C 31 39.34 12.63 -29.79
C SER C 31 37.84 12.66 -29.50
N ASP C 32 37.05 11.98 -30.35
CA ASP C 32 35.61 11.94 -30.23
C ASP C 32 35.16 10.52 -29.95
N GLY C 33 34.30 10.35 -28.96
CA GLY C 33 33.78 9.03 -28.63
C GLY C 33 33.28 8.99 -27.21
N VAL C 34 32.90 7.78 -26.79
CA VAL C 34 32.35 7.52 -25.47
C VAL C 34 33.49 7.37 -24.48
N TYR C 35 33.41 8.08 -23.36
CA TYR C 35 34.42 7.98 -22.32
C TYR C 35 33.76 7.74 -20.97
N LEU C 36 34.54 7.82 -19.89
CA LEU C 36 34.04 7.63 -18.54
C LEU C 36 34.32 8.88 -17.71
N ILE C 37 33.37 9.22 -16.84
CA ILE C 37 33.49 10.38 -15.96
C ILE C 37 33.07 9.95 -14.56
N TYR C 38 33.52 10.71 -13.56
CA TYR C 38 33.40 10.31 -12.16
C TYR C 38 32.73 11.43 -11.36
N PRO C 39 31.42 11.60 -11.52
CA PRO C 39 30.76 12.76 -10.90
C PRO C 39 30.42 12.58 -9.44
N SER C 40 30.40 11.34 -8.92
CA SER C 40 29.94 11.06 -7.56
C SER C 40 30.89 10.11 -6.86
N GLY C 41 32.20 10.38 -6.95
CA GLY C 41 33.18 9.59 -6.26
C GLY C 41 33.99 8.71 -7.19
N PRO C 42 35.06 8.11 -6.66
CA PRO C 42 35.93 7.27 -7.51
C PRO C 42 35.28 5.96 -7.92
N SER C 43 34.11 5.62 -7.40
CA SER C 43 33.40 4.41 -7.78
C SER C 43 32.16 4.75 -8.60
N VAL C 44 31.64 3.74 -9.29
CA VAL C 44 30.44 3.85 -10.12
C VAL C 44 30.60 4.98 -11.14
N PRO C 45 31.41 4.80 -12.19
CA PRO C 45 31.53 5.83 -13.22
C PRO C 45 30.33 5.84 -14.15
N VAL C 46 30.32 6.82 -15.06
CA VAL C 46 29.23 7.03 -16.01
C VAL C 46 29.78 7.19 -17.42
N PRO C 47 29.24 6.50 -18.42
CA PRO C 47 29.67 6.73 -19.80
C PRO C 47 28.92 7.89 -20.44
N VAL C 48 29.65 8.72 -21.18
CA VAL C 48 29.13 9.97 -21.75
C VAL C 48 29.87 10.24 -23.06
N PHE C 49 29.25 11.05 -23.91
CA PHE C 49 29.77 11.40 -25.23
C PHE C 49 30.31 12.82 -25.19
N CYS C 50 31.61 12.97 -25.47
CA CYS C 50 32.27 14.26 -25.51
C CYS C 50 32.53 14.66 -26.96
N ASP C 51 32.13 15.87 -27.32
CA ASP C 51 32.23 16.36 -28.70
C ASP C 51 33.42 17.30 -28.79
N MET C 52 34.57 16.73 -29.14
CA MET C 52 35.80 17.51 -29.29
C MET C 52 36.06 17.86 -30.76
N THR C 53 35.10 18.50 -31.43
CA THR C 53 35.31 18.85 -32.82
C THR C 53 34.87 20.25 -33.21
N THR C 54 33.94 20.87 -32.47
CA THR C 54 33.28 22.08 -32.97
C THR C 54 34.20 23.30 -32.89
N GLU C 55 34.52 23.76 -31.68
CA GLU C 55 35.33 24.97 -31.52
C GLU C 55 36.68 24.68 -30.88
N GLY C 56 36.71 24.06 -29.71
CA GLY C 56 37.98 23.80 -29.05
C GLY C 56 37.99 22.53 -28.23
N GLY C 57 37.00 21.67 -28.43
CA GLY C 57 36.89 20.46 -27.64
C GLY C 57 35.90 20.60 -26.51
N LYS C 58 36.04 19.78 -25.47
CA LYS C 58 35.18 19.81 -24.29
C LYS C 58 33.75 19.52 -24.77
N TRP C 59 32.75 20.33 -24.41
CA TRP C 59 31.38 20.16 -24.84
C TRP C 59 30.80 18.82 -24.40
N THR C 60 30.68 18.67 -23.08
CA THR C 60 30.00 17.52 -22.51
C THR C 60 28.51 17.57 -22.85
N VAL C 61 27.98 16.47 -23.38
CA VAL C 61 26.61 16.40 -23.89
C VAL C 61 25.71 15.78 -22.84
N PHE C 62 24.50 16.32 -22.68
CA PHE C 62 23.52 15.72 -21.78
C PHE C 62 22.14 15.55 -22.43
N GLN C 63 22.07 15.57 -23.76
CA GLN C 63 20.83 15.33 -24.47
C GLN C 63 21.15 15.07 -25.94
N LYS C 64 20.38 14.20 -26.58
CA LYS C 64 20.63 13.85 -27.97
C LYS C 64 19.40 13.22 -28.59
N ARG C 65 18.99 13.70 -29.75
CA ARG C 65 17.94 13.08 -30.56
C ARG C 65 18.30 13.22 -32.02
N PHE C 66 18.13 12.14 -32.78
CA PHE C 66 18.18 12.24 -34.23
C PHE C 66 17.12 11.44 -34.97
N ASN C 67 16.44 10.50 -34.32
CA ASN C 67 15.31 9.81 -34.93
C ASN C 67 14.39 9.32 -33.80
N GLY C 68 13.36 8.56 -34.16
CA GLY C 68 12.35 8.21 -33.18
C GLY C 68 12.87 7.35 -32.04
N SER C 69 13.19 6.10 -32.35
CA SER C 69 13.87 5.16 -31.45
C SER C 69 13.41 5.27 -30.00
N VAL C 70 14.26 5.86 -29.16
CA VAL C 70 13.98 5.95 -27.72
C VAL C 70 12.83 6.90 -27.47
N SER C 71 11.85 6.46 -26.68
CA SER C 71 10.73 7.29 -26.28
C SER C 71 11.16 8.22 -25.15
N PHE C 72 10.51 9.38 -25.06
CA PHE C 72 10.87 10.41 -24.08
C PHE C 72 9.72 10.74 -23.14
N PHE C 73 8.68 9.92 -23.07
CA PHE C 73 7.60 10.18 -22.14
C PHE C 73 8.08 10.10 -20.69
N ARG C 74 8.45 8.91 -20.23
CA ARG C 74 9.16 8.70 -18.97
C ARG C 74 8.47 9.31 -17.75
N GLY C 75 9.16 9.29 -16.60
CA GLY C 75 8.63 9.80 -15.35
C GLY C 75 9.66 10.50 -14.49
N TRP C 76 9.33 10.72 -13.21
CA TRP C 76 10.22 11.48 -12.33
C TRP C 76 11.49 10.70 -12.02
N ASN C 77 11.37 9.40 -11.74
CA ASN C 77 12.55 8.60 -11.44
C ASN C 77 13.47 8.48 -12.66
N ASP C 78 12.88 8.32 -13.86
CA ASP C 78 13.67 8.15 -15.06
C ASP C 78 14.41 9.42 -15.43
N TYR C 79 13.83 10.59 -15.13
CA TYR C 79 14.54 11.84 -15.37
C TYR C 79 15.55 12.14 -14.27
N LYS C 80 15.30 11.68 -13.05
CA LYS C 80 16.26 11.89 -11.97
C LYS C 80 17.49 11.00 -12.13
N LEU C 81 17.33 9.79 -12.65
CA LEU C 81 18.44 8.85 -12.72
C LEU C 81 19.00 8.66 -14.12
N GLY C 82 18.31 9.10 -15.15
CA GLY C 82 18.86 9.01 -16.50
C GLY C 82 18.40 7.76 -17.22
N PHE C 83 18.48 7.81 -18.55
CA PHE C 83 18.05 6.70 -19.39
C PHE C 83 18.69 6.84 -20.76
N GLY C 84 18.53 5.80 -21.57
CA GLY C 84 19.04 5.77 -22.92
C GLY C 84 20.42 5.17 -23.00
N ARG C 85 20.97 5.18 -24.21
CA ARG C 85 22.29 4.66 -24.50
C ARG C 85 23.22 5.79 -24.90
N ALA C 86 24.51 5.63 -24.59
CA ALA C 86 25.46 6.72 -24.79
C ALA C 86 25.78 6.94 -26.26
N ASP C 87 25.81 5.87 -27.07
CA ASP C 87 26.15 6.03 -28.47
C ASP C 87 24.97 6.51 -29.30
N GLY C 88 23.75 6.42 -28.77
CA GLY C 88 22.58 6.88 -29.49
C GLY C 88 21.91 8.09 -28.84
N GLU C 89 20.64 7.93 -28.47
CA GLU C 89 19.90 8.98 -27.78
C GLU C 89 19.86 8.68 -26.29
N TYR C 90 19.93 9.73 -25.47
CA TYR C 90 19.99 9.54 -24.03
C TYR C 90 19.70 10.84 -23.31
N TRP C 91 19.48 10.73 -22.00
CA TRP C 91 19.34 11.86 -21.09
C TRP C 91 20.15 11.54 -19.84
N LEU C 92 21.11 12.40 -19.52
CA LEU C 92 22.09 12.07 -18.49
C LEU C 92 21.44 11.91 -17.13
N GLY C 93 20.61 12.86 -16.71
CA GLY C 93 20.01 12.72 -15.39
C GLY C 93 20.27 13.94 -14.53
N LEU C 94 19.20 14.45 -13.92
CA LEU C 94 19.29 15.70 -13.18
C LEU C 94 20.26 15.59 -12.01
N GLN C 95 20.33 14.42 -11.37
CA GLN C 95 21.24 14.25 -10.24
C GLN C 95 22.70 14.42 -10.66
N ASN C 96 23.06 13.84 -11.80
CA ASN C 96 24.45 13.91 -12.26
C ASN C 96 24.83 15.32 -12.67
N MET C 97 23.96 16.01 -13.40
CA MET C 97 24.24 17.39 -13.78
C MET C 97 24.29 18.30 -12.56
N HIS C 98 23.43 18.06 -11.57
CA HIS C 98 23.51 18.85 -10.35
C HIS C 98 24.84 18.63 -9.63
N LEU C 99 25.27 17.36 -9.52
CA LEU C 99 26.54 17.08 -8.86
C LEU C 99 27.71 17.70 -9.61
N LEU C 100 27.63 17.71 -10.94
CA LEU C 100 28.69 18.35 -11.74
C LEU C 100 28.71 19.86 -11.51
N THR C 101 27.56 20.51 -11.64
CA THR C 101 27.52 21.98 -11.57
C THR C 101 27.66 22.51 -10.15
N LEU C 102 27.52 21.66 -9.13
CA LEU C 102 27.72 22.12 -7.77
C LEU C 102 29.18 22.48 -7.52
N LYS C 103 30.11 21.78 -8.17
CA LYS C 103 31.53 21.93 -7.88
C LYS C 103 32.19 23.01 -8.72
N GLN C 104 31.95 23.03 -10.03
CA GLN C 104 32.64 23.93 -10.94
C GLN C 104 31.64 24.80 -11.70
N LYS C 105 32.12 25.96 -12.13
CA LYS C 105 31.35 26.84 -13.01
C LYS C 105 31.30 26.25 -14.42
N TYR C 106 30.23 26.57 -15.15
CA TYR C 106 30.01 25.99 -16.46
C TYR C 106 29.33 27.01 -17.36
N GLU C 107 29.03 26.58 -18.59
CA GLU C 107 28.45 27.43 -19.62
C GLU C 107 27.66 26.55 -20.58
N LEU C 108 26.51 27.02 -21.02
CA LEU C 108 25.55 26.22 -21.78
C LEU C 108 25.54 26.62 -23.25
N ARG C 109 25.38 25.63 -24.13
CA ARG C 109 25.21 25.84 -25.56
C ARG C 109 24.17 24.88 -26.11
N VAL C 110 23.29 25.38 -26.97
CA VAL C 110 22.23 24.59 -27.60
C VAL C 110 22.30 24.81 -29.11
N ASP C 111 22.30 23.72 -29.87
CA ASP C 111 22.26 23.77 -31.32
C ASP C 111 21.25 22.75 -31.83
N LEU C 112 20.59 23.07 -32.94
CA LEU C 112 19.48 22.28 -33.45
C LEU C 112 19.38 22.43 -34.95
N GLU C 113 18.73 21.45 -35.60
CA GLU C 113 18.61 21.39 -37.05
C GLU C 113 17.22 20.89 -37.44
N ASP C 114 16.63 21.51 -38.46
CA ASP C 114 15.30 21.15 -38.92
C ASP C 114 15.42 20.03 -39.96
N PHE C 115 14.38 19.89 -40.79
CA PHE C 115 14.39 18.79 -41.75
C PHE C 115 15.35 19.03 -42.92
N GLU C 116 15.43 20.26 -43.49
CA GLU C 116 16.02 20.31 -44.83
C GLU C 116 17.51 19.97 -44.75
N ASN C 117 18.25 21.02 -44.38
CA ASN C 117 19.65 21.00 -44.00
C ASN C 117 19.89 22.15 -43.03
N ASN C 118 18.83 22.86 -42.63
CA ASN C 118 19.00 24.19 -42.06
C ASN C 118 19.66 24.02 -40.69
N THR C 119 20.36 25.06 -40.25
CA THR C 119 21.05 25.00 -38.97
C THR C 119 20.87 26.30 -38.21
N ALA C 120 21.07 26.22 -36.90
CA ALA C 120 21.05 27.38 -36.01
C ALA C 120 21.61 26.95 -34.67
N TYR C 121 21.85 27.93 -33.80
CA TYR C 121 22.38 27.63 -32.46
C TYR C 121 22.19 28.84 -31.56
N ALA C 122 22.36 28.60 -30.26
CA ALA C 122 22.27 29.64 -29.24
C ALA C 122 23.28 29.37 -28.15
N LYS C 123 23.65 30.43 -27.42
CA LYS C 123 24.67 30.35 -26.38
C LYS C 123 24.23 31.11 -25.15
N TYR C 124 24.53 30.56 -23.97
CA TYR C 124 24.25 31.20 -22.70
C TYR C 124 25.51 31.19 -21.85
N ALA C 125 25.79 32.30 -21.20
CA ALA C 125 27.06 32.46 -20.50
C ALA C 125 27.10 31.70 -19.17
N ASP C 126 25.96 31.53 -18.51
CA ASP C 126 25.91 30.89 -17.20
C ASP C 126 24.84 29.81 -17.18
N PHE C 127 25.14 28.69 -16.52
CA PHE C 127 24.19 27.61 -16.39
C PHE C 127 24.42 26.87 -15.08
N SER C 128 23.34 26.60 -14.35
CA SER C 128 23.43 25.87 -13.09
C SER C 128 22.06 25.30 -12.76
N ILE C 129 22.05 24.36 -11.80
CA ILE C 129 20.84 23.70 -11.35
C ILE C 129 20.82 23.73 -9.83
N SER C 130 19.85 24.45 -9.26
CA SER C 130 19.73 24.62 -7.81
C SER C 130 21.04 25.09 -7.21
N PRO C 131 21.43 26.34 -7.45
CA PRO C 131 22.79 26.79 -7.08
C PRO C 131 23.14 26.62 -5.61
N ASN C 132 22.33 27.14 -4.71
CA ASN C 132 22.67 27.20 -3.29
C ASN C 132 21.69 26.43 -2.43
N ALA C 133 21.16 25.32 -2.92
CA ALA C 133 20.15 24.53 -2.22
C ALA C 133 20.82 23.56 -1.26
N VAL C 134 20.28 23.48 -0.04
CA VAL C 134 20.77 22.50 0.93
C VAL C 134 20.40 21.08 0.50
N SER C 135 19.20 20.92 -0.07
CA SER C 135 18.75 19.65 -0.62
C SER C 135 18.20 19.91 -2.01
N ALA C 136 18.89 19.42 -3.03
CA ALA C 136 18.54 19.77 -4.41
C ALA C 136 17.18 19.23 -4.81
N GLU C 137 16.87 18.00 -4.42
CA GLU C 137 15.59 17.41 -4.79
C GLU C 137 14.42 18.16 -4.17
N GLU C 138 14.60 18.67 -2.95
CA GLU C 138 13.50 19.37 -2.28
C GLU C 138 13.16 20.67 -2.98
N ASP C 139 14.17 21.39 -3.48
CA ASP C 139 13.90 22.57 -4.30
C ASP C 139 13.19 22.21 -5.61
N GLY C 140 13.63 21.15 -6.28
CA GLY C 140 13.02 20.74 -7.53
C GLY C 140 13.85 20.93 -8.78
N TYR C 141 15.17 21.12 -8.64
CA TYR C 141 16.10 21.23 -9.77
C TYR C 141 15.74 22.42 -10.66
N THR C 142 15.78 23.61 -10.05
CA THR C 142 15.45 24.83 -10.75
C THR C 142 16.53 25.18 -11.79
N LEU C 143 16.17 26.05 -12.72
CA LEU C 143 17.02 26.46 -13.82
C LEU C 143 17.55 27.88 -13.60
N PHE C 144 18.75 28.14 -14.10
CA PHE C 144 19.33 29.47 -14.10
C PHE C 144 20.15 29.67 -15.36
N VAL C 145 19.99 30.82 -16.00
CA VAL C 145 20.71 31.16 -17.23
C VAL C 145 20.88 32.66 -17.31
N ALA C 146 22.03 33.10 -17.80
CA ALA C 146 22.31 34.53 -17.92
C ALA C 146 23.32 34.75 -19.04
N GLY C 147 23.20 35.90 -19.70
CA GLY C 147 24.15 36.28 -20.73
C GLY C 147 23.92 35.64 -22.08
N PHE C 148 22.75 35.87 -22.65
CA PHE C 148 22.41 35.29 -23.94
C PHE C 148 23.24 35.91 -25.06
N GLU C 149 23.76 35.07 -25.95
CA GLU C 149 24.45 35.52 -27.15
C GLU C 149 23.85 34.77 -28.33
N ASP C 150 23.37 35.50 -29.32
CA ASP C 150 22.61 34.90 -30.40
C ASP C 150 23.51 34.18 -31.38
N GLY C 151 22.91 33.23 -32.11
CA GLY C 151 23.59 32.52 -33.17
C GLY C 151 22.65 32.23 -34.33
N GLY C 152 21.47 32.84 -34.29
CA GLY C 152 20.46 32.63 -35.30
C GLY C 152 19.24 31.86 -34.85
N ALA C 153 19.17 31.48 -33.58
CA ALA C 153 18.05 30.70 -33.05
C ALA C 153 17.12 31.50 -32.17
N GLY C 154 17.62 32.47 -31.43
CA GLY C 154 16.80 33.30 -30.57
C GLY C 154 16.89 32.88 -29.11
N ASP C 155 16.31 33.73 -28.26
CA ASP C 155 16.30 33.50 -26.82
C ASP C 155 14.93 32.94 -26.42
N SER C 156 14.92 31.68 -25.99
CA SER C 156 13.69 31.04 -25.56
C SER C 156 13.82 30.37 -24.20
N LEU C 157 14.96 30.55 -23.51
CA LEU C 157 15.15 30.02 -22.19
C LEU C 157 15.27 31.09 -21.10
N SER C 158 15.50 32.35 -21.48
CA SER C 158 15.64 33.40 -20.48
C SER C 158 14.31 33.76 -19.85
N TYR C 159 13.21 33.58 -20.57
CA TYR C 159 11.89 33.81 -19.98
C TYR C 159 11.65 32.84 -18.83
N HIS C 160 12.16 31.62 -18.97
CA HIS C 160 12.17 30.63 -17.90
C HIS C 160 13.31 30.92 -16.93
N SER C 161 13.66 29.93 -16.10
CA SER C 161 14.67 30.02 -15.06
C SER C 161 14.05 30.61 -13.80
N GLY C 162 14.37 30.03 -12.64
CA GLY C 162 13.60 30.22 -11.44
C GLY C 162 12.40 29.31 -11.33
N GLN C 163 12.14 28.48 -12.33
CA GLN C 163 11.03 27.53 -12.34
C GLN C 163 11.56 26.12 -12.19
N LYS C 164 10.84 25.32 -11.40
CA LYS C 164 11.24 23.96 -11.11
C LYS C 164 10.96 23.03 -12.28
N PHE C 165 11.68 21.91 -12.32
CA PHE C 165 11.39 20.86 -13.27
C PHE C 165 10.02 20.25 -12.98
N SER C 166 9.37 19.75 -14.02
CA SER C 166 8.03 19.21 -13.87
C SER C 166 7.84 18.02 -14.80
N THR C 167 6.81 17.23 -14.52
CA THR C 167 6.46 16.05 -15.30
C THR C 167 4.95 15.89 -15.28
N PHE C 168 4.49 14.82 -15.93
CA PHE C 168 3.07 14.52 -16.10
C PHE C 168 2.49 13.78 -14.92
N ASP C 169 3.33 13.14 -14.11
CA ASP C 169 2.85 12.37 -12.97
C ASP C 169 3.12 13.08 -11.65
N ARG C 170 3.86 14.17 -11.66
CA ARG C 170 4.15 14.91 -10.44
C ARG C 170 3.05 15.90 -10.11
N ASP C 171 2.80 16.82 -11.03
CA ASP C 171 2.29 18.14 -10.67
C ASP C 171 0.79 18.29 -10.81
N GLN C 172 0.35 18.49 -12.07
CA GLN C 172 -1.04 18.40 -12.53
C GLN C 172 -2.06 18.95 -11.53
N ASP C 173 -1.68 19.98 -10.78
CA ASP C 173 -2.63 20.66 -9.90
C ASP C 173 -2.70 22.16 -10.20
N LEU C 174 -1.57 22.87 -10.17
CA LEU C 174 -1.59 24.30 -10.44
C LEU C 174 -1.78 24.59 -11.91
N PHE C 175 -1.45 23.63 -12.78
CA PHE C 175 -1.71 23.80 -14.21
C PHE C 175 -3.20 23.86 -14.50
N VAL C 176 -4.00 23.04 -13.80
CA VAL C 176 -5.44 22.99 -14.05
C VAL C 176 -6.11 24.29 -13.58
N GLN C 177 -5.54 24.95 -12.57
CA GLN C 177 -6.11 26.22 -12.13
C GLN C 177 -5.75 27.36 -13.08
N ASN C 178 -4.46 27.60 -13.28
CA ASN C 178 -4.05 28.72 -14.13
C ASN C 178 -4.44 28.49 -15.58
N CYS C 179 -4.09 27.34 -16.14
CA CYS C 179 -4.44 26.95 -17.50
C CYS C 179 -5.51 25.87 -17.45
N ALA C 180 -5.83 25.32 -18.61
CA ALA C 180 -6.65 24.12 -18.70
C ALA C 180 -5.79 22.98 -19.23
N ALA C 181 -6.33 21.76 -19.15
CA ALA C 181 -5.69 20.56 -19.66
C ALA C 181 -4.38 20.24 -18.94
N LEU C 182 -3.86 19.03 -19.15
CA LEU C 182 -2.69 18.53 -18.47
C LEU C 182 -1.42 18.78 -19.30
N SER C 183 -0.30 18.89 -18.58
CA SER C 183 0.96 19.28 -19.22
C SER C 183 1.49 18.16 -20.11
N SER C 184 1.76 16.99 -19.53
CA SER C 184 2.31 15.84 -20.25
C SER C 184 3.64 16.18 -20.92
N GLY C 185 4.49 16.91 -20.20
CA GLY C 185 5.79 17.29 -20.72
C GLY C 185 6.81 17.39 -19.61
N ALA C 186 8.08 17.41 -20.00
CA ALA C 186 9.19 17.43 -19.07
C ALA C 186 10.15 18.56 -19.45
N PHE C 187 10.06 19.68 -18.73
CA PHE C 187 10.93 20.83 -18.94
C PHE C 187 10.73 21.78 -17.77
N TRP C 188 11.36 22.95 -17.86
CA TRP C 188 11.20 24.01 -16.87
C TRP C 188 10.10 24.95 -17.35
N PHE C 189 8.89 24.77 -16.83
CA PHE C 189 7.73 25.50 -17.30
C PHE C 189 7.44 26.71 -16.43
N ARG C 190 7.10 27.83 -17.07
CA ARG C 190 6.82 29.10 -16.41
C ARG C 190 5.35 29.48 -16.45
N SER C 191 4.70 29.29 -17.60
CA SER C 191 3.30 29.66 -17.79
C SER C 191 2.65 28.56 -18.62
N CYS C 192 1.53 28.89 -19.25
CA CYS C 192 0.75 27.94 -20.04
C CYS C 192 1.47 27.50 -21.33
N HIS C 193 2.71 27.90 -21.57
CA HIS C 193 3.41 27.55 -22.79
C HIS C 193 3.85 26.09 -22.74
N PHE C 194 3.58 25.35 -23.82
CA PHE C 194 3.85 23.92 -23.86
C PHE C 194 4.78 23.55 -25.00
N ALA C 195 5.85 24.32 -25.18
CA ALA C 195 6.84 24.08 -26.23
C ALA C 195 8.18 23.74 -25.58
N ASN C 196 8.72 22.58 -25.92
CA ASN C 196 9.99 22.15 -25.37
C ASN C 196 10.58 21.08 -26.27
N LEU C 197 11.86 20.77 -26.02
CA LEU C 197 12.60 19.81 -26.82
C LEU C 197 12.43 18.38 -26.32
N ASN C 198 11.67 18.16 -25.25
CA ASN C 198 11.39 16.82 -24.74
C ASN C 198 9.98 16.35 -25.06
N GLY C 199 9.48 16.70 -26.24
CA GLY C 199 8.16 16.29 -26.68
C GLY C 199 8.20 15.08 -27.58
N PHE C 200 7.04 14.80 -28.17
CA PHE C 200 6.90 13.65 -29.06
C PHE C 200 7.59 13.92 -30.40
N TYR C 201 8.03 12.85 -31.04
CA TYR C 201 8.74 12.95 -32.31
C TYR C 201 7.73 12.86 -33.45
N LEU C 202 7.40 14.01 -34.02
CA LEU C 202 6.55 14.11 -35.19
C LEU C 202 7.42 14.36 -36.42
N GLY C 203 6.77 14.44 -37.58
CA GLY C 203 7.48 14.64 -38.83
C GLY C 203 7.94 16.07 -39.04
N GLY C 204 7.92 16.52 -40.30
CA GLY C 204 8.34 17.88 -40.57
C GLY C 204 7.40 18.91 -39.99
N SER C 205 6.08 18.69 -40.14
CA SER C 205 5.08 19.62 -39.67
C SER C 205 3.88 18.85 -39.12
N HIS C 206 3.09 19.53 -38.31
CA HIS C 206 1.91 18.92 -37.70
C HIS C 206 0.82 19.98 -37.57
N LEU C 207 -0.42 19.49 -37.44
CA LEU C 207 -1.56 20.39 -37.31
C LEU C 207 -1.91 20.72 -35.86
N SER C 208 -1.53 19.87 -34.92
CA SER C 208 -1.82 20.13 -33.52
C SER C 208 -0.97 21.28 -33.00
N TYR C 209 -1.27 21.72 -31.78
CA TYR C 209 -0.51 22.80 -31.16
C TYR C 209 0.82 22.24 -30.69
N ALA C 210 1.52 22.98 -29.84
CA ALA C 210 2.90 22.66 -29.50
C ALA C 210 2.93 21.37 -28.68
N ASN C 211 3.22 20.25 -29.35
CA ASN C 211 3.42 18.99 -28.66
C ASN C 211 4.57 18.17 -29.25
N GLY C 212 5.31 18.72 -30.20
CA GLY C 212 6.48 18.05 -30.73
C GLY C 212 7.76 18.71 -30.25
N ILE C 213 8.85 18.55 -31.00
CA ILE C 213 10.11 19.20 -30.63
C ILE C 213 10.11 20.62 -31.18
N ASN C 214 9.71 21.58 -30.35
CA ASN C 214 9.45 22.94 -30.79
C ASN C 214 10.43 23.91 -30.15
N TRP C 215 10.99 24.80 -30.97
CA TRP C 215 11.75 25.95 -30.52
C TRP C 215 11.05 27.18 -31.10
N ALA C 216 10.30 27.88 -30.26
CA ALA C 216 9.34 28.87 -30.76
C ALA C 216 10.02 30.01 -31.50
N GLN C 217 11.19 30.44 -31.03
CA GLN C 217 11.82 31.61 -31.62
C GLN C 217 12.31 31.34 -33.04
N TRP C 218 12.77 30.12 -33.33
CA TRP C 218 13.32 29.84 -34.66
C TRP C 218 12.23 29.53 -35.68
N LYS C 219 11.47 28.46 -35.46
CA LYS C 219 10.50 27.98 -36.43
C LYS C 219 9.07 28.39 -36.08
N GLY C 220 8.60 28.02 -34.90
CA GLY C 220 7.25 28.33 -34.49
C GLY C 220 6.64 27.18 -33.73
N PHE C 221 5.33 27.25 -33.52
CA PHE C 221 4.59 26.29 -32.73
C PHE C 221 4.03 25.14 -33.55
N TYR C 222 4.34 25.07 -34.85
CA TYR C 222 3.78 24.04 -35.72
C TYR C 222 4.85 23.29 -36.50
N TYR C 223 6.11 23.38 -36.08
CA TYR C 223 7.21 22.69 -36.75
C TYR C 223 8.03 21.93 -35.71
N SER C 224 8.20 20.63 -35.94
CA SER C 224 8.98 19.78 -35.06
C SER C 224 10.33 19.50 -35.71
N LEU C 225 11.41 19.69 -34.96
CA LEU C 225 12.75 19.68 -35.51
C LEU C 225 13.19 18.25 -35.83
N LYS C 226 14.43 18.11 -36.29
CA LYS C 226 15.04 16.84 -36.63
C LYS C 226 16.07 16.37 -35.62
N ARG C 227 16.95 17.25 -35.17
CA ARG C 227 18.02 16.89 -34.25
C ARG C 227 18.12 17.94 -33.16
N THR C 228 18.37 17.48 -31.93
CA THR C 228 18.59 18.36 -30.79
C THR C 228 19.85 17.93 -30.07
N GLU C 229 20.50 18.88 -29.41
CA GLU C 229 21.70 18.59 -28.64
C GLU C 229 22.01 19.75 -27.69
N MET C 230 22.15 19.44 -26.40
CA MET C 230 22.50 20.43 -25.39
C MET C 230 23.80 20.01 -24.72
N LYS C 231 24.75 20.93 -24.65
CA LYS C 231 26.06 20.66 -24.10
C LYS C 231 26.42 21.71 -23.06
N ILE C 232 27.41 21.41 -22.24
CA ILE C 232 27.94 22.36 -21.27
C ILE C 232 29.46 22.32 -21.31
N ARG C 233 30.07 23.39 -20.84
CA ARG C 233 31.52 23.53 -20.87
C ARG C 233 31.95 24.49 -19.77
N ARG C 234 33.11 24.23 -19.17
CA ARG C 234 33.62 25.09 -18.11
C ARG C 234 34.04 26.44 -18.68
N ALA C 235 33.94 27.48 -17.86
CA ALA C 235 34.30 28.83 -18.28
C ALA C 235 34.84 29.63 -17.10
N GLN D 17 43.35 -2.68 -4.72
CA GLN D 17 42.64 -3.87 -4.29
C GLN D 17 42.34 -4.78 -5.46
N PRO D 18 42.23 -6.09 -5.22
CA PRO D 18 41.89 -7.01 -6.32
C PRO D 18 40.48 -6.78 -6.81
N LEU D 19 40.32 -6.72 -8.13
CA LEU D 19 39.01 -6.53 -8.73
C LEU D 19 38.37 -7.85 -9.14
N ASP D 20 39.17 -8.84 -9.51
CA ASP D 20 38.67 -10.15 -9.90
C ASP D 20 39.78 -11.17 -9.67
N CYS D 21 39.57 -12.38 -10.20
CA CYS D 21 40.55 -13.45 -10.01
C CYS D 21 41.85 -13.22 -10.78
N ASP D 22 41.83 -12.39 -11.82
CA ASP D 22 43.07 -12.10 -12.54
C ASP D 22 44.09 -11.41 -11.65
N ASP D 23 43.64 -10.47 -10.83
CA ASP D 23 44.56 -9.84 -9.87
C ASP D 23 44.85 -10.76 -8.70
N ILE D 24 44.00 -11.75 -8.46
CA ILE D 24 44.28 -12.74 -7.42
C ILE D 24 45.40 -13.67 -7.87
N TYR D 25 45.49 -13.94 -9.17
CA TYR D 25 46.57 -14.76 -9.70
C TYR D 25 47.94 -14.17 -9.38
N ALA D 26 48.06 -12.86 -9.35
CA ALA D 26 49.31 -12.21 -8.98
C ALA D 26 49.46 -12.28 -7.46
N GLN D 27 50.45 -11.55 -6.92
CA GLN D 27 50.90 -11.65 -5.52
C GLN D 27 51.02 -13.10 -5.06
N GLY D 28 51.33 -14.00 -5.97
CA GLY D 28 51.62 -15.38 -5.62
C GLY D 28 50.50 -16.13 -4.92
N TYR D 29 49.28 -16.05 -5.46
CA TYR D 29 48.15 -16.76 -4.87
C TYR D 29 47.51 -17.70 -5.88
N GLN D 30 48.33 -18.44 -6.62
CA GLN D 30 47.83 -19.39 -7.61
C GLN D 30 47.35 -20.67 -6.92
N SER D 31 46.05 -20.71 -6.66
CA SER D 31 45.43 -21.89 -6.05
C SER D 31 43.95 -21.95 -6.40
N ASP D 32 43.22 -22.88 -5.80
CA ASP D 32 41.81 -23.09 -6.09
C ASP D 32 41.02 -22.99 -4.79
N GLY D 33 40.27 -21.91 -4.63
CA GLY D 33 39.52 -21.70 -3.42
C GLY D 33 38.79 -20.37 -3.45
N VAL D 34 38.14 -20.08 -2.34
CA VAL D 34 37.30 -18.88 -2.21
C VAL D 34 38.17 -17.70 -1.81
N TYR D 35 38.05 -16.61 -2.57
CA TYR D 35 38.82 -15.41 -2.26
C TYR D 35 37.89 -14.21 -2.13
N LEU D 36 38.46 -13.01 -2.02
CA LEU D 36 37.70 -11.78 -1.87
C LEU D 36 38.00 -10.87 -3.04
N ILE D 37 36.96 -10.17 -3.53
CA ILE D 37 37.11 -9.22 -4.63
C ILE D 37 36.38 -7.93 -4.27
N TYR D 38 36.78 -6.85 -4.92
CA TYR D 38 36.32 -5.50 -4.59
C TYR D 38 35.75 -4.84 -5.83
N PRO D 39 34.50 -5.15 -6.19
CA PRO D 39 33.93 -4.59 -7.41
C PRO D 39 33.30 -3.21 -7.23
N SER D 40 32.93 -2.83 -6.02
CA SER D 40 32.16 -1.61 -5.76
C SER D 40 32.80 -0.78 -4.66
N GLY D 41 34.12 -0.57 -4.77
CA GLY D 41 34.82 0.27 -3.83
C GLY D 41 35.71 -0.52 -2.90
N PRO D 42 36.57 0.20 -2.15
CA PRO D 42 37.50 -0.50 -1.24
C PRO D 42 36.81 -1.19 -0.09
N SER D 43 35.56 -0.85 0.23
CA SER D 43 34.84 -1.48 1.33
C SER D 43 33.82 -2.48 0.79
N VAL D 44 33.26 -3.27 1.70
CA VAL D 44 32.25 -4.28 1.41
C VAL D 44 32.71 -5.22 0.30
N PRO D 45 33.65 -6.12 0.56
CA PRO D 45 34.06 -7.09 -0.46
C PRO D 45 33.04 -8.22 -0.59
N VAL D 46 33.25 -9.05 -1.60
CA VAL D 46 32.37 -10.17 -1.91
C VAL D 46 33.20 -11.45 -2.05
N PRO D 47 32.81 -12.54 -1.40
CA PRO D 47 33.55 -13.79 -1.57
C PRO D 47 33.09 -14.55 -2.81
N VAL D 48 34.06 -15.03 -3.58
CA VAL D 48 33.81 -15.68 -4.86
C VAL D 48 34.76 -16.86 -5.01
N PHE D 49 34.56 -17.67 -6.05
CA PHE D 49 35.32 -18.88 -6.28
C PHE D 49 36.07 -18.76 -7.60
N CYS D 50 37.39 -18.86 -7.55
CA CYS D 50 38.25 -18.80 -8.73
C CYS D 50 38.77 -20.20 -9.03
N ASP D 51 38.62 -20.62 -10.28
CA ASP D 51 39.00 -21.98 -10.69
C ASP D 51 40.29 -21.84 -11.49
N MET D 52 41.40 -21.92 -10.77
CA MET D 52 42.72 -21.67 -11.35
C MET D 52 43.43 -22.97 -11.73
N THR D 53 42.77 -23.86 -12.46
CA THR D 53 43.43 -25.10 -12.84
C THR D 53 43.09 -25.63 -14.23
N THR D 54 42.32 -24.90 -15.04
CA THR D 54 41.87 -25.47 -16.31
C THR D 54 42.83 -25.17 -17.46
N GLU D 55 42.99 -23.89 -17.81
CA GLU D 55 43.81 -23.51 -18.94
C GLU D 55 44.96 -22.60 -18.55
N GLY D 56 44.71 -21.54 -17.82
CA GLY D 56 45.76 -20.63 -17.41
C GLY D 56 45.48 -19.94 -16.10
N GLY D 57 44.50 -20.42 -15.36
CA GLY D 57 44.05 -19.74 -14.16
C GLY D 57 42.96 -18.75 -14.46
N LYS D 58 42.78 -17.75 -13.58
CA LYS D 58 41.74 -16.72 -13.74
C LYS D 58 40.39 -17.43 -13.71
N TRP D 59 39.52 -17.23 -14.71
CA TRP D 59 38.26 -17.95 -14.83
C TRP D 59 37.36 -17.69 -13.59
N THR D 60 36.98 -16.43 -13.45
CA THR D 60 36.03 -16.07 -12.39
C THR D 60 34.68 -16.73 -12.67
N VAL D 61 34.10 -17.34 -11.64
CA VAL D 61 32.91 -18.16 -11.77
C VAL D 61 31.71 -17.40 -11.20
N PHE D 62 30.67 -17.22 -12.00
CA PHE D 62 29.45 -16.56 -11.55
C PHE D 62 28.22 -17.46 -11.63
N GLN D 63 28.42 -18.79 -11.62
CA GLN D 63 27.32 -19.73 -11.59
C GLN D 63 27.87 -21.12 -11.30
N LYS D 64 27.13 -21.91 -10.53
CA LYS D 64 27.60 -23.25 -10.14
C LYS D 64 26.41 -24.10 -9.73
N ARG D 65 26.34 -25.32 -10.26
CA ARG D 65 25.36 -26.32 -9.84
C ARG D 65 26.00 -27.69 -9.96
N PHE D 66 25.84 -28.54 -8.94
CA PHE D 66 26.20 -29.94 -9.06
C PHE D 66 25.19 -30.90 -8.46
N ASN D 67 24.26 -30.46 -7.63
CA ASN D 67 23.16 -31.30 -7.17
C ASN D 67 21.95 -30.40 -6.93
N GLY D 68 20.92 -30.92 -6.27
CA GLY D 68 19.71 -30.15 -6.12
C GLY D 68 19.85 -28.97 -5.19
N SER D 69 19.94 -29.25 -3.89
CA SER D 69 20.20 -28.26 -2.84
C SER D 69 19.50 -26.92 -3.06
N VAL D 70 20.28 -25.91 -3.45
CA VAL D 70 19.77 -24.55 -3.60
C VAL D 70 18.74 -24.50 -4.70
N SER D 71 17.65 -23.78 -4.46
CA SER D 71 16.60 -23.59 -5.46
C SER D 71 16.87 -22.32 -6.27
N PHE D 72 16.52 -22.36 -7.55
CA PHE D 72 16.84 -21.28 -8.48
C PHE D 72 15.60 -20.58 -9.02
N PHE D 73 14.44 -20.76 -8.39
CA PHE D 73 13.23 -20.06 -8.85
C PHE D 73 13.38 -18.56 -8.69
N ARG D 74 13.45 -18.06 -7.45
CA ARG D 74 13.84 -16.69 -7.14
C ARG D 74 13.02 -15.61 -7.85
N GLY D 75 13.43 -14.35 -7.70
CA GLY D 75 12.76 -13.23 -8.32
C GLY D 75 13.73 -12.19 -8.86
N TRP D 76 13.25 -10.96 -9.10
CA TRP D 76 14.12 -9.93 -9.68
C TRP D 76 15.13 -9.42 -8.67
N ASN D 77 14.72 -9.22 -7.42
CA ASN D 77 15.65 -8.73 -6.40
C ASN D 77 16.76 -9.73 -6.14
N ASP D 78 16.44 -11.03 -6.07
CA ASP D 78 17.45 -12.03 -5.79
C ASP D 78 18.46 -12.13 -6.92
N TYR D 79 18.00 -12.13 -8.17
CA TYR D 79 18.93 -12.15 -9.29
C TYR D 79 19.70 -10.85 -9.43
N LYS D 80 19.16 -9.74 -8.91
CA LYS D 80 19.90 -8.49 -8.94
C LYS D 80 21.00 -8.44 -7.88
N LEU D 81 20.75 -9.02 -6.71
CA LEU D 81 21.71 -8.92 -5.61
C LEU D 81 22.54 -10.19 -5.41
N GLY D 82 22.03 -11.35 -5.78
CA GLY D 82 22.80 -12.57 -5.66
C GLY D 82 22.36 -13.44 -4.50
N PHE D 83 22.56 -14.75 -4.65
CA PHE D 83 22.16 -15.71 -3.64
C PHE D 83 23.09 -16.91 -3.69
N GLY D 84 23.04 -17.72 -2.65
CA GLY D 84 23.82 -18.94 -2.58
C GLY D 84 25.04 -18.81 -1.67
N ARG D 85 25.89 -19.82 -1.75
CA ARG D 85 27.11 -19.88 -0.96
C ARG D 85 28.31 -19.99 -1.87
N ALA D 86 29.46 -19.50 -1.39
CA ALA D 86 30.66 -19.44 -2.22
C ALA D 86 31.24 -20.82 -2.50
N ASP D 87 31.16 -21.73 -1.53
CA ASP D 87 31.74 -23.06 -1.74
C ASP D 87 30.78 -24.00 -2.45
N GLY D 88 29.48 -23.76 -2.36
CA GLY D 88 28.51 -24.62 -3.03
C GLY D 88 27.97 -24.02 -4.31
N GLU D 89 26.65 -23.98 -4.44
CA GLU D 89 25.99 -23.38 -5.60
C GLU D 89 25.60 -21.95 -5.29
N TYR D 90 25.66 -21.08 -6.30
CA TYR D 90 25.38 -19.67 -6.08
C TYR D 90 25.12 -18.97 -7.40
N TRP D 91 24.72 -17.70 -7.28
CA TRP D 91 24.57 -16.79 -8.41
C TRP D 91 25.15 -15.44 -8.00
N LEU D 92 26.15 -14.98 -8.74
CA LEU D 92 26.91 -13.81 -8.30
C LEU D 92 26.06 -12.55 -8.25
N GLY D 93 25.23 -12.33 -9.26
CA GLY D 93 24.38 -11.13 -9.22
C GLY D 93 24.66 -10.23 -10.40
N LEU D 94 23.58 -9.82 -11.08
CA LEU D 94 23.72 -9.04 -12.30
C LEU D 94 24.42 -7.70 -12.04
N GLN D 95 24.22 -7.12 -10.87
CA GLN D 95 24.82 -5.82 -10.55
C GLN D 95 26.35 -5.93 -10.51
N ASN D 96 26.86 -6.96 -9.83
CA ASN D 96 28.30 -7.11 -9.69
C ASN D 96 28.95 -7.48 -11.01
N MET D 97 28.31 -8.35 -11.80
CA MET D 97 28.85 -8.66 -13.11
C MET D 97 28.84 -7.44 -14.01
N HIS D 98 27.79 -6.62 -13.94
CA HIS D 98 27.78 -5.39 -14.73
C HIS D 98 28.91 -4.46 -14.32
N LEU D 99 29.11 -4.30 -13.01
CA LEU D 99 30.18 -3.43 -12.53
C LEU D 99 31.55 -3.94 -12.98
N LEU D 100 31.75 -5.26 -12.94
CA LEU D 100 33.01 -5.84 -13.38
C LEU D 100 33.23 -5.62 -14.87
N THR D 101 32.23 -5.94 -15.69
CA THR D 101 32.41 -5.87 -17.13
C THR D 101 32.47 -4.44 -17.65
N LEU D 102 31.92 -3.47 -16.92
CA LEU D 102 31.97 -2.09 -17.39
C LEU D 102 33.40 -1.57 -17.45
N LYS D 103 34.21 -1.87 -16.43
CA LYS D 103 35.57 -1.34 -16.35
C LYS D 103 36.53 -2.00 -17.32
N GLN D 104 36.51 -3.33 -17.41
CA GLN D 104 37.47 -4.08 -18.20
C GLN D 104 36.75 -5.00 -19.20
N LYS D 105 37.46 -5.36 -20.26
CA LYS D 105 36.96 -6.34 -21.20
C LYS D 105 37.12 -7.75 -20.62
N TYR D 106 36.33 -8.68 -21.14
CA TYR D 106 36.36 -10.05 -20.63
C TYR D 106 36.08 -11.01 -21.79
N GLU D 107 35.87 -12.29 -21.44
CA GLU D 107 35.67 -13.35 -22.41
C GLU D 107 35.00 -14.52 -21.69
N LEU D 108 33.96 -15.08 -22.30
CA LEU D 108 33.06 -16.02 -21.64
C LEU D 108 33.40 -17.46 -22.02
N ARG D 109 33.37 -18.34 -21.02
CA ARG D 109 33.52 -19.78 -21.23
C ARG D 109 32.43 -20.51 -20.46
N VAL D 110 31.81 -21.50 -21.10
CA VAL D 110 30.80 -22.35 -20.49
C VAL D 110 31.24 -23.81 -20.65
N ASP D 111 31.17 -24.57 -19.56
CA ASP D 111 31.46 -25.99 -19.59
C ASP D 111 30.36 -26.76 -18.89
N LEU D 112 29.93 -27.85 -19.51
CA LEU D 112 28.76 -28.59 -19.07
C LEU D 112 29.05 -30.08 -19.14
N GLU D 113 28.26 -30.87 -18.42
CA GLU D 113 28.51 -32.30 -18.25
C GLU D 113 27.19 -33.04 -18.11
N ASP D 114 27.02 -34.10 -18.91
CA ASP D 114 25.81 -34.90 -18.87
C ASP D 114 25.80 -35.79 -17.63
N PHE D 115 24.80 -36.67 -17.53
CA PHE D 115 24.66 -37.44 -16.31
C PHE D 115 25.62 -38.64 -16.28
N GLU D 116 25.78 -39.34 -17.40
CA GLU D 116 26.54 -40.59 -17.34
C GLU D 116 28.01 -40.36 -16.99
N ASN D 117 28.84 -39.86 -17.91
CA ASN D 117 30.19 -39.40 -17.58
C ASN D 117 30.72 -38.33 -18.52
N ASN D 118 29.90 -37.90 -19.48
CA ASN D 118 30.35 -37.09 -20.60
C ASN D 118 30.47 -35.61 -20.21
N THR D 119 31.36 -34.89 -20.92
CA THR D 119 31.55 -33.47 -20.72
C THR D 119 31.72 -32.78 -22.07
N ALA D 120 31.51 -31.47 -22.07
CA ALA D 120 31.69 -30.64 -23.25
C ALA D 120 31.91 -29.20 -22.81
N TYR D 121 32.15 -28.32 -23.78
CA TYR D 121 32.38 -26.92 -23.46
C TYR D 121 32.18 -26.05 -24.69
N ALA D 122 32.02 -24.75 -24.45
CA ALA D 122 31.88 -23.75 -25.50
C ALA D 122 32.63 -22.49 -25.09
N LYS D 123 32.99 -21.68 -26.08
CA LYS D 123 33.76 -20.46 -25.84
C LYS D 123 33.21 -19.32 -26.67
N TYR D 124 33.19 -18.12 -26.08
CA TYR D 124 32.76 -16.91 -26.77
C TYR D 124 33.84 -15.85 -26.61
N ALA D 125 34.10 -15.10 -27.68
CA ALA D 125 35.24 -14.19 -27.70
C ALA D 125 35.02 -12.93 -26.90
N ASP D 126 33.80 -12.40 -26.87
CA ASP D 126 33.51 -11.16 -26.17
C ASP D 126 32.24 -11.31 -25.33
N PHE D 127 32.30 -10.83 -24.09
CA PHE D 127 31.17 -10.91 -23.18
C PHE D 127 31.00 -9.60 -22.44
N SER D 128 29.78 -9.07 -22.44
CA SER D 128 29.49 -7.83 -21.73
C SER D 128 28.00 -7.78 -21.42
N ILE D 129 27.65 -6.97 -20.42
CA ILE D 129 26.27 -6.80 -19.97
C ILE D 129 25.95 -5.31 -19.99
N SER D 130 24.99 -4.92 -20.84
CA SER D 130 24.57 -3.54 -21.00
C SER D 130 25.78 -2.64 -21.23
N PRO D 131 26.40 -2.71 -22.41
CA PRO D 131 27.71 -2.08 -22.62
C PRO D 131 27.76 -0.58 -22.36
N ASN D 132 26.92 0.20 -23.05
CA ASN D 132 27.00 1.65 -23.00
C ASN D 132 25.71 2.31 -22.55
N ALA D 133 25.10 1.80 -21.49
CA ALA D 133 23.86 2.35 -20.95
C ALA D 133 24.19 3.34 -19.85
N VAL D 134 23.48 4.47 -19.84
CA VAL D 134 23.64 5.44 -18.76
C VAL D 134 23.17 4.84 -17.44
N SER D 135 22.03 4.13 -17.47
CA SER D 135 21.54 3.37 -16.32
C SER D 135 21.33 1.93 -16.76
N ALA D 136 22.04 1.00 -16.11
CA ALA D 136 21.98 -0.40 -16.53
C ALA D 136 20.63 -1.03 -16.18
N GLU D 137 20.08 -0.68 -15.01
CA GLU D 137 18.82 -1.28 -14.59
C GLU D 137 17.68 -0.89 -15.51
N GLU D 138 17.70 0.34 -16.03
CA GLU D 138 16.64 0.76 -16.93
C GLU D 138 16.69 0.02 -18.26
N ASP D 139 17.90 -0.30 -18.72
CA ASP D 139 18.05 -1.07 -19.96
C ASP D 139 17.53 -2.49 -19.81
N GLY D 140 17.72 -3.11 -18.64
CA GLY D 140 17.31 -4.46 -18.42
C GLY D 140 18.42 -5.50 -18.40
N TYR D 141 19.68 -5.07 -18.33
CA TYR D 141 20.84 -5.96 -18.28
C TYR D 141 20.89 -6.86 -19.52
N THR D 142 20.94 -6.22 -20.68
CA THR D 142 20.96 -6.96 -21.93
C THR D 142 22.26 -7.73 -22.09
N LEU D 143 22.24 -8.73 -22.97
CA LEU D 143 23.38 -9.60 -23.21
C LEU D 143 24.00 -9.28 -24.56
N PHE D 144 25.32 -9.49 -24.65
CA PHE D 144 26.06 -9.33 -25.89
C PHE D 144 27.19 -10.33 -25.93
N VAL D 145 27.19 -11.20 -26.94
CA VAL D 145 28.22 -12.21 -27.12
C VAL D 145 28.53 -12.34 -28.60
N ALA D 146 29.82 -12.46 -28.91
CA ALA D 146 30.25 -12.61 -30.30
C ALA D 146 31.56 -13.38 -30.33
N GLY D 147 31.85 -13.99 -31.48
CA GLY D 147 33.06 -14.76 -31.64
C GLY D 147 32.99 -16.15 -31.05
N PHE D 148 32.04 -16.95 -31.52
CA PHE D 148 31.89 -18.32 -31.02
C PHE D 148 33.05 -19.20 -31.46
N GLU D 149 33.42 -20.14 -30.60
CA GLU D 149 34.50 -21.07 -30.87
C GLU D 149 34.10 -22.44 -30.35
N ASP D 150 33.93 -23.39 -31.26
CA ASP D 150 33.31 -24.66 -30.91
C ASP D 150 34.23 -25.53 -30.07
N GLY D 151 33.61 -26.34 -29.21
CA GLY D 151 34.34 -27.30 -28.42
C GLY D 151 33.57 -28.60 -28.24
N GLY D 152 32.50 -28.77 -29.01
CA GLY D 152 31.67 -29.96 -28.93
C GLY D 152 30.33 -29.76 -28.28
N ALA D 153 29.93 -28.51 -27.99
CA ALA D 153 28.66 -28.24 -27.34
C ALA D 153 27.67 -27.51 -28.22
N GLY D 154 28.12 -26.80 -29.24
CA GLY D 154 27.25 -26.06 -30.12
C GLY D 154 27.06 -24.62 -29.69
N ASP D 155 26.40 -23.85 -30.55
CA ASP D 155 26.16 -22.44 -30.30
C ASP D 155 24.71 -22.26 -29.84
N SER D 156 24.53 -21.86 -28.58
CA SER D 156 23.20 -21.65 -28.02
C SER D 156 23.05 -20.29 -27.35
N LEU D 157 24.01 -19.39 -27.50
CA LEU D 157 23.90 -18.04 -26.98
C LEU D 157 24.02 -16.97 -28.06
N SER D 158 24.34 -17.33 -29.30
CA SER D 158 24.47 -16.34 -30.36
C SER D 158 23.12 -15.90 -30.90
N TYR D 159 22.12 -16.81 -30.87
CA TYR D 159 20.78 -16.44 -31.31
C TYR D 159 20.20 -15.35 -30.43
N HIS D 160 20.48 -15.42 -29.13
CA HIS D 160 20.13 -14.38 -28.17
C HIS D 160 21.14 -13.24 -28.28
N SER D 161 21.20 -12.39 -27.26
CA SER D 161 22.03 -11.18 -27.21
C SER D 161 21.31 -10.05 -27.92
N GLY D 162 21.30 -8.88 -27.28
CA GLY D 162 20.34 -7.84 -27.61
C GLY D 162 19.02 -7.98 -26.90
N GLN D 163 18.85 -9.04 -26.12
CA GLN D 163 17.64 -9.30 -25.35
C GLN D 163 17.90 -9.05 -23.88
N LYS D 164 16.87 -8.59 -23.17
CA LYS D 164 16.98 -8.25 -21.77
C LYS D 164 16.66 -9.45 -20.88
N PHE D 165 16.98 -9.30 -19.60
CA PHE D 165 16.67 -10.32 -18.61
C PHE D 165 15.19 -10.22 -18.21
N SER D 166 14.53 -11.37 -18.12
CA SER D 166 13.15 -11.43 -17.70
C SER D 166 12.99 -12.53 -16.65
N THR D 167 11.93 -12.40 -15.87
CA THR D 167 11.64 -13.32 -14.77
C THR D 167 10.14 -13.63 -14.83
N PHE D 168 9.67 -14.38 -13.84
CA PHE D 168 8.28 -14.83 -13.75
C PHE D 168 7.37 -13.78 -13.14
N ASP D 169 7.95 -12.70 -12.60
CA ASP D 169 7.14 -11.67 -11.96
C ASP D 169 7.35 -10.28 -12.58
N ARG D 170 8.43 -10.08 -13.32
CA ARG D 170 8.69 -8.76 -13.88
C ARG D 170 7.81 -8.50 -15.09
N ASP D 171 8.05 -9.28 -16.14
CA ASP D 171 7.40 -9.08 -17.44
C ASP D 171 6.06 -9.79 -17.60
N GLN D 172 6.13 -11.09 -17.89
CA GLN D 172 4.99 -12.00 -18.05
C GLN D 172 3.79 -11.35 -18.76
N ASP D 173 4.03 -10.44 -19.70
CA ASP D 173 2.92 -9.81 -20.41
C ASP D 173 3.11 -9.83 -21.93
N LEU D 174 4.33 -9.65 -22.42
CA LEU D 174 4.54 -9.70 -23.86
C LEU D 174 4.61 -11.14 -24.34
N PHE D 175 4.84 -12.08 -23.42
CA PHE D 175 4.93 -13.49 -23.78
C PHE D 175 3.57 -14.09 -24.08
N VAL D 176 2.53 -13.69 -23.35
CA VAL D 176 1.21 -14.29 -23.55
C VAL D 176 0.57 -13.83 -24.84
N GLN D 177 1.19 -12.86 -25.53
CA GLN D 177 0.65 -12.41 -26.80
C GLN D 177 1.26 -13.19 -27.96
N ASN D 178 2.59 -13.24 -28.04
CA ASN D 178 3.24 -13.99 -29.11
C ASN D 178 3.08 -15.48 -28.90
N CYS D 179 3.35 -15.96 -27.70
CA CYS D 179 3.27 -17.36 -27.35
C CYS D 179 2.08 -17.56 -26.41
N ALA D 180 1.92 -18.78 -25.91
CA ALA D 180 0.96 -19.06 -24.85
C ALA D 180 1.69 -19.44 -23.58
N ALA D 181 0.95 -19.48 -22.48
CA ALA D 181 1.47 -19.86 -21.17
C ALA D 181 2.51 -18.87 -20.66
N LEU D 182 2.87 -18.98 -19.38
CA LEU D 182 3.82 -18.09 -18.75
C LEU D 182 5.23 -18.68 -18.82
N SER D 183 6.22 -17.83 -18.62
CA SER D 183 7.61 -18.25 -18.83
C SER D 183 8.15 -19.02 -17.63
N SER D 184 8.18 -18.38 -16.46
CA SER D 184 8.70 -18.98 -15.23
C SER D 184 10.16 -19.41 -15.40
N GLY D 185 10.99 -18.48 -15.88
CA GLY D 185 12.40 -18.75 -16.07
C GLY D 185 13.21 -17.48 -15.95
N ALA D 186 14.52 -17.65 -15.82
CA ALA D 186 15.44 -16.53 -15.59
C ALA D 186 16.62 -16.63 -16.56
N PHE D 187 16.48 -16.03 -17.73
CA PHE D 187 17.53 -16.01 -18.73
C PHE D 187 17.21 -14.91 -19.73
N TRP D 188 18.10 -14.75 -20.71
CA TRP D 188 17.88 -13.81 -21.81
C TRP D 188 17.14 -14.53 -22.92
N PHE D 189 15.85 -14.21 -23.08
CA PHE D 189 14.98 -14.92 -23.99
C PHE D 189 14.79 -14.13 -25.28
N ARG D 190 14.58 -14.84 -26.38
CA ARG D 190 14.36 -14.22 -27.68
C ARG D 190 12.99 -14.52 -28.27
N SER D 191 12.54 -15.77 -28.19
CA SER D 191 11.23 -16.16 -28.70
C SER D 191 10.64 -17.18 -27.73
N CYS D 192 9.68 -17.97 -28.22
CA CYS D 192 9.04 -18.94 -27.32
C CYS D 192 9.94 -20.10 -26.95
N HIS D 193 11.22 -20.16 -27.31
CA HIS D 193 12.09 -21.20 -26.81
C HIS D 193 12.40 -20.94 -25.33
N PHE D 194 12.00 -21.87 -24.47
CA PHE D 194 12.06 -21.66 -23.03
C PHE D 194 13.03 -22.62 -22.38
N ALA D 195 14.19 -22.83 -23.00
CA ALA D 195 15.21 -23.74 -22.49
C ALA D 195 16.41 -22.93 -22.03
N ASN D 196 16.79 -23.10 -20.76
CA ASN D 196 17.90 -22.34 -20.20
C ASN D 196 18.52 -23.15 -19.05
N LEU D 197 19.71 -22.72 -18.63
CA LEU D 197 20.47 -23.41 -17.61
C LEU D 197 20.09 -22.99 -16.19
N ASN D 198 19.09 -22.12 -16.02
CA ASN D 198 18.60 -21.71 -14.71
C ASN D 198 17.22 -22.27 -14.42
N GLY D 199 16.96 -23.50 -14.80
CA GLY D 199 15.67 -24.13 -14.61
C GLY D 199 15.62 -25.03 -13.40
N PHE D 200 14.71 -26.00 -13.45
CA PHE D 200 14.51 -26.93 -12.35
C PHE D 200 15.49 -28.10 -12.46
N TYR D 201 15.72 -28.78 -11.34
CA TYR D 201 16.66 -29.89 -11.28
C TYR D 201 15.88 -31.20 -11.33
N LEU D 202 15.77 -31.77 -12.53
CA LEU D 202 15.11 -33.04 -12.75
C LEU D 202 16.16 -34.14 -12.92
N GLY D 203 15.70 -35.36 -13.14
CA GLY D 203 16.60 -36.48 -13.30
C GLY D 203 17.30 -36.48 -14.64
N GLY D 204 17.72 -37.65 -15.11
CA GLY D 204 18.40 -37.72 -16.40
C GLY D 204 17.51 -37.33 -17.56
N SER D 205 16.29 -37.87 -17.59
CA SER D 205 15.36 -37.63 -18.68
C SER D 205 13.97 -37.36 -18.12
N HIS D 206 13.20 -36.57 -18.85
CA HIS D 206 11.85 -36.22 -18.44
C HIS D 206 10.94 -36.19 -19.66
N LEU D 207 9.63 -36.38 -19.41
CA LEU D 207 8.65 -36.40 -20.48
C LEU D 207 8.13 -35.02 -20.85
N SER D 208 8.18 -34.07 -19.92
CA SER D 208 7.72 -32.72 -20.18
C SER D 208 8.70 -32.00 -21.11
N TYR D 209 8.28 -30.86 -21.64
CA TYR D 209 9.09 -30.10 -22.57
C TYR D 209 10.17 -29.35 -21.79
N ALA D 210 10.84 -28.41 -22.44
CA ALA D 210 12.06 -27.84 -21.89
C ALA D 210 11.72 -27.00 -20.66
N ASN D 211 11.88 -27.62 -19.48
CA ASN D 211 11.70 -26.90 -18.22
C ASN D 211 12.75 -27.29 -17.19
N GLY D 212 13.85 -27.90 -17.58
CA GLY D 212 14.92 -28.23 -16.67
C GLY D 212 16.20 -27.51 -17.06
N ILE D 213 17.34 -28.14 -16.80
CA ILE D 213 18.64 -27.58 -17.18
C ILE D 213 19.00 -28.08 -18.57
N ASN D 214 18.57 -27.36 -19.60
CA ASN D 214 18.67 -27.82 -20.98
C ASN D 214 19.65 -26.97 -21.77
N TRP D 215 20.52 -27.63 -22.53
CA TRP D 215 21.38 -26.99 -23.52
C TRP D 215 21.01 -27.60 -24.87
N ALA D 216 20.36 -26.80 -25.71
CA ALA D 216 19.63 -27.34 -26.85
C ALA D 216 20.56 -28.04 -27.84
N GLN D 217 21.73 -27.47 -28.08
CA GLN D 217 22.59 -28.01 -29.14
C GLN D 217 23.18 -29.37 -28.79
N TRP D 218 23.56 -29.58 -27.52
CA TRP D 218 24.26 -30.81 -27.17
C TRP D 218 23.31 -32.00 -27.09
N LYS D 219 22.35 -31.95 -26.18
CA LYS D 219 21.46 -33.09 -25.94
C LYS D 219 20.10 -32.90 -26.59
N GLY D 220 19.43 -31.81 -26.31
CA GLY D 220 18.11 -31.55 -26.85
C GLY D 220 17.22 -30.94 -25.80
N PHE D 221 15.91 -31.04 -26.03
CA PHE D 221 14.91 -30.44 -25.16
C PHE D 221 14.30 -31.43 -24.18
N TYR D 222 14.85 -32.64 -24.08
CA TYR D 222 14.29 -33.66 -23.20
C TYR D 222 15.33 -34.28 -22.29
N TYR D 223 16.38 -33.54 -21.94
CA TYR D 223 17.45 -34.06 -21.09
C TYR D 223 17.95 -32.93 -20.19
N SER D 224 17.84 -33.12 -18.88
CA SER D 224 18.32 -32.15 -17.91
C SER D 224 19.71 -32.55 -17.43
N LEU D 225 20.65 -31.61 -17.50
CA LEU D 225 22.06 -31.92 -17.28
C LEU D 225 22.32 -32.17 -15.79
N LYS D 226 23.59 -32.41 -15.47
CA LYS D 226 24.03 -32.73 -14.11
C LYS D 226 24.82 -31.62 -13.45
N ARG D 227 25.71 -30.95 -14.19
CA ARG D 227 26.54 -29.90 -13.63
C ARG D 227 26.65 -28.75 -14.63
N THR D 228 26.61 -27.52 -14.11
CA THR D 228 26.77 -26.32 -14.94
C THR D 228 27.81 -25.41 -14.30
N GLU D 229 28.45 -24.60 -15.14
CA GLU D 229 29.45 -23.64 -14.69
C GLU D 229 29.75 -22.61 -15.76
N MET D 230 29.65 -21.32 -15.42
CA MET D 230 29.93 -20.23 -16.34
C MET D 230 31.09 -19.41 -15.78
N LYS D 231 32.12 -19.21 -16.59
CA LYS D 231 33.32 -18.48 -16.18
C LYS D 231 33.69 -17.42 -17.20
N ILE D 232 34.26 -16.32 -16.71
CA ILE D 232 34.73 -15.24 -17.56
C ILE D 232 36.20 -14.97 -17.26
N ARG D 233 36.92 -14.45 -18.25
CA ARG D 233 38.33 -14.20 -18.13
C ARG D 233 38.71 -12.98 -18.94
N ARG D 234 39.70 -12.22 -18.46
CA ARG D 234 40.16 -11.03 -19.16
C ARG D 234 40.87 -11.41 -20.46
N ALA D 235 40.60 -10.62 -21.51
CA ALA D 235 41.20 -10.86 -22.82
C ALA D 235 41.98 -9.63 -23.28
N GLN E 17 -40.46 -13.71 -8.55
CA GLN E 17 -39.56 -13.35 -9.62
C GLN E 17 -38.87 -14.59 -10.20
N PRO E 18 -38.61 -14.61 -11.50
CA PRO E 18 -38.01 -15.80 -12.12
C PRO E 18 -36.55 -15.98 -11.69
N LEU E 19 -36.29 -17.10 -11.02
CA LEU E 19 -34.93 -17.42 -10.57
C LEU E 19 -34.04 -17.90 -11.71
N ASP E 20 -34.60 -18.67 -12.65
CA ASP E 20 -33.82 -19.27 -13.72
C ASP E 20 -34.69 -19.32 -14.97
N CYS E 21 -34.21 -20.04 -15.97
CA CYS E 21 -34.98 -20.19 -17.21
C CYS E 21 -36.16 -21.13 -17.07
N ASP E 22 -36.25 -21.89 -15.97
CA ASP E 22 -37.41 -22.73 -15.75
C ASP E 22 -38.67 -21.90 -15.49
N ASP E 23 -38.57 -20.88 -14.64
CA ASP E 23 -39.69 -19.99 -14.44
C ASP E 23 -39.99 -19.18 -15.68
N ILE E 24 -38.98 -18.92 -16.51
CA ILE E 24 -39.21 -18.25 -17.78
C ILE E 24 -39.96 -19.16 -18.74
N TYR E 25 -39.72 -20.47 -18.66
CA TYR E 25 -40.50 -21.41 -19.46
C TYR E 25 -41.97 -21.36 -19.11
N ALA E 26 -42.32 -21.01 -17.88
CA ALA E 26 -43.70 -20.75 -17.50
C ALA E 26 -44.10 -19.39 -18.06
N GLN E 27 -45.29 -18.91 -17.69
CA GLN E 27 -45.88 -17.66 -18.17
C GLN E 27 -45.74 -17.51 -19.68
N GLY E 28 -45.72 -18.62 -20.40
CA GLY E 28 -45.78 -18.63 -21.85
C GLY E 28 -44.66 -17.93 -22.58
N TYR E 29 -43.41 -18.17 -22.17
CA TYR E 29 -42.27 -17.55 -22.82
C TYR E 29 -41.36 -18.59 -23.46
N GLN E 30 -41.96 -19.56 -24.14
CA GLN E 30 -41.22 -20.73 -24.66
C GLN E 30 -40.46 -20.37 -25.94
N SER E 31 -39.61 -19.35 -25.83
CA SER E 31 -38.86 -18.89 -26.98
C SER E 31 -37.36 -18.85 -26.67
N ASP E 32 -36.56 -18.38 -27.64
CA ASP E 32 -35.12 -18.31 -27.50
C ASP E 32 -34.66 -16.86 -27.54
N GLY E 33 -33.83 -16.47 -26.58
CA GLY E 33 -33.31 -15.12 -26.55
C GLY E 33 -32.83 -14.76 -25.15
N VAL E 34 -32.45 -13.49 -25.01
CA VAL E 34 -31.93 -12.96 -23.77
C VAL E 34 -33.09 -12.59 -22.85
N TYR E 35 -33.02 -13.04 -21.60
CA TYR E 35 -34.06 -12.72 -20.62
C TYR E 35 -33.42 -12.18 -19.35
N LEU E 36 -34.22 -12.03 -18.30
CA LEU E 36 -33.74 -11.55 -17.01
C LEU E 36 -34.03 -12.59 -15.93
N ILE E 37 -33.10 -12.73 -14.99
CA ILE E 37 -33.23 -13.67 -13.88
C ILE E 37 -32.84 -12.94 -12.60
N TYR E 38 -33.30 -13.47 -11.47
CA TYR E 38 -33.21 -12.78 -10.18
C TYR E 38 -32.56 -13.69 -9.15
N PRO E 39 -31.24 -13.89 -9.25
CA PRO E 39 -30.60 -14.89 -8.38
C PRO E 39 -30.27 -14.39 -6.98
N SER E 40 -30.26 -13.07 -6.75
CA SER E 40 -29.83 -12.50 -5.48
C SER E 40 -30.79 -11.42 -5.01
N GLY E 41 -32.09 -11.71 -5.06
CA GLY E 41 -33.09 -10.78 -4.58
C GLY E 41 -33.88 -10.13 -5.69
N PRO E 42 -34.95 -9.43 -5.33
CA PRO E 42 -35.81 -8.80 -6.35
C PRO E 42 -35.15 -7.61 -7.03
N SER E 43 -33.99 -7.16 -6.58
CA SER E 43 -33.27 -6.07 -7.19
C SER E 43 -32.02 -6.57 -7.90
N VAL E 44 -31.49 -5.73 -8.78
CA VAL E 44 -30.28 -6.02 -9.56
C VAL E 44 -30.41 -7.34 -10.31
N PRO E 45 -31.21 -7.40 -11.38
CA PRO E 45 -31.31 -8.63 -12.17
C PRO E 45 -30.09 -8.84 -13.05
N VAL E 46 -30.08 -9.99 -13.72
CA VAL E 46 -28.97 -10.40 -14.59
C VAL E 46 -29.50 -10.87 -15.94
N PRO E 47 -28.93 -10.42 -17.06
CA PRO E 47 -29.34 -10.94 -18.36
C PRO E 47 -28.58 -12.20 -18.72
N VAL E 48 -29.31 -13.18 -19.27
CA VAL E 48 -28.78 -14.52 -19.54
C VAL E 48 -29.48 -15.07 -20.78
N PHE E 49 -28.86 -16.05 -21.42
CA PHE E 49 -29.36 -16.68 -22.64
C PHE E 49 -29.90 -18.06 -22.30
N CYS E 50 -31.20 -18.27 -22.56
CA CYS E 50 -31.86 -19.54 -22.34
C CYS E 50 -32.10 -20.24 -23.67
N ASP E 51 -31.69 -21.50 -23.75
CA ASP E 51 -31.77 -22.28 -24.99
C ASP E 51 -32.96 -23.22 -24.89
N MET E 52 -34.11 -22.74 -25.37
CA MET E 52 -35.34 -23.54 -25.38
C MET E 52 -35.57 -24.20 -26.73
N THR E 53 -34.60 -24.97 -27.23
CA THR E 53 -34.79 -25.61 -28.52
C THR E 53 -34.34 -27.06 -28.59
N THR E 54 -33.41 -27.50 -27.72
CA THR E 54 -32.76 -28.80 -27.92
C THR E 54 -33.68 -29.97 -27.60
N GLU E 55 -34.02 -30.15 -26.33
CA GLU E 55 -34.83 -31.30 -25.91
C GLU E 55 -36.20 -30.88 -25.38
N GLY E 56 -36.25 -30.02 -24.38
CA GLY E 56 -37.52 -29.62 -23.81
C GLY E 56 -37.55 -28.21 -23.28
N GLY E 57 -36.55 -27.41 -23.65
CA GLY E 57 -36.46 -26.06 -23.15
C GLY E 57 -35.49 -25.95 -21.99
N LYS E 58 -35.64 -24.91 -21.16
CA LYS E 58 -34.80 -24.69 -19.98
C LYS E 58 -33.36 -24.51 -20.49
N TRP E 59 -32.37 -25.22 -19.94
CA TRP E 59 -30.98 -25.15 -20.38
C TRP E 59 -30.41 -23.74 -20.23
N THR E 60 -30.32 -23.31 -18.98
CA THR E 60 -29.64 -22.07 -18.66
C THR E 60 -28.14 -22.18 -18.95
N VAL E 61 -27.61 -21.22 -19.70
CA VAL E 61 -26.24 -21.26 -20.20
C VAL E 61 -25.35 -20.43 -19.28
N PHE E 62 -24.14 -20.91 -18.99
CA PHE E 62 -23.17 -20.13 -18.23
C PHE E 62 -21.79 -20.11 -18.88
N GLN E 63 -21.70 -20.41 -20.17
CA GLN E 63 -20.44 -20.33 -20.89
C GLN E 63 -20.74 -20.40 -22.39
N LYS E 64 -19.96 -19.69 -23.19
CA LYS E 64 -20.18 -19.66 -24.63
C LYS E 64 -18.94 -19.16 -25.35
N ARG E 65 -18.51 -19.88 -26.37
CA ARG E 65 -17.45 -19.45 -27.27
C ARG E 65 -17.78 -19.91 -28.67
N PHE E 66 -17.60 -19.02 -29.66
CA PHE E 66 -17.62 -19.44 -31.05
C PHE E 66 -16.54 -18.81 -31.92
N ASN E 67 -15.88 -17.75 -31.48
CA ASN E 67 -14.73 -17.21 -32.21
C ASN E 67 -13.83 -16.49 -31.20
N GLY E 68 -12.80 -15.82 -31.70
CA GLY E 68 -11.80 -15.27 -30.79
C GLY E 68 -12.34 -14.18 -29.88
N SER E 69 -12.66 -13.02 -30.47
CA SER E 69 -13.34 -11.92 -29.80
C SER E 69 -12.91 -11.71 -28.35
N VAL E 70 -13.77 -12.10 -27.42
CA VAL E 70 -13.52 -11.87 -25.99
C VAL E 70 -12.37 -12.75 -25.52
N SER E 71 -11.41 -12.14 -24.83
CA SER E 71 -10.30 -12.86 -24.24
C SER E 71 -10.75 -13.52 -22.94
N PHE E 72 -10.11 -14.64 -22.59
CA PHE E 72 -10.48 -15.42 -21.42
C PHE E 72 -9.35 -15.55 -20.41
N PHE E 73 -8.31 -14.72 -20.50
CA PHE E 73 -7.24 -14.76 -19.52
C PHE E 73 -7.75 -14.38 -18.13
N ARG E 74 -8.12 -13.12 -17.94
CA ARG E 74 -8.85 -12.64 -16.77
C ARG E 74 -8.19 -12.97 -15.43
N GLY E 75 -8.90 -12.69 -14.33
CA GLY E 75 -8.38 -12.93 -12.99
C GLY E 75 -9.43 -13.43 -12.01
N TRP E 76 -9.13 -13.36 -10.71
CA TRP E 76 -10.03 -13.91 -9.70
C TRP E 76 -11.31 -13.08 -9.59
N ASN E 77 -11.19 -11.76 -9.61
CA ASN E 77 -12.37 -10.91 -9.51
C ASN E 77 -13.26 -11.06 -10.74
N ASP E 78 -12.65 -11.16 -11.93
CA ASP E 78 -13.43 -11.26 -13.15
C ASP E 78 -14.17 -12.59 -13.25
N TYR E 79 -13.59 -13.66 -12.70
CA TYR E 79 -14.30 -14.93 -12.66
C TYR E 79 -15.33 -14.99 -11.55
N LYS E 80 -15.10 -14.27 -10.45
CA LYS E 80 -16.07 -14.24 -9.36
C LYS E 80 -17.30 -13.42 -9.74
N LEU E 81 -17.13 -12.34 -10.51
CA LEU E 81 -18.24 -11.44 -10.80
C LEU E 81 -18.78 -11.56 -12.22
N GLY E 82 -18.06 -12.22 -13.11
CA GLY E 82 -18.60 -12.43 -14.45
C GLY E 82 -18.12 -11.36 -15.42
N PHE E 83 -18.17 -11.70 -16.71
CA PHE E 83 -17.73 -10.80 -17.77
C PHE E 83 -18.35 -11.23 -19.08
N GLY E 84 -18.17 -10.39 -20.10
CA GLY E 84 -18.66 -10.66 -21.43
C GLY E 84 -20.04 -10.10 -21.67
N ARG E 85 -20.55 -10.36 -22.86
CA ARG E 85 -21.88 -9.92 -23.27
C ARG E 85 -22.80 -11.12 -23.43
N ALA E 86 -24.10 -10.89 -23.18
CA ALA E 86 -25.05 -12.00 -23.16
C ALA E 86 -25.34 -12.54 -24.55
N ASP E 87 -25.36 -11.67 -25.57
CA ASP E 87 -25.68 -12.14 -26.91
C ASP E 87 -24.47 -12.78 -27.60
N GLY E 88 -23.27 -12.58 -27.07
CA GLY E 88 -22.08 -13.19 -27.66
C GLY E 88 -21.43 -14.22 -26.76
N GLU E 89 -20.17 -13.98 -26.40
CA GLU E 89 -19.45 -14.85 -25.49
C GLU E 89 -19.43 -14.24 -24.10
N TYR E 90 -19.51 -15.09 -23.07
CA TYR E 90 -19.59 -14.58 -21.71
C TYR E 90 -19.32 -15.70 -20.72
N TRP E 91 -19.13 -15.30 -19.46
CA TRP E 91 -19.00 -16.20 -18.33
C TRP E 91 -19.84 -15.62 -17.19
N LEU E 92 -20.80 -16.39 -16.70
CA LEU E 92 -21.79 -15.85 -15.79
C LEU E 92 -21.17 -15.39 -14.48
N GLY E 93 -20.35 -16.23 -13.86
CA GLY E 93 -19.77 -15.80 -12.58
C GLY E 93 -20.05 -16.81 -11.49
N LEU E 94 -18.99 -17.17 -10.77
CA LEU E 94 -19.09 -18.22 -9.77
C LEU E 94 -20.08 -17.87 -8.67
N GLN E 95 -20.16 -16.59 -8.29
CA GLN E 95 -21.09 -16.18 -7.25
C GLN E 95 -22.53 -16.44 -7.65
N ASN E 96 -22.88 -16.12 -8.89
CA ASN E 96 -24.26 -16.29 -9.35
C ASN E 96 -24.64 -17.76 -9.45
N MET E 97 -23.75 -18.59 -10.00
CA MET E 97 -24.03 -20.02 -10.07
C MET E 97 -24.11 -20.64 -8.69
N HIS E 98 -23.26 -20.19 -7.75
CA HIS E 98 -23.37 -20.69 -6.39
C HIS E 98 -24.70 -20.32 -5.76
N LEU E 99 -25.14 -19.07 -5.94
CA LEU E 99 -26.42 -18.65 -5.37
C LEU E 99 -27.58 -19.42 -5.99
N LEU E 100 -27.48 -19.72 -7.29
CA LEU E 100 -28.52 -20.52 -7.94
C LEU E 100 -28.55 -21.94 -7.39
N THR E 101 -27.40 -22.61 -7.36
CA THR E 101 -27.37 -24.01 -6.97
C THR E 101 -27.52 -24.23 -5.47
N LEU E 102 -27.40 -23.18 -4.66
CA LEU E 102 -27.63 -23.34 -3.24
C LEU E 102 -29.09 -23.64 -2.94
N LYS E 103 -30.00 -23.09 -3.74
CA LYS E 103 -31.44 -23.18 -3.45
C LYS E 103 -32.09 -24.42 -4.04
N GLN E 104 -31.81 -24.72 -5.31
CA GLN E 104 -32.49 -25.80 -6.02
C GLN E 104 -31.48 -26.81 -6.55
N LYS E 105 -31.96 -28.04 -6.73
CA LYS E 105 -31.18 -29.09 -7.38
C LYS E 105 -31.10 -28.82 -8.88
N TYR E 106 -30.02 -29.29 -9.50
CA TYR E 106 -29.78 -29.01 -10.91
C TYR E 106 -29.08 -30.20 -11.56
N GLU E 107 -28.76 -30.05 -12.84
CA GLU E 107 -28.17 -31.10 -13.66
C GLU E 107 -27.36 -30.44 -14.77
N LEU E 108 -26.20 -31.00 -15.08
CA LEU E 108 -25.23 -30.38 -15.97
C LEU E 108 -25.19 -31.09 -17.32
N ARG E 109 -25.02 -30.31 -18.39
CA ARG E 109 -24.82 -30.84 -19.74
C ARG E 109 -23.77 -30.02 -20.47
N VAL E 110 -22.88 -30.69 -21.18
CA VAL E 110 -21.81 -30.05 -21.96
C VAL E 110 -21.85 -30.60 -23.38
N ASP E 111 -21.84 -29.69 -24.36
CA ASP E 111 -21.77 -30.06 -25.77
C ASP E 111 -20.74 -29.18 -26.46
N LEU E 112 -20.07 -29.73 -27.47
CA LEU E 112 -18.96 -29.06 -28.12
C LEU E 112 -18.83 -29.54 -29.55
N GLU E 113 -18.17 -28.73 -30.38
CA GLU E 113 -18.02 -28.98 -31.81
C GLU E 113 -16.62 -28.58 -32.28
N ASP E 114 -16.02 -29.40 -33.13
CA ASP E 114 -14.68 -29.15 -33.64
C ASP E 114 -14.77 -28.28 -34.89
N PHE E 115 -13.73 -28.33 -35.72
CA PHE E 115 -13.71 -27.47 -36.89
C PHE E 115 -14.64 -27.95 -38.00
N GLU E 116 -14.72 -29.28 -38.29
CA GLU E 116 -15.30 -29.62 -39.59
C GLU E 116 -16.78 -29.27 -39.62
N ASN E 117 -17.53 -30.21 -39.04
CA ASN E 117 -18.94 -30.12 -38.70
C ASN E 117 -19.20 -31.03 -37.50
N ASN E 118 -18.15 -31.63 -36.94
CA ASN E 118 -18.33 -32.81 -36.10
C ASN E 118 -19.01 -32.35 -34.81
N THR E 119 -19.73 -33.26 -34.16
CA THR E 119 -20.42 -32.92 -32.94
C THR E 119 -20.27 -34.03 -31.91
N ALA E 120 -20.49 -33.67 -30.65
CA ALA E 120 -20.49 -34.61 -29.53
C ALA E 120 -21.07 -33.89 -28.33
N TYR E 121 -21.33 -34.66 -27.27
CA TYR E 121 -21.88 -34.08 -26.04
C TYR E 121 -21.71 -35.07 -24.89
N ALA E 122 -21.90 -34.55 -23.67
CA ALA E 122 -21.82 -35.33 -22.46
C ALA E 122 -22.86 -34.84 -21.47
N LYS E 123 -23.23 -35.71 -20.53
CA LYS E 123 -24.28 -35.41 -19.56
C LYS E 123 -23.84 -35.89 -18.18
N TYR E 124 -24.18 -35.09 -17.15
CA TYR E 124 -23.92 -35.44 -15.77
C TYR E 124 -25.19 -35.25 -14.96
N ALA E 125 -25.49 -36.19 -14.09
CA ALA E 125 -26.78 -36.18 -13.39
C ALA E 125 -26.83 -35.17 -12.26
N ASP E 126 -25.70 -34.85 -11.63
CA ASP E 126 -25.67 -33.94 -10.49
C ASP E 126 -24.60 -32.88 -10.69
N PHE E 127 -24.91 -31.65 -10.30
CA PHE E 127 -23.96 -30.56 -10.39
C PHE E 127 -24.22 -29.56 -9.27
N SER E 128 -23.15 -29.13 -8.61
CA SER E 128 -23.25 -28.15 -7.54
C SER E 128 -21.89 -27.51 -7.32
N ILE E 129 -21.89 -26.39 -6.59
CA ILE E 129 -20.68 -25.64 -6.26
C ILE E 129 -20.69 -25.35 -4.78
N SER E 130 -19.74 -25.92 -4.04
CA SER E 130 -19.64 -25.77 -2.59
C SER E 130 -20.96 -26.10 -1.93
N PRO E 131 -21.36 -27.37 -1.89
CA PRO E 131 -22.72 -27.73 -1.46
C PRO E 131 -23.09 -27.25 -0.07
N ASN E 132 -22.30 -27.56 0.94
CA ASN E 132 -22.66 -27.31 2.33
C ASN E 132 -21.68 -26.36 3.02
N ALA E 133 -21.15 -25.38 2.30
CA ALA E 133 -20.16 -24.46 2.84
C ALA E 133 -20.83 -23.31 3.55
N VAL E 134 -20.32 -22.96 4.73
CA VAL E 134 -20.83 -21.79 5.45
C VAL E 134 -20.44 -20.52 4.73
N SER E 135 -19.24 -20.47 4.16
CA SER E 135 -18.78 -19.35 3.36
C SER E 135 -18.20 -19.90 2.07
N ALA E 136 -18.87 -19.65 0.95
CA ALA E 136 -18.50 -20.29 -0.31
C ALA E 136 -17.13 -19.84 -0.80
N GLU E 137 -16.83 -18.56 -0.67
CA GLU E 137 -15.54 -18.06 -1.15
C GLU E 137 -14.38 -18.66 -0.36
N GLU E 138 -14.58 -18.89 0.94
CA GLU E 138 -13.50 -19.43 1.76
C GLU E 138 -13.15 -20.85 1.37
N ASP E 139 -14.15 -21.66 1.02
CA ASP E 139 -13.86 -22.99 0.48
C ASP E 139 -13.14 -22.92 -0.86
N GLY E 140 -13.56 -22.04 -1.75
CA GLY E 140 -12.93 -21.91 -3.05
C GLY E 140 -13.74 -22.37 -4.24
N TYR E 141 -15.06 -22.52 -4.09
CA TYR E 141 -15.97 -22.87 -5.18
C TYR E 141 -15.60 -24.24 -5.78
N THR E 142 -15.65 -25.26 -4.94
CA THR E 142 -15.31 -26.61 -5.35
C THR E 142 -16.37 -27.17 -6.30
N LEU E 143 -16.00 -28.23 -7.02
CA LEU E 143 -16.84 -28.87 -8.01
C LEU E 143 -17.37 -30.20 -7.49
N PHE E 144 -18.56 -30.57 -7.95
CA PHE E 144 -19.14 -31.87 -7.67
C PHE E 144 -19.94 -32.34 -8.87
N VAL E 145 -19.77 -33.60 -9.24
CA VAL E 145 -20.47 -34.20 -10.38
C VAL E 145 -20.63 -35.68 -10.13
N ALA E 146 -21.78 -36.23 -10.53
CA ALA E 146 -22.07 -37.64 -10.35
C ALA E 146 -23.06 -38.10 -11.41
N GLY E 147 -22.93 -39.37 -11.79
CA GLY E 147 -23.87 -39.97 -12.73
C GLY E 147 -23.61 -39.64 -14.18
N PHE E 148 -22.43 -39.98 -14.68
CA PHE E 148 -22.07 -39.69 -16.06
C PHE E 148 -22.88 -40.55 -17.02
N GLU E 149 -23.39 -39.92 -18.08
CA GLU E 149 -24.06 -40.62 -19.17
C GLU E 149 -23.43 -40.15 -20.47
N ASP E 150 -22.94 -41.08 -21.27
CA ASP E 150 -22.15 -40.73 -22.44
C ASP E 150 -23.04 -40.24 -23.58
N GLY E 151 -22.42 -39.47 -24.48
CA GLY E 151 -23.09 -39.01 -25.69
C GLY E 151 -22.13 -38.98 -26.86
N GLY E 152 -20.94 -39.56 -26.67
CA GLY E 152 -19.92 -39.57 -27.69
C GLY E 152 -18.71 -38.72 -27.39
N ALA E 153 -18.66 -38.07 -26.24
CA ALA E 153 -17.55 -37.20 -25.87
C ALA E 153 -16.62 -37.78 -24.82
N GLY E 154 -17.15 -38.57 -23.89
CA GLY E 154 -16.34 -39.19 -22.86
C GLY E 154 -16.45 -38.47 -21.53
N ASP E 155 -15.88 -39.11 -20.50
CA ASP E 155 -15.90 -38.57 -19.15
C ASP E 155 -14.55 -37.94 -18.86
N SER E 156 -14.53 -36.61 -18.72
CA SER E 156 -13.31 -35.89 -18.41
C SER E 156 -13.47 -34.93 -17.23
N LEU E 157 -14.61 -34.97 -16.54
CA LEU E 157 -14.83 -34.16 -15.37
C LEU E 157 -14.96 -34.96 -14.08
N SER E 158 -15.20 -36.28 -14.18
CA SER E 158 -15.35 -37.09 -12.98
C SER E 158 -14.04 -37.30 -12.26
N TYR E 159 -12.92 -37.28 -12.98
CA TYR E 159 -11.62 -37.38 -12.34
C TYR E 159 -11.39 -36.18 -11.42
N HIS E 160 -11.90 -35.02 -11.83
CA HIS E 160 -11.91 -33.82 -11.00
C HIS E 160 -13.08 -33.89 -10.01
N SER E 161 -13.44 -32.75 -9.42
CA SER E 161 -14.47 -32.60 -8.40
C SER E 161 -13.87 -32.92 -7.03
N GLY E 162 -14.21 -32.09 -6.04
CA GLY E 162 -13.46 -32.01 -4.82
C GLY E 162 -12.25 -31.10 -4.89
N GLN E 163 -11.98 -30.50 -6.04
CA GLN E 163 -10.87 -29.58 -6.23
C GLN E 163 -11.40 -28.17 -6.40
N LYS E 164 -10.69 -27.22 -5.79
CA LYS E 164 -11.10 -25.82 -5.81
C LYS E 164 -10.79 -25.17 -7.16
N PHE E 165 -11.51 -24.09 -7.44
CA PHE E 165 -11.20 -23.27 -8.60
C PHE E 165 -9.83 -22.61 -8.43
N SER E 166 -9.17 -22.33 -9.54
CA SER E 166 -7.83 -21.79 -9.49
C SER E 166 -7.63 -20.83 -10.65
N THR E 167 -6.60 -19.99 -10.53
CA THR E 167 -6.23 -19.01 -11.54
C THR E 167 -4.72 -18.84 -11.54
N PHE E 168 -4.25 -17.93 -12.40
CA PHE E 168 -2.83 -17.69 -12.60
C PHE E 168 -2.26 -16.70 -11.60
N ASP E 169 -3.12 -15.90 -10.96
CA ASP E 169 -2.65 -14.91 -10.01
C ASP E 169 -2.93 -15.31 -8.57
N ARG E 170 -3.69 -16.38 -8.36
CA ARG E 170 -4.00 -16.84 -7.01
C ARG E 170 -2.90 -17.72 -6.45
N ASP E 171 -2.64 -18.84 -7.14
CA ASP E 171 -2.15 -20.03 -6.50
C ASP E 171 -0.63 -20.21 -6.58
N GLN E 172 -0.19 -20.68 -7.75
CA GLN E 172 1.21 -20.68 -8.20
C GLN E 172 2.22 -21.00 -7.09
N ASP E 173 1.83 -21.84 -6.14
CA ASP E 173 2.76 -22.33 -5.11
C ASP E 173 2.83 -23.85 -5.08
N LEU E 174 1.70 -24.53 -4.92
CA LEU E 174 1.72 -25.98 -4.87
C LEU E 174 1.93 -26.59 -6.24
N PHE E 175 1.62 -25.84 -7.30
CA PHE E 175 1.91 -26.32 -8.65
C PHE E 175 3.41 -26.44 -8.90
N VAL E 176 4.19 -25.48 -8.38
CA VAL E 176 5.63 -25.49 -8.61
C VAL E 176 6.30 -26.65 -7.85
N GLN E 177 5.70 -27.08 -6.73
CA GLN E 177 6.26 -28.22 -6.02
C GLN E 177 5.92 -29.54 -6.70
N ASN E 178 4.63 -29.82 -6.87
CA ASN E 178 4.23 -31.10 -7.46
C ASN E 178 4.65 -31.20 -8.93
N CYS E 179 4.31 -30.19 -9.72
CA CYS E 179 4.68 -30.11 -11.13
C CYS E 179 5.76 -29.04 -11.30
N ALA E 180 6.10 -28.75 -12.54
CA ALA E 180 6.92 -27.60 -12.88
C ALA E 180 6.07 -26.60 -13.67
N ALA E 181 6.62 -25.40 -13.83
CA ALA E 181 5.98 -24.33 -14.61
C ALA E 181 4.66 -23.87 -14.00
N LEU E 182 4.15 -22.74 -14.48
CA LEU E 182 2.97 -22.10 -13.94
C LEU E 182 1.72 -22.52 -14.72
N SER E 183 0.58 -22.48 -14.02
CA SER E 183 -0.67 -23.00 -14.57
C SER E 183 -1.19 -22.11 -15.69
N SER E 184 -1.46 -20.83 -15.38
CA SER E 184 -2.00 -19.87 -16.35
C SER E 184 -3.31 -20.36 -16.95
N GLY E 185 -4.18 -20.91 -16.10
CA GLY E 185 -5.47 -21.40 -16.55
C GLY E 185 -6.51 -21.26 -15.46
N ALA E 186 -7.77 -21.37 -15.86
CA ALA E 186 -8.90 -21.18 -14.97
C ALA E 186 -9.85 -22.37 -15.10
N PHE E 187 -9.77 -23.31 -14.17
CA PHE E 187 -10.65 -24.47 -14.13
C PHE E 187 -10.47 -25.15 -12.78
N TRP E 188 -11.10 -26.31 -12.62
CA TRP E 188 -10.96 -27.13 -11.42
C TRP E 188 -9.85 -28.15 -11.67
N PHE E 189 -8.65 -27.86 -11.18
CA PHE E 189 -7.48 -28.67 -11.46
C PHE E 189 -7.21 -29.67 -10.34
N ARG E 190 -6.87 -30.89 -10.72
CA ARG E 190 -6.60 -31.99 -9.79
C ARG E 190 -5.13 -32.37 -9.73
N SER E 191 -4.46 -32.43 -10.87
CA SER E 191 -3.06 -32.83 -10.95
C SER E 191 -2.39 -31.94 -11.99
N CYS E 192 -1.25 -32.39 -12.52
CA CYS E 192 -0.47 -31.62 -13.48
C CYS E 192 -1.15 -31.49 -14.85
N HIS E 193 -2.40 -31.94 -15.01
CA HIS E 193 -3.08 -31.86 -16.29
C HIS E 193 -3.51 -30.42 -16.58
N PHE E 194 -3.22 -29.93 -17.79
CA PHE E 194 -3.49 -28.55 -18.14
C PHE E 194 -4.40 -28.44 -19.35
N ALA E 195 -5.47 -29.24 -19.37
CA ALA E 195 -6.44 -29.23 -20.47
C ALA E 195 -7.79 -28.75 -19.93
N ASN E 196 -8.32 -27.70 -20.52
CA ASN E 196 -9.60 -27.16 -20.10
C ASN E 196 -10.18 -26.31 -21.22
N LEU E 197 -11.46 -25.97 -21.07
CA LEU E 197 -12.18 -25.19 -22.07
C LEU E 197 -12.01 -23.69 -21.89
N ASN E 198 -11.26 -23.24 -20.89
CA ASN E 198 -11.00 -21.82 -20.67
C ASN E 198 -9.58 -21.44 -21.06
N GLY E 199 -9.06 -22.03 -22.13
CA GLY E 199 -7.74 -21.73 -22.62
C GLY E 199 -7.75 -20.74 -23.77
N PHE E 200 -6.59 -20.60 -24.39
CA PHE E 200 -6.43 -19.67 -25.50
C PHE E 200 -7.10 -20.23 -26.76
N TYR E 201 -7.53 -19.32 -27.62
CA TYR E 201 -8.22 -19.69 -28.86
C TYR E 201 -7.18 -19.85 -29.97
N LEU E 202 -6.85 -21.10 -30.27
CA LEU E 202 -5.98 -21.45 -31.38
C LEU E 202 -6.82 -21.97 -32.54
N GLY E 203 -6.16 -22.30 -33.64
CA GLY E 203 -6.85 -22.76 -34.83
C GLY E 203 -7.30 -24.20 -34.73
N GLY E 204 -7.26 -24.91 -35.86
CA GLY E 204 -7.68 -26.30 -35.84
C GLY E 204 -6.74 -27.18 -35.03
N SER E 205 -5.44 -26.99 -35.20
CA SER E 205 -4.44 -27.80 -34.52
C SER E 205 -3.25 -26.93 -34.13
N HIS E 206 -2.48 -27.41 -33.18
CA HIS E 206 -1.31 -26.69 -32.69
C HIS E 206 -0.21 -27.68 -32.32
N LEU E 207 1.02 -27.18 -32.28
CA LEU E 207 2.16 -28.02 -31.94
C LEU E 207 2.48 -28.03 -30.45
N SER E 208 2.08 -27.00 -29.72
CA SER E 208 2.35 -26.95 -28.30
C SER E 208 1.48 -27.96 -27.55
N TYR E 209 1.77 -28.12 -26.26
CA TYR E 209 1.00 -29.04 -25.43
C TYR E 209 -0.34 -28.39 -25.11
N ALA E 210 -1.06 -28.93 -24.13
CA ALA E 210 -2.44 -28.54 -23.90
C ALA E 210 -2.48 -27.11 -23.38
N ASN E 211 -2.75 -26.16 -24.28
CA ASN E 211 -2.97 -24.78 -23.88
C ASN E 211 -4.11 -24.11 -24.66
N GLY E 212 -4.84 -24.86 -25.48
CA GLY E 212 -6.00 -24.33 -26.16
C GLY E 212 -7.28 -24.87 -25.57
N ILE E 213 -8.36 -24.87 -26.36
CA ILE E 213 -9.63 -25.43 -25.88
C ILE E 213 -9.62 -26.93 -26.11
N ASN E 214 -9.23 -27.69 -25.08
CA ASN E 214 -8.96 -29.12 -25.21
C ASN E 214 -9.96 -29.92 -24.39
N TRP E 215 -10.51 -30.97 -25.01
CA TRP E 215 -11.28 -32.00 -24.33
C TRP E 215 -10.58 -33.33 -24.62
N ALA E 216 -9.84 -33.82 -23.63
CA ALA E 216 -8.87 -34.89 -23.89
C ALA E 216 -9.54 -36.17 -24.38
N GLN E 217 -10.72 -36.49 -23.84
CA GLN E 217 -11.34 -37.76 -24.18
C GLN E 217 -11.81 -37.81 -25.62
N TRP E 218 -12.26 -36.68 -26.18
CA TRP E 218 -12.79 -36.70 -27.54
C TRP E 218 -11.68 -36.62 -28.59
N LYS E 219 -10.92 -35.52 -28.59
CA LYS E 219 -9.93 -35.26 -29.63
C LYS E 219 -8.51 -35.58 -29.18
N GLY E 220 -8.06 -34.96 -28.10
CA GLY E 220 -6.71 -35.18 -27.61
C GLY E 220 -6.12 -33.89 -27.10
N PHE E 221 -4.81 -33.91 -26.87
CA PHE E 221 -4.09 -32.80 -26.29
C PHE E 221 -3.51 -31.85 -27.34
N TYR E 222 -3.80 -32.07 -28.62
CA TYR E 222 -3.22 -31.25 -29.68
C TYR E 222 -4.28 -30.69 -30.63
N TYR E 223 -5.54 -30.69 -30.22
CA TYR E 223 -6.63 -30.17 -31.04
C TYR E 223 -7.47 -29.20 -30.21
N SER E 224 -7.63 -27.98 -30.72
CA SER E 224 -8.42 -26.96 -30.06
C SER E 224 -9.76 -26.83 -30.78
N LEU E 225 -10.85 -26.86 -30.02
CA LEU E 225 -12.18 -26.96 -30.58
C LEU E 225 -12.61 -25.65 -31.22
N LYS E 226 -13.84 -25.61 -31.71
CA LYS E 226 -14.45 -24.44 -32.33
C LYS E 226 -15.49 -23.77 -31.47
N ARG E 227 -16.38 -24.53 -30.85
CA ARG E 227 -17.47 -23.98 -30.05
C ARG E 227 -17.59 -24.77 -28.76
N THR E 228 -17.86 -24.05 -27.66
CA THR E 228 -18.10 -24.67 -26.36
C THR E 228 -19.37 -24.08 -25.77
N GLU E 229 -20.04 -24.87 -24.94
CA GLU E 229 -21.25 -24.42 -24.26
C GLU E 229 -21.58 -25.35 -23.10
N MET E 230 -21.73 -24.77 -21.90
CA MET E 230 -22.10 -25.51 -20.71
C MET E 230 -23.41 -24.96 -20.17
N LYS E 231 -24.37 -25.84 -19.92
CA LYS E 231 -25.69 -25.45 -19.46
C LYS E 231 -26.06 -26.26 -18.22
N ILE E 232 -27.07 -25.79 -17.50
CA ILE E 232 -27.61 -26.51 -16.36
C ILE E 232 -29.13 -26.48 -16.44
N ARG E 233 -29.76 -27.43 -15.75
CA ARG E 233 -31.21 -27.57 -15.77
C ARG E 233 -31.66 -28.27 -14.50
N ARG E 234 -32.83 -27.88 -13.99
CA ARG E 234 -33.35 -28.50 -12.78
C ARG E 234 -33.77 -29.94 -13.05
N ALA E 235 -33.68 -30.77 -12.02
CA ALA E 235 -34.03 -32.18 -12.14
C ALA E 235 -34.60 -32.71 -10.83
N GLN F 17 -43.26 1.51 -5.93
CA GLN F 17 -42.55 2.76 -5.75
C GLN F 17 -42.22 3.40 -7.09
N PRO F 18 -42.12 4.73 -7.14
CA PRO F 18 -41.77 5.38 -8.41
C PRO F 18 -40.34 5.05 -8.81
N LEU F 19 -40.16 4.71 -10.08
CA LEU F 19 -38.83 4.40 -10.61
C LEU F 19 -38.18 5.60 -11.28
N ASP F 20 -38.99 6.48 -11.86
CA ASP F 20 -38.47 7.67 -12.53
C ASP F 20 -39.58 8.72 -12.54
N CYS F 21 -39.37 9.78 -13.32
CA CYS F 21 -40.35 10.87 -13.39
C CYS F 21 -41.62 10.48 -14.11
N ASP F 22 -41.60 9.44 -14.94
CA ASP F 22 -42.82 9.00 -15.61
C ASP F 22 -43.87 8.51 -14.61
N ASP F 23 -43.43 7.78 -13.59
CA ASP F 23 -44.35 7.37 -12.53
C ASP F 23 -44.68 8.52 -11.60
N ILE F 24 -43.83 9.55 -11.56
CA ILE F 24 -44.12 10.74 -10.77
C ILE F 24 -45.24 11.55 -11.43
N TYR F 25 -45.30 11.52 -12.76
CA TYR F 25 -46.38 12.21 -13.48
C TYR F 25 -47.75 11.71 -13.06
N ALA F 26 -47.87 10.42 -12.74
CA ALA F 26 -49.11 9.87 -12.25
C ALA F 26 -49.30 10.26 -10.79
N GLN F 27 -50.30 9.68 -10.12
CA GLN F 27 -50.78 10.07 -8.79
C GLN F 27 -50.90 11.58 -8.66
N GLY F 28 -51.19 12.27 -9.75
CA GLY F 28 -51.49 13.69 -9.71
C GLY F 28 -50.38 14.57 -9.17
N TYR F 29 -49.15 14.38 -9.66
CA TYR F 29 -48.03 15.20 -9.22
C TYR F 29 -47.37 15.91 -10.40
N GLN F 30 -48.18 16.47 -11.29
CA GLN F 30 -47.66 17.18 -12.46
C GLN F 30 -47.18 18.58 -12.06
N SER F 31 -45.89 18.68 -11.79
CA SER F 31 -45.28 19.96 -11.44
C SER F 31 -43.80 19.94 -11.77
N ASP F 32 -43.08 20.99 -11.38
CA ASP F 32 -41.66 21.13 -11.68
C ASP F 32 -40.89 21.33 -10.38
N GLY F 33 -40.14 20.30 -9.98
CA GLY F 33 -39.42 20.36 -8.73
C GLY F 33 -38.69 19.06 -8.46
N VAL F 34 -38.05 19.02 -7.30
CA VAL F 34 -37.22 17.88 -6.90
C VAL F 34 -38.10 16.81 -6.27
N TYR F 35 -37.98 15.58 -6.77
CA TYR F 35 -38.75 14.47 -6.22
C TYR F 35 -37.83 13.33 -5.82
N LEU F 36 -38.39 12.19 -5.46
CA LEU F 36 -37.64 11.02 -5.03
C LEU F 36 -37.92 9.86 -5.98
N ILE F 37 -36.88 9.09 -6.29
CA ILE F 37 -37.01 7.92 -7.16
C ILE F 37 -36.29 6.75 -6.51
N TYR F 38 -36.68 5.55 -6.91
CA TYR F 38 -36.23 4.30 -6.29
C TYR F 38 -35.64 3.39 -7.35
N PRO F 39 -34.38 3.62 -7.75
CA PRO F 39 -33.79 2.80 -8.81
C PRO F 39 -33.17 1.49 -8.32
N SER F 40 -32.81 1.39 -7.05
CA SER F 40 -32.05 0.26 -6.52
C SER F 40 -32.72 -0.31 -5.28
N GLY F 41 -34.03 -0.55 -5.35
CA GLY F 41 -34.75 -1.16 -4.27
C GLY F 41 -35.66 -0.19 -3.55
N PRO F 42 -36.53 -0.73 -2.68
CA PRO F 42 -37.47 0.14 -1.96
C PRO F 42 -36.79 1.08 -0.97
N SER F 43 -35.56 0.81 -0.57
CA SER F 43 -34.85 1.67 0.38
C SER F 43 -33.82 2.53 -0.35
N VAL F 44 -33.28 3.50 0.38
CA VAL F 44 -32.26 4.43 -0.10
C VAL F 44 -32.70 5.10 -1.40
N PRO F 45 -33.65 6.03 -1.36
CA PRO F 45 -34.04 6.76 -2.57
C PRO F 45 -33.01 7.83 -2.93
N VAL F 46 -33.20 8.42 -4.10
CA VAL F 46 -32.31 9.45 -4.63
C VAL F 46 -33.14 10.66 -5.06
N PRO F 47 -32.76 11.87 -4.66
CA PRO F 47 -33.49 13.06 -5.11
C PRO F 47 -33.01 13.52 -6.47
N VAL F 48 -33.97 13.83 -7.35
CA VAL F 48 -33.69 14.18 -8.73
C VAL F 48 -34.64 15.30 -9.15
N PHE F 49 -34.42 15.85 -10.33
CA PHE F 49 -35.17 16.99 -10.84
C PHE F 49 -35.90 16.58 -12.12
N CYS F 50 -37.22 16.70 -12.11
CA CYS F 50 -38.06 16.38 -13.26
C CYS F 50 -38.57 17.68 -13.87
N ASP F 51 -38.41 17.81 -15.18
CA ASP F 51 -38.77 19.05 -15.88
C ASP F 51 -40.05 18.73 -16.66
N MET F 52 -41.17 18.96 -15.99
CA MET F 52 -42.48 18.60 -16.52
C MET F 52 -43.18 19.78 -17.19
N THR F 53 -42.50 20.49 -18.08
CA THR F 53 -43.16 21.62 -18.73
C THR F 53 -42.80 21.83 -20.20
N THR F 54 -42.02 20.95 -20.82
CA THR F 54 -41.54 21.23 -22.18
C THR F 54 -42.48 20.69 -23.25
N GLU F 55 -42.63 19.35 -23.32
CA GLU F 55 -43.44 18.74 -24.35
C GLU F 55 -44.60 17.94 -23.79
N GLY F 56 -44.36 17.04 -22.83
CA GLY F 56 -45.42 16.25 -22.26
C GLY F 56 -45.16 15.87 -20.83
N GLY F 57 -44.19 16.50 -20.19
CA GLY F 57 -43.77 16.10 -18.86
C GLY F 57 -42.67 15.07 -18.92
N LYS F 58 -42.51 14.28 -17.85
CA LYS F 58 -41.47 13.25 -17.75
C LYS F 58 -40.12 13.95 -17.86
N TRP F 59 -39.24 13.54 -18.78
CA TRP F 59 -37.97 14.21 -19.03
C TRP F 59 -37.10 14.24 -17.75
N THR F 60 -36.71 13.03 -17.33
CA THR F 60 -35.79 12.92 -16.20
C THR F 60 -34.43 13.51 -16.59
N VAL F 61 -33.87 14.32 -15.71
CA VAL F 61 -32.67 15.10 -16.00
C VAL F 61 -31.48 14.48 -15.26
N PHE F 62 -30.42 14.13 -15.99
CA PHE F 62 -29.22 13.59 -15.38
C PHE F 62 -27.99 14.46 -15.63
N GLN F 63 -28.18 15.75 -15.91
CA GLN F 63 -27.08 16.68 -16.07
C GLN F 63 -27.64 18.10 -16.10
N LYS F 64 -26.91 19.04 -15.51
CA LYS F 64 -27.38 20.43 -15.43
C LYS F 64 -26.20 21.35 -15.20
N ARG F 65 -26.11 22.42 -15.98
CA ARG F 65 -25.15 23.50 -15.77
C ARG F 65 -25.78 24.81 -16.20
N PHE F 66 -25.63 25.85 -15.37
CA PHE F 66 -25.99 27.20 -15.81
C PHE F 66 -24.98 28.27 -15.41
N ASN F 67 -24.07 28.02 -14.49
CA ASN F 67 -22.98 28.94 -14.20
C ASN F 67 -21.77 28.12 -13.76
N GLY F 68 -20.76 28.79 -13.21
CA GLY F 68 -19.55 28.06 -12.88
C GLY F 68 -19.70 27.11 -11.71
N SER F 69 -19.82 27.66 -10.50
CA SER F 69 -20.10 26.92 -9.27
C SER F 69 -19.40 25.57 -9.18
N VAL F 70 -20.17 24.50 -9.35
CA VAL F 70 -19.66 23.13 -9.20
C VAL F 70 -18.61 22.85 -10.24
N SER F 71 -17.52 22.20 -9.83
CA SER F 71 -16.47 21.80 -10.74
C SER F 71 -16.72 20.39 -11.27
N PHE F 72 -16.35 20.15 -12.52
CA PHE F 72 -16.65 18.90 -13.19
C PHE F 72 -15.41 18.09 -13.55
N PHE F 73 -14.26 18.40 -12.96
CA PHE F 73 -13.05 17.63 -13.23
C PHE F 73 -13.20 16.19 -12.75
N ARG F 74 -13.29 15.99 -11.43
CA ARG F 74 -13.69 14.71 -10.83
C ARG F 74 -12.86 13.51 -11.28
N GLY F 75 -13.27 12.30 -10.87
CA GLY F 75 -12.59 11.08 -11.22
C GLY F 75 -13.55 9.94 -11.53
N TRP F 76 -13.07 8.69 -11.49
CA TRP F 76 -13.93 7.56 -11.85
C TRP F 76 -14.97 7.27 -10.77
N ASN F 77 -14.57 7.36 -9.50
CA ASN F 77 -15.51 7.10 -8.41
C ASN F 77 -16.64 8.13 -8.39
N ASP F 78 -16.31 9.40 -8.60
CA ASP F 78 -17.33 10.45 -8.56
C ASP F 78 -18.32 10.30 -9.70
N TYR F 79 -17.84 10.02 -10.92
CA TYR F 79 -18.74 9.80 -12.04
C TYR F 79 -19.52 8.50 -11.90
N LYS F 80 -18.99 7.53 -11.14
CA LYS F 80 -19.73 6.30 -10.91
C LYS F 80 -20.85 6.48 -9.89
N LEU F 81 -20.62 7.30 -8.86
CA LEU F 81 -21.59 7.45 -7.79
C LEU F 81 -22.43 8.72 -7.88
N GLY F 82 -21.91 9.78 -8.49
CA GLY F 82 -22.68 10.99 -8.65
C GLY F 82 -22.26 12.09 -7.70
N PHE F 83 -22.45 13.34 -8.13
CA PHE F 83 -22.06 14.50 -7.35
C PHE F 83 -22.99 15.65 -7.68
N GLY F 84 -22.96 16.67 -6.83
CA GLY F 84 -23.74 17.88 -7.04
C GLY F 84 -24.97 17.95 -6.16
N ARG F 85 -25.82 18.92 -6.46
CA ARG F 85 -27.05 19.15 -5.72
C ARG F 85 -28.24 19.05 -6.66
N ALA F 86 -29.40 18.67 -6.10
CA ALA F 86 -30.58 18.43 -6.92
C ALA F 86 -31.15 19.71 -7.50
N ASP F 87 -31.09 20.82 -6.76
CA ASP F 87 -31.66 22.06 -7.26
C ASP F 87 -30.69 22.83 -8.14
N GLY F 88 -29.39 22.62 -7.98
CA GLY F 88 -28.41 23.31 -8.80
C GLY F 88 -27.85 22.45 -9.91
N GLU F 89 -26.53 22.39 -10.01
CA GLU F 89 -25.85 21.55 -11.00
C GLU F 89 -25.46 20.22 -10.38
N TYR F 90 -25.51 19.15 -11.17
CA TYR F 90 -25.23 17.83 -10.65
C TYR F 90 -24.96 16.85 -11.78
N TRP F 91 -24.56 15.64 -11.38
CA TRP F 91 -24.39 14.51 -12.28
C TRP F 91 -24.98 13.29 -11.60
N LEU F 92 -25.97 12.66 -12.23
CA LEU F 92 -26.74 11.62 -11.56
C LEU F 92 -25.89 10.40 -11.23
N GLY F 93 -25.04 9.97 -12.15
CA GLY F 93 -24.20 8.81 -11.83
C GLY F 93 -24.46 7.67 -12.80
N LEU F 94 -23.37 7.13 -13.35
CA LEU F 94 -23.49 6.09 -14.38
C LEU F 94 -24.20 4.85 -13.84
N GLN F 95 -24.02 4.54 -12.57
CA GLN F 95 -24.63 3.34 -11.99
C GLN F 95 -26.15 3.45 -11.99
N ASN F 96 -26.68 4.60 -11.56
CA ASN F 96 -28.12 4.78 -11.48
C ASN F 96 -28.75 4.85 -12.86
N MET F 97 -28.09 5.52 -13.81
CA MET F 97 -28.60 5.54 -15.17
C MET F 97 -28.59 4.15 -15.78
N HIS F 98 -27.54 3.37 -15.52
CA HIS F 98 -27.51 2.00 -16.02
C HIS F 98 -28.65 1.18 -15.44
N LEU F 99 -28.88 1.31 -14.13
CA LEU F 99 -29.96 0.56 -13.49
C LEU F 99 -31.32 0.96 -14.06
N LEU F 100 -31.51 2.26 -14.31
CA LEU F 100 -32.77 2.72 -14.89
C LEU F 100 -32.96 2.17 -16.30
N THR F 101 -31.95 2.31 -17.15
CA THR F 101 -32.10 1.93 -18.55
C THR F 101 -32.16 0.43 -18.74
N LEU F 102 -31.62 -0.36 -17.81
CA LEU F 102 -31.67 -1.81 -17.97
C LEU F 102 -33.10 -2.33 -17.94
N LYS F 103 -33.92 -1.82 -17.02
CA LYS F 103 -35.28 -2.33 -16.85
C LYS F 103 -36.23 -1.89 -17.96
N GLN F 104 -36.21 -0.61 -18.33
CA GLN F 104 -37.15 -0.05 -19.29
C GLN F 104 -36.41 0.63 -20.44
N LYS F 105 -37.10 0.74 -21.57
CA LYS F 105 -36.58 1.50 -22.69
C LYS F 105 -36.75 3.00 -22.44
N TYR F 106 -35.95 3.80 -23.13
CA TYR F 106 -35.98 5.25 -22.94
C TYR F 106 -35.68 5.93 -24.27
N GLU F 107 -35.48 7.25 -24.20
CA GLU F 107 -35.26 8.08 -25.38
C GLU F 107 -34.60 9.38 -24.92
N LEU F 108 -33.54 9.79 -25.62
CA LEU F 108 -32.66 10.86 -25.17
C LEU F 108 -32.99 12.18 -25.85
N ARG F 109 -32.98 13.26 -25.08
CA ARG F 109 -33.12 14.62 -25.59
C ARG F 109 -32.04 15.50 -24.98
N VAL F 110 -31.41 16.33 -25.81
CA VAL F 110 -30.40 17.30 -25.39
C VAL F 110 -30.84 18.68 -25.87
N ASP F 111 -30.78 19.66 -24.97
CA ASP F 111 -31.08 21.04 -25.31
C ASP F 111 -29.99 21.94 -24.78
N LEU F 112 -29.54 22.87 -25.61
CA LEU F 112 -28.38 23.70 -25.32
C LEU F 112 -28.67 25.14 -25.72
N GLU F 113 -27.88 26.06 -25.18
CA GLU F 113 -28.13 27.49 -25.33
C GLU F 113 -26.82 28.25 -25.33
N ASP F 114 -26.63 29.11 -26.34
CA ASP F 114 -25.42 29.90 -26.45
C ASP F 114 -25.43 31.04 -25.44
N PHE F 115 -24.43 31.92 -25.51
CA PHE F 115 -24.31 32.96 -24.49
C PHE F 115 -25.26 34.12 -24.73
N GLU F 116 -25.41 34.55 -25.99
CA GLU F 116 -26.17 35.78 -26.21
C GLU F 116 -27.64 35.64 -25.85
N ASN F 117 -28.46 34.94 -26.65
CA ASN F 117 -29.81 34.57 -26.25
C ASN F 117 -30.33 33.32 -26.94
N ASN F 118 -29.49 32.69 -27.77
CA ASN F 118 -29.93 31.65 -28.70
C ASN F 118 -30.06 30.29 -28.00
N THR F 119 -30.93 29.44 -28.54
CA THR F 119 -31.13 28.09 -28.04
C THR F 119 -31.28 27.13 -29.22
N ALA F 120 -31.08 25.85 -28.92
CA ALA F 120 -31.23 24.78 -29.90
C ALA F 120 -31.47 23.47 -29.16
N TYR F 121 -31.69 22.40 -29.92
CA TYR F 121 -31.93 21.10 -29.30
C TYR F 121 -31.71 19.99 -30.31
N ALA F 122 -31.56 18.76 -29.80
CA ALA F 122 -31.40 17.57 -30.60
C ALA F 122 -32.16 16.42 -29.94
N LYS F 123 -32.50 15.41 -30.73
CA LYS F 123 -33.28 14.28 -30.24
C LYS F 123 -32.72 12.98 -30.80
N TYR F 124 -32.71 11.94 -29.96
CA TYR F 124 -32.27 10.61 -30.36
C TYR F 124 -33.36 9.61 -29.99
N ALA F 125 -33.60 8.64 -30.88
CA ALA F 125 -34.74 7.75 -30.72
C ALA F 125 -34.54 6.69 -29.66
N ASP F 126 -33.32 6.18 -29.49
CA ASP F 126 -33.04 5.12 -28.54
C ASP F 126 -31.79 5.46 -27.73
N PHE F 127 -31.87 5.26 -26.42
CA PHE F 127 -30.75 5.54 -25.52
C PHE F 127 -30.60 4.43 -24.51
N SER F 128 -29.38 3.91 -24.38
CA SER F 128 -29.10 2.85 -23.41
C SER F 128 -27.62 2.88 -23.07
N ILE F 129 -27.29 2.30 -21.92
CA ILE F 129 -25.92 2.23 -21.42
C ILE F 129 -25.59 0.78 -21.10
N SER F 130 -24.62 0.22 -21.84
CA SER F 130 -24.20 -1.18 -21.68
C SER F 130 -25.41 -2.10 -21.73
N PRO F 131 -26.01 -2.28 -22.91
CA PRO F 131 -27.32 -2.95 -23.00
C PRO F 131 -27.36 -4.35 -22.42
N ASN F 132 -26.52 -5.27 -22.91
CA ASN F 132 -26.61 -6.68 -22.54
C ASN F 132 -25.33 -7.22 -21.94
N ALA F 133 -24.73 -6.48 -21.01
CA ALA F 133 -23.50 -6.90 -20.34
C ALA F 133 -23.86 -7.63 -19.05
N VAL F 134 -23.15 -8.73 -18.78
CA VAL F 134 -23.32 -9.44 -17.52
C VAL F 134 -22.88 -8.56 -16.36
N SER F 135 -21.74 -7.88 -16.52
CA SER F 135 -21.27 -6.90 -15.56
C SER F 135 -21.05 -5.58 -16.30
N ALA F 136 -21.75 -4.52 -15.88
CA ALA F 136 -21.69 -3.25 -16.59
C ALA F 136 -20.35 -2.56 -16.36
N GLU F 137 -19.83 -2.63 -15.14
CA GLU F 137 -18.57 -1.96 -14.83
C GLU F 137 -17.41 -2.54 -15.62
N GLU F 138 -17.42 -3.86 -15.87
CA GLU F 138 -16.35 -4.47 -16.64
C GLU F 138 -16.38 -4.03 -18.10
N ASP F 139 -17.58 -3.81 -18.64
CA ASP F 139 -17.70 -3.34 -20.02
C ASP F 139 -17.19 -1.91 -20.17
N GLY F 140 -17.40 -1.06 -19.17
CA GLY F 140 -16.99 0.32 -19.25
C GLY F 140 -18.09 1.32 -19.47
N TYR F 141 -19.36 0.92 -19.32
CA TYR F 141 -20.52 1.80 -19.49
C TYR F 141 -20.55 2.40 -20.89
N THR F 142 -20.58 1.53 -21.90
CA THR F 142 -20.57 1.98 -23.27
C THR F 142 -21.87 2.70 -23.62
N LEU F 143 -21.83 3.47 -24.70
CA LEU F 143 -22.96 4.26 -25.14
C LEU F 143 -23.57 3.66 -26.39
N PHE F 144 -24.87 3.85 -26.56
CA PHE F 144 -25.60 3.41 -27.74
C PHE F 144 -26.73 4.38 -28.02
N VAL F 145 -26.71 5.01 -29.19
CA VAL F 145 -27.73 5.96 -29.60
C VAL F 145 -28.02 5.76 -31.08
N ALA F 146 -29.30 5.81 -31.44
CA ALA F 146 -29.70 5.65 -32.83
C ALA F 146 -31.02 6.39 -33.05
N GLY F 147 -31.28 6.74 -34.30
CA GLY F 147 -32.49 7.45 -34.65
C GLY F 147 -32.43 8.93 -34.37
N PHE F 148 -31.47 9.62 -34.99
CA PHE F 148 -31.32 11.06 -34.80
C PHE F 148 -32.47 11.82 -35.45
N GLU F 149 -32.86 12.93 -34.82
CA GLU F 149 -33.94 13.77 -35.30
C GLU F 149 -33.54 15.23 -35.09
N ASP F 150 -33.35 15.96 -36.17
CA ASP F 150 -32.73 17.27 -36.10
C ASP F 150 -33.67 18.30 -35.49
N GLY F 151 -33.07 19.28 -34.82
CA GLY F 151 -33.81 20.39 -34.26
C GLY F 151 -33.04 21.70 -34.36
N GLY F 152 -31.95 21.70 -35.12
CA GLY F 152 -31.12 22.88 -35.30
C GLY F 152 -29.79 22.83 -34.60
N ALA F 153 -29.40 21.67 -34.03
CA ALA F 153 -28.14 21.55 -33.31
C ALA F 153 -27.13 20.65 -34.00
N GLY F 154 -27.57 19.73 -34.85
CA GLY F 154 -26.67 18.83 -35.54
C GLY F 154 -26.51 17.51 -34.80
N ASP F 155 -25.83 16.57 -35.45
CA ASP F 155 -25.60 15.25 -34.90
C ASP F 155 -24.16 15.18 -34.39
N SER F 156 -24.00 15.06 -33.07
CA SER F 156 -22.68 14.98 -32.45
C SER F 156 -22.54 13.81 -31.50
N LEU F 157 -23.51 12.89 -31.46
CA LEU F 157 -23.40 11.68 -30.67
C LEU F 157 -23.51 10.40 -31.48
N SER F 158 -23.81 10.49 -32.78
CA SER F 158 -23.92 9.28 -33.61
C SER F 158 -22.55 8.75 -34.01
N TYR F 159 -21.56 9.64 -34.16
CA TYR F 159 -20.22 9.19 -34.49
C TYR F 159 -19.64 8.31 -33.38
N HIS F 160 -19.94 8.66 -32.13
CA HIS F 160 -19.61 7.86 -30.97
C HIS F 160 -20.63 6.72 -30.84
N SER F 161 -20.71 6.11 -29.66
CA SER F 161 -21.54 4.94 -29.36
C SER F 161 -20.82 3.69 -29.79
N GLY F 162 -20.81 2.68 -28.92
CA GLY F 162 -19.85 1.60 -29.00
C GLY F 162 -18.55 1.89 -28.31
N GLN F 163 -18.38 3.10 -27.78
CA GLN F 163 -17.19 3.52 -27.07
C GLN F 163 -17.47 3.59 -25.58
N LYS F 164 -16.45 3.31 -24.77
CA LYS F 164 -16.60 3.28 -23.33
C LYS F 164 -16.29 4.64 -22.72
N PHE F 165 -16.63 4.77 -21.43
CA PHE F 165 -16.33 5.98 -20.69
C PHE F 165 -14.86 5.98 -20.25
N SER F 166 -14.20 7.12 -20.41
CA SER F 166 -12.82 7.27 -19.99
C SER F 166 -12.68 8.56 -19.19
N THR F 167 -11.64 8.63 -18.39
CA THR F 167 -11.36 9.76 -17.51
C THR F 167 -9.86 10.06 -17.61
N PHE F 168 -9.40 11.01 -16.80
CA PHE F 168 -8.02 11.46 -16.79
C PHE F 168 -7.12 10.57 -15.95
N ASP F 169 -7.71 9.64 -15.19
CA ASP F 169 -6.91 8.77 -14.34
C ASP F 169 -7.12 7.28 -14.64
N ARG F 170 -8.18 6.92 -15.34
CA ARG F 170 -8.44 5.51 -15.60
C ARG F 170 -7.53 4.99 -16.71
N ASP F 171 -7.75 5.53 -17.91
CA ASP F 171 -7.08 5.05 -19.12
C ASP F 171 -5.74 5.71 -19.41
N GLN F 172 -5.79 6.92 -19.98
CA GLN F 172 -4.65 7.77 -20.31
C GLN F 172 -3.45 6.99 -20.84
N ASP F 173 -3.68 5.89 -21.57
CA ASP F 173 -2.56 5.12 -22.11
C ASP F 173 -2.72 4.81 -23.59
N LEU F 174 -3.94 4.52 -24.06
CA LEU F 174 -4.12 4.26 -25.48
C LEU F 174 -4.18 5.56 -26.25
N PHE F 175 -4.42 6.68 -25.56
CA PHE F 175 -4.50 7.97 -26.23
C PHE F 175 -3.13 8.50 -26.63
N VAL F 176 -2.10 8.27 -25.81
CA VAL F 176 -0.78 8.82 -26.11
C VAL F 176 -0.13 8.08 -27.26
N GLN F 177 -0.73 6.99 -27.73
CA GLN F 177 -0.18 6.27 -28.86
C GLN F 177 -0.76 6.78 -30.18
N ASN F 178 -2.09 6.81 -30.29
CA ASN F 178 -2.72 7.30 -31.50
C ASN F 178 -2.56 8.81 -31.63
N CYS F 179 -2.85 9.53 -30.56
CA CYS F 179 -2.77 10.98 -30.52
C CYS F 179 -1.60 11.39 -29.63
N ALA F 180 -1.44 12.69 -29.41
CA ALA F 180 -0.49 13.19 -28.42
C ALA F 180 -1.26 13.84 -27.27
N ALA F 181 -0.53 14.11 -26.20
CA ALA F 181 -1.07 14.77 -25.01
C ALA F 181 -2.12 13.91 -24.31
N LEU F 182 -2.50 14.29 -23.10
CA LEU F 182 -3.47 13.56 -22.30
C LEU F 182 -4.87 14.13 -22.53
N SER F 183 -5.88 13.33 -22.16
CA SER F 183 -7.25 13.69 -22.48
C SER F 183 -7.82 14.70 -21.49
N SER F 184 -7.86 14.34 -20.20
CA SER F 184 -8.41 15.19 -19.14
C SER F 184 -9.86 15.57 -19.43
N GLY F 185 -10.69 14.56 -19.71
CA GLY F 185 -12.09 14.78 -19.97
C GLY F 185 -12.91 13.56 -19.59
N ALA F 186 -14.22 13.75 -19.53
CA ALA F 186 -15.15 12.70 -19.08
C ALA F 186 -16.30 12.59 -20.06
N PHE F 187 -16.15 11.75 -21.07
CA PHE F 187 -17.18 11.51 -22.06
C PHE F 187 -16.85 10.22 -22.79
N TRP F 188 -17.72 9.85 -23.73
CA TRP F 188 -17.49 8.69 -24.59
C TRP F 188 -16.72 9.15 -25.82
N PHE F 189 -15.43 8.81 -25.88
CA PHE F 189 -14.55 9.31 -26.92
C PHE F 189 -14.34 8.25 -28.00
N ARG F 190 -14.10 8.71 -29.22
CA ARG F 190 -13.86 7.83 -30.35
C ARG F 190 -12.48 7.99 -30.97
N SER F 191 -12.03 9.23 -31.15
CA SER F 191 -10.71 9.50 -31.71
C SER F 191 -10.14 10.71 -30.99
N CYS F 192 -9.17 11.38 -31.62
CA CYS F 192 -8.54 12.51 -30.94
C CYS F 192 -9.44 13.73 -30.84
N HIS F 193 -10.72 13.71 -31.23
CA HIS F 193 -11.60 14.83 -30.98
C HIS F 193 -11.93 14.90 -29.49
N PHE F 194 -11.53 15.99 -28.85
CA PHE F 194 -11.63 16.10 -27.40
C PHE F 194 -12.61 17.18 -26.98
N ALA F 195 -13.75 17.25 -27.66
CA ALA F 195 -14.79 18.24 -27.37
C ALA F 195 -16.00 17.55 -26.77
N ASN F 196 -16.40 17.99 -25.58
CA ASN F 196 -17.52 17.37 -24.88
C ASN F 196 -18.14 18.41 -23.95
N LEU F 197 -19.35 18.08 -23.47
CA LEU F 197 -20.13 18.97 -22.63
C LEU F 197 -19.77 18.88 -21.15
N ASN F 198 -18.77 18.06 -20.78
CA ASN F 198 -18.31 17.94 -19.40
C ASN F 198 -16.93 18.55 -19.21
N GLY F 199 -16.67 19.68 -19.85
CA GLY F 199 -15.37 20.34 -19.78
C GLY F 199 -15.34 21.48 -18.79
N PHE F 200 -14.42 22.42 -19.03
CA PHE F 200 -14.25 23.57 -18.16
C PHE F 200 -15.23 24.68 -18.55
N TYR F 201 -15.47 25.59 -17.60
CA TYR F 201 -16.41 26.68 -17.80
C TYR F 201 -15.63 27.95 -18.13
N LEU F 202 -15.50 28.25 -19.42
CA LEU F 202 -14.83 29.44 -19.89
C LEU F 202 -15.88 30.47 -20.32
N GLY F 203 -15.41 31.62 -20.79
CA GLY F 203 -16.30 32.67 -21.21
C GLY F 203 -16.98 32.38 -22.53
N GLY F 204 -17.38 33.42 -23.25
CA GLY F 204 -18.05 33.21 -24.53
C GLY F 204 -17.13 32.58 -25.56
N SER F 205 -15.92 33.10 -25.69
CA SER F 205 -14.97 32.62 -26.68
C SER F 205 -13.59 32.49 -26.05
N HIS F 206 -12.80 31.56 -26.59
CA HIS F 206 -11.46 31.31 -26.09
C HIS F 206 -10.54 31.02 -27.25
N LEU F 207 -9.23 31.26 -27.03
CA LEU F 207 -8.23 31.05 -28.06
C LEU F 207 -7.71 29.62 -28.11
N SER F 208 -7.78 28.90 -27.00
CA SER F 208 -7.32 27.52 -26.95
C SER F 208 -8.28 26.62 -27.72
N TYR F 209 -7.84 25.39 -27.98
CA TYR F 209 -8.65 24.45 -28.74
C TYR F 209 -9.73 23.88 -27.83
N ALA F 210 -10.40 22.82 -28.27
CA ALA F 210 -11.64 22.38 -27.63
C ALA F 210 -11.32 21.84 -26.24
N ASN F 211 -11.48 22.69 -25.23
CA ASN F 211 -11.34 22.26 -23.84
C ASN F 211 -12.39 22.87 -22.93
N GLY F 212 -13.50 23.37 -23.47
CA GLY F 212 -14.58 23.89 -22.67
C GLY F 212 -15.86 23.10 -22.92
N ILE F 213 -17.00 23.77 -22.82
CA ILE F 213 -18.29 23.14 -23.09
C ILE F 213 -18.63 23.32 -24.56
N ASN F 214 -18.19 22.40 -25.40
CA ASN F 214 -18.26 22.55 -26.85
C ASN F 214 -19.23 21.54 -27.45
N TRP F 215 -20.08 22.02 -28.36
CA TRP F 215 -20.93 21.18 -29.20
C TRP F 215 -20.53 21.48 -30.63
N ALA F 216 -19.87 20.52 -31.27
CA ALA F 216 -19.12 20.80 -32.49
C ALA F 216 -20.03 21.27 -33.63
N GLN F 217 -21.20 20.65 -33.76
CA GLN F 217 -22.04 20.95 -34.92
C GLN F 217 -22.62 22.35 -34.88
N TRP F 218 -23.02 22.83 -33.70
CA TRP F 218 -23.74 24.11 -33.64
C TRP F 218 -22.79 25.29 -33.80
N LYS F 219 -21.84 25.44 -32.88
CA LYS F 219 -20.95 26.60 -32.88
C LYS F 219 -19.58 26.28 -33.46
N GLY F 220 -18.91 25.28 -32.93
CA GLY F 220 -17.59 24.91 -33.38
C GLY F 220 -16.72 24.55 -32.21
N PHE F 221 -15.41 24.59 -32.43
CA PHE F 221 -14.42 24.20 -31.44
C PHE F 221 -13.83 25.38 -30.69
N TYR F 222 -14.37 26.58 -30.86
CA TYR F 222 -13.83 27.77 -30.21
C TYR F 222 -14.89 28.58 -29.48
N TYR F 223 -15.95 27.93 -28.99
CA TYR F 223 -17.03 28.62 -28.29
C TYR F 223 -17.54 27.71 -27.18
N SER F 224 -17.46 28.18 -25.94
CA SER F 224 -17.95 27.45 -24.79
C SER F 224 -19.35 27.94 -24.43
N LEU F 225 -20.28 27.01 -24.31
CA LEU F 225 -21.70 27.35 -24.19
C LEU F 225 -21.99 27.91 -22.79
N LYS F 226 -23.26 28.22 -22.56
CA LYS F 226 -23.72 28.83 -21.31
C LYS F 226 -24.53 27.88 -20.44
N ARG F 227 -25.41 27.08 -21.02
CA ARG F 227 -26.25 26.16 -20.26
C ARG F 227 -26.34 24.83 -20.99
N THR F 228 -26.31 23.73 -20.22
CA THR F 228 -26.47 22.39 -20.76
C THR F 228 -27.52 21.63 -19.97
N GLU F 229 -28.15 20.66 -20.62
CA GLU F 229 -29.16 19.82 -19.98
C GLU F 229 -29.44 18.57 -20.81
N MET F 230 -29.35 17.39 -20.20
CA MET F 230 -29.61 16.13 -20.86
C MET F 230 -30.79 15.45 -20.16
N LYS F 231 -31.80 15.07 -20.92
CA LYS F 231 -33.01 14.45 -20.38
C LYS F 231 -33.35 13.19 -21.15
N ILE F 232 -33.94 12.22 -20.44
CA ILE F 232 -34.40 10.98 -21.04
C ILE F 232 -35.86 10.79 -20.71
N ARG F 233 -36.56 10.06 -21.59
CA ARG F 233 -38.00 9.84 -21.43
C ARG F 233 -38.36 8.47 -21.97
N ARG F 234 -39.36 7.83 -21.35
CA ARG F 234 -39.81 6.52 -21.79
C ARG F 234 -40.49 6.60 -23.15
N ALA F 235 -40.21 5.61 -23.99
CA ALA F 235 -40.79 5.55 -25.33
C ALA F 235 -41.56 4.25 -25.53
N GLN G 17 -42.51 -1.12 9.47
CA GLN G 17 -41.52 -1.14 10.52
C GLN G 17 -41.29 0.26 11.09
N PRO G 18 -41.02 0.38 12.38
CA PRO G 18 -40.86 1.70 12.99
C PRO G 18 -39.57 2.38 12.54
N LEU G 19 -39.72 3.52 11.87
CA LEU G 19 -38.57 4.28 11.39
C LEU G 19 -37.87 5.05 12.51
N ASP G 20 -38.64 5.58 13.46
CA ASP G 20 -38.10 6.42 14.51
C ASP G 20 -38.91 6.17 15.79
N CYS G 21 -38.68 7.02 16.78
CA CYS G 21 -39.43 6.89 18.04
C CYS G 21 -40.86 7.36 17.91
N ASP G 22 -41.23 8.05 16.83
CA ASP G 22 -42.62 8.43 16.63
C ASP G 22 -43.52 7.21 16.41
N ASP G 23 -43.09 6.29 15.55
CA ASP G 23 -43.83 5.06 15.36
C ASP G 23 -43.81 4.21 16.62
N ILE G 24 -42.75 4.31 17.42
CA ILE G 24 -42.71 3.60 18.69
C ILE G 24 -43.70 4.21 19.68
N TYR G 25 -43.94 5.52 19.59
CA TYR G 25 -44.98 6.14 20.41
C TYR G 25 -46.35 5.58 20.09
N ALA G 26 -46.58 5.12 18.87
CA ALA G 26 -47.79 4.40 18.51
C ALA G 26 -47.69 2.99 19.08
N GLN G 27 -48.65 2.12 18.74
CA GLN G 27 -48.75 0.75 19.22
C GLN G 27 -48.53 0.66 20.73
N GLY G 28 -48.89 1.72 21.45
CA GLY G 28 -48.92 1.70 22.91
C GLY G 28 -47.61 1.44 23.61
N TYR G 29 -46.53 2.10 23.17
CA TYR G 29 -45.23 1.91 23.79
C TYR G 29 -44.72 3.21 24.41
N GLN G 30 -45.60 3.91 25.11
CA GLN G 30 -45.31 5.26 25.62
C GLN G 30 -44.44 5.20 26.88
N SER G 31 -43.30 4.53 26.76
CA SER G 31 -42.40 4.37 27.89
C SER G 31 -40.99 4.85 27.55
N ASP G 32 -40.06 4.69 28.49
CA ASP G 32 -38.68 5.12 28.32
C ASP G 32 -37.76 3.92 28.34
N GLY G 33 -36.86 3.84 27.37
CA GLY G 33 -35.90 2.75 27.32
C GLY G 33 -35.36 2.57 25.91
N VAL G 34 -34.57 1.51 25.76
CA VAL G 34 -33.92 1.18 24.50
C VAL G 34 -34.90 0.44 23.61
N TYR G 35 -35.02 0.88 22.36
CA TYR G 35 -35.90 0.21 21.40
C TYR G 35 -35.14 -0.07 20.11
N LEU G 36 -35.86 -0.50 19.07
CA LEU G 36 -35.28 -0.78 17.77
C LEU G 36 -35.93 0.08 16.71
N ILE G 37 -35.13 0.54 15.75
CA ILE G 37 -35.60 1.36 14.65
C ILE G 37 -35.01 0.81 13.35
N TYR G 38 -35.65 1.15 12.23
CA TYR G 38 -35.35 0.52 10.95
C TYR G 38 -35.08 1.60 9.91
N PRO G 39 -33.91 2.25 9.97
CA PRO G 39 -33.67 3.40 9.10
C PRO G 39 -33.23 3.04 7.69
N SER G 40 -32.76 1.81 7.45
CA SER G 40 -32.19 1.42 6.17
C SER G 40 -32.73 0.07 5.72
N GLY G 41 -34.05 -0.11 5.80
CA GLY G 41 -34.67 -1.33 5.33
C GLY G 41 -35.16 -2.21 6.46
N PRO G 42 -35.93 -3.24 6.12
CA PRO G 42 -36.49 -4.12 7.15
C PRO G 42 -35.45 -5.01 7.81
N SER G 43 -34.22 -5.03 7.33
CA SER G 43 -33.15 -5.80 7.93
C SER G 43 -32.13 -4.89 8.61
N VAL G 44 -31.32 -5.50 9.48
CA VAL G 44 -30.27 -4.81 10.23
C VAL G 44 -30.84 -3.61 10.99
N PRO G 45 -31.59 -3.82 12.08
CA PRO G 45 -32.09 -2.70 12.86
C PRO G 45 -31.00 -2.08 13.73
N VAL G 46 -31.37 -0.99 14.41
CA VAL G 46 -30.46 -0.22 15.25
C VAL G 46 -31.09 0.04 16.61
N PRO G 47 -30.37 -0.18 17.72
CA PRO G 47 -30.91 0.17 19.03
C PRO G 47 -30.63 1.62 19.38
N VAL G 48 -31.64 2.29 19.95
CA VAL G 48 -31.59 3.73 20.21
C VAL G 48 -32.42 4.01 21.46
N PHE G 49 -32.16 5.15 22.10
CA PHE G 49 -32.82 5.56 23.33
C PHE G 49 -33.82 6.67 23.01
N CYS G 50 -35.10 6.42 23.30
CA CYS G 50 -36.17 7.38 23.09
C CYS G 50 -36.60 7.96 24.43
N ASP G 51 -36.66 9.29 24.51
CA ASP G 51 -36.97 9.99 25.76
C ASP G 51 -38.42 10.46 25.68
N MET G 52 -39.32 9.62 26.19
CA MET G 52 -40.75 9.94 26.23
C MET G 52 -41.16 10.49 27.59
N THR G 53 -40.51 11.55 28.07
CA THR G 53 -40.88 12.09 29.36
C THR G 53 -40.96 13.60 29.43
N THR G 54 -40.27 14.33 28.54
CA THR G 54 -40.09 15.78 28.73
C THR G 54 -41.37 16.56 28.43
N GLU G 55 -41.78 16.61 27.17
CA GLU G 55 -42.95 17.40 26.78
C GLU G 55 -44.10 16.53 26.27
N GLY G 56 -43.87 15.70 25.27
CA GLY G 56 -44.94 14.89 24.73
C GLY G 56 -44.48 13.55 24.19
N GLY G 57 -43.27 13.14 24.54
CA GLY G 57 -42.72 11.91 24.03
C GLY G 57 -41.79 12.13 22.85
N LYS G 58 -41.60 11.12 22.02
CA LYS G 58 -40.75 11.19 20.82
C LYS G 58 -39.33 11.51 21.29
N TRP G 59 -38.67 12.52 20.73
CA TRP G 59 -37.33 12.94 21.15
C TRP G 59 -36.30 11.82 20.97
N THR G 60 -36.10 11.44 19.72
CA THR G 60 -35.04 10.50 19.38
C THR G 60 -33.67 11.13 19.64
N VAL G 61 -32.82 10.42 20.37
CA VAL G 61 -31.53 10.93 20.84
C VAL G 61 -30.43 10.46 19.91
N PHE G 62 -29.48 11.33 19.59
CA PHE G 62 -28.31 10.93 18.80
C PHE G 62 -26.99 11.39 19.42
N GLN G 63 -26.98 11.71 20.71
CA GLN G 63 -25.76 12.08 21.41
C GLN G 63 -26.03 12.04 22.91
N LYS G 64 -25.04 11.65 23.69
CA LYS G 64 -25.21 11.54 25.13
C LYS G 64 -23.85 11.51 25.82
N ARG G 65 -23.67 12.35 26.84
CA ARG G 65 -22.51 12.32 27.72
C ARG G 65 -22.95 12.63 29.13
N PHE G 66 -22.46 11.87 30.10
CA PHE G 66 -22.59 12.25 31.50
C PHE G 66 -21.34 12.04 32.34
N ASN G 67 -20.36 11.28 31.88
CA ASN G 67 -19.08 11.17 32.58
C ASN G 67 -18.01 10.79 31.55
N GLY G 68 -16.80 10.53 32.03
CA GLY G 68 -15.69 10.35 31.10
C GLY G 68 -15.84 9.14 30.20
N SER G 69 -15.72 7.95 30.78
CA SER G 69 -16.00 6.67 30.12
C SER G 69 -15.55 6.62 28.67
N VAL G 70 -16.52 6.68 27.74
CA VAL G 70 -16.23 6.55 26.32
C VAL G 70 -15.46 7.77 25.83
N SER G 71 -14.37 7.53 25.11
CA SER G 71 -13.59 8.59 24.50
C SER G 71 -14.27 9.05 23.22
N PHE G 72 -14.06 10.32 22.86
CA PHE G 72 -14.71 10.92 21.70
C PHE G 72 -13.71 11.42 20.67
N PHE G 73 -12.45 11.01 20.73
CA PHE G 73 -11.48 11.42 19.72
C PHE G 73 -11.85 10.88 18.35
N ARG G 74 -11.77 9.56 18.16
CA ARG G 74 -12.32 8.85 17.01
C ARG G 74 -11.84 9.39 15.65
N GLY G 75 -12.43 8.89 14.57
CA GLY G 75 -12.06 9.27 13.22
C GLY G 75 -13.24 9.37 12.26
N TRP G 76 -12.95 9.41 10.96
CA TRP G 76 -14.02 9.61 9.97
C TRP G 76 -14.93 8.39 9.88
N ASN G 77 -14.36 7.19 9.89
CA ASN G 77 -15.18 5.98 9.81
C ASN G 77 -16.04 5.82 11.06
N ASP G 78 -15.47 6.14 12.24
CA ASP G 78 -16.21 5.96 13.49
C ASP G 78 -17.36 6.95 13.60
N TYR G 79 -17.21 8.15 13.04
CA TYR G 79 -18.31 9.10 13.03
C TYR G 79 -19.31 8.79 11.92
N LYS G 80 -18.87 8.20 10.83
CA LYS G 80 -19.81 7.83 9.76
C LYS G 80 -20.66 6.63 10.16
N LEU G 81 -20.11 5.69 10.92
CA LEU G 81 -20.83 4.46 11.23
C LEU G 81 -21.35 4.39 12.66
N GLY G 82 -20.89 5.26 13.55
CA GLY G 82 -21.44 5.27 14.90
C GLY G 82 -20.60 4.44 15.85
N PHE G 83 -20.74 4.75 17.15
CA PHE G 83 -19.98 4.06 18.18
C PHE G 83 -20.68 4.26 19.52
N GLY G 84 -20.21 3.53 20.52
CA GLY G 84 -20.73 3.62 21.87
C GLY G 84 -21.82 2.61 22.13
N ARG G 85 -22.37 2.69 23.34
CA ARG G 85 -23.45 1.82 23.77
C ARG G 85 -24.73 2.62 23.96
N ALA G 86 -25.88 1.96 23.74
CA ALA G 86 -27.15 2.67 23.74
C ALA G 86 -27.58 3.08 25.14
N ASP G 87 -27.28 2.27 26.16
CA ASP G 87 -27.70 2.60 27.51
C ASP G 87 -26.78 3.62 28.16
N GLY G 88 -25.60 3.85 27.62
CA GLY G 88 -24.68 4.82 28.18
C GLY G 88 -24.45 6.02 27.27
N GLU G 89 -23.19 6.23 26.88
CA GLU G 89 -22.83 7.30 25.96
C GLU G 89 -22.63 6.72 24.57
N TYR G 90 -23.02 7.48 23.55
CA TYR G 90 -22.96 6.98 22.18
C TYR G 90 -23.11 8.11 21.19
N TRP G 91 -22.82 7.80 19.93
CA TRP G 91 -23.04 8.69 18.80
C TRP G 91 -23.64 7.85 17.67
N LEU G 92 -24.83 8.24 17.21
CA LEU G 92 -25.59 7.38 16.31
C LEU G 92 -24.87 7.17 14.99
N GLY G 93 -24.41 8.23 14.36
CA GLY G 93 -23.75 8.02 13.07
C GLY G 93 -24.38 8.87 11.98
N LEU G 94 -23.53 9.58 11.24
CA LEU G 94 -24.00 10.52 10.24
C LEU G 94 -24.84 9.84 9.16
N GLN G 95 -24.48 8.61 8.79
CA GLN G 95 -25.23 7.90 7.77
C GLN G 95 -26.66 7.65 8.19
N ASN G 96 -26.85 7.23 9.45
CA ASN G 96 -28.19 6.91 9.93
C ASN G 96 -29.06 8.16 10.05
N MET G 97 -28.49 9.25 10.58
CA MET G 97 -29.25 10.49 10.66
C MET G 97 -29.57 11.05 9.28
N HIS G 98 -28.64 10.92 8.33
CA HIS G 98 -28.95 11.34 6.97
C HIS G 98 -30.08 10.53 6.37
N LEU G 99 -30.05 9.21 6.55
CA LEU G 99 -31.12 8.37 6.01
C LEU G 99 -32.46 8.69 6.66
N LEU G 100 -32.44 9.01 7.95
CA LEU G 100 -33.68 9.40 8.63
C LEU G 100 -34.22 10.72 8.09
N THR G 101 -33.37 11.75 8.04
CA THR G 101 -33.83 13.08 7.65
C THR G 101 -34.09 13.22 6.16
N LEU G 102 -33.62 12.27 5.34
CA LEU G 102 -33.92 12.33 3.92
C LEU G 102 -35.41 12.11 3.65
N LYS G 103 -36.06 11.29 4.47
CA LYS G 103 -37.44 10.87 4.22
C LYS G 103 -38.46 11.81 4.83
N GLN G 104 -38.28 12.19 6.09
CA GLN G 104 -39.28 12.97 6.81
C GLN G 104 -38.67 14.27 7.33
N LYS G 105 -39.54 15.26 7.53
CA LYS G 105 -39.15 16.52 8.17
C LYS G 105 -38.96 16.30 9.66
N TYR G 106 -38.09 17.12 10.26
CA TYR G 106 -37.74 16.94 11.66
C TYR G 106 -37.49 18.30 12.30
N GLU G 107 -37.10 18.28 13.57
CA GLU G 107 -36.89 19.47 14.38
C GLU G 107 -35.89 19.14 15.47
N LEU G 108 -34.98 20.07 15.76
CA LEU G 108 -33.84 19.82 16.63
C LEU G 108 -34.02 20.51 17.98
N ARG G 109 -33.56 19.84 19.04
CA ARG G 109 -33.54 20.41 20.39
C ARG G 109 -32.25 20.00 21.09
N VAL G 110 -31.63 20.95 21.79
CA VAL G 110 -30.39 20.72 22.54
C VAL G 110 -30.59 21.23 23.96
N ASP G 111 -30.24 20.39 24.94
CA ASP G 111 -30.27 20.76 26.35
C ASP G 111 -28.98 20.29 27.01
N LEU G 112 -28.53 21.05 28.01
CA LEU G 112 -27.24 20.81 28.63
C LEU G 112 -27.25 21.30 30.07
N GLU G 113 -26.33 20.77 30.88
CA GLU G 113 -26.25 21.07 32.30
C GLU G 113 -24.79 21.18 32.74
N ASP G 114 -24.49 22.16 33.58
CA ASP G 114 -23.13 22.39 34.06
C ASP G 114 -22.90 21.55 35.31
N PHE G 115 -21.92 21.96 36.12
CA PHE G 115 -21.58 21.16 37.28
C PHE G 115 -22.60 21.30 38.42
N GLU G 116 -23.12 22.51 38.71
CA GLU G 116 -23.75 22.64 40.03
C GLU G 116 -25.02 21.80 40.08
N ASN G 117 -26.07 22.42 39.52
CA ASN G 117 -27.36 21.85 39.21
C ASN G 117 -27.94 22.60 38.03
N ASN G 118 -27.18 23.53 37.45
CA ASN G 118 -27.77 24.57 36.61
C ASN G 118 -28.28 23.89 35.33
N THR G 119 -29.28 24.50 34.71
CA THR G 119 -29.85 23.94 33.49
C THR G 119 -30.10 25.02 32.47
N ALA G 120 -30.22 24.61 31.21
CA ALA G 120 -30.57 25.48 30.10
C ALA G 120 -30.89 24.61 28.90
N TYR G 121 -31.42 25.23 27.86
CA TYR G 121 -31.76 24.49 26.64
C TYR G 121 -31.97 25.47 25.49
N ALA G 122 -31.99 24.91 24.27
CA ALA G 122 -32.21 25.68 23.06
C ALA G 122 -33.04 24.85 22.09
N LYS G 123 -33.71 25.53 21.16
CA LYS G 123 -34.61 24.89 20.21
C LYS G 123 -34.40 25.48 18.82
N TYR G 124 -34.46 24.61 17.81
CA TYR G 124 -34.37 25.03 16.41
C TYR G 124 -35.51 24.40 15.64
N ALA G 125 -36.14 25.18 14.77
CA ALA G 125 -37.36 24.73 14.11
C ALA G 125 -37.08 23.75 12.97
N ASP G 126 -35.93 23.84 12.33
CA ASP G 126 -35.61 22.99 11.17
C ASP G 126 -34.23 22.37 11.35
N PHE G 127 -34.10 21.10 10.95
CA PHE G 127 -32.83 20.41 11.02
C PHE G 127 -32.75 19.38 9.91
N SER G 128 -31.61 19.34 9.22
CA SER G 128 -31.39 18.38 8.15
C SER G 128 -29.90 18.26 7.89
N ILE G 129 -29.52 17.20 7.17
CA ILE G 129 -28.14 16.92 6.81
C ILE G 129 -28.08 16.63 5.32
N SER G 130 -27.40 17.49 4.57
CA SER G 130 -27.29 17.38 3.11
C SER G 130 -28.66 17.23 2.48
N PRO G 131 -29.47 18.29 2.46
CA PRO G 131 -30.88 18.15 2.06
C PRO G 131 -31.09 17.56 0.67
N ASN G 132 -30.48 18.13 -0.35
CA ASN G 132 -30.76 17.76 -1.74
C ASN G 132 -29.53 17.21 -2.45
N ALA G 133 -28.67 16.48 -1.74
CA ALA G 133 -27.44 15.95 -2.31
C ALA G 133 -27.69 14.63 -3.01
N VAL G 134 -27.11 14.48 -4.20
CA VAL G 134 -27.20 13.21 -4.92
C VAL G 134 -26.38 12.14 -4.21
N SER G 135 -25.22 12.52 -3.67
CA SER G 135 -24.39 11.63 -2.88
C SER G 135 -24.00 12.36 -1.60
N ALA G 136 -24.53 11.89 -0.47
CA ALA G 136 -24.37 12.63 0.78
C ALA G 136 -22.92 12.69 1.24
N GLU G 137 -22.20 11.58 1.11
CA GLU G 137 -20.81 11.57 1.55
C GLU G 137 -19.94 12.52 0.74
N GLU G 138 -20.24 12.67 -0.55
CA GLU G 138 -19.43 13.54 -1.40
C GLU G 138 -19.58 15.00 -1.01
N ASP G 139 -20.79 15.42 -0.63
CA ASP G 139 -20.97 16.76 -0.10
C ASP G 139 -20.24 16.96 1.23
N GLY G 140 -20.31 15.98 2.13
CA GLY G 140 -19.65 16.08 3.41
C GLY G 140 -20.54 16.24 4.61
N TYR G 141 -21.84 15.92 4.50
CA TYR G 141 -22.79 15.95 5.61
C TYR G 141 -22.90 17.35 6.21
N THR G 142 -23.32 18.30 5.37
CA THR G 142 -23.46 19.68 5.78
C THR G 142 -24.63 19.84 6.76
N LEU G 143 -24.63 20.97 7.47
CA LEU G 143 -25.62 21.28 8.48
C LEU G 143 -26.59 22.35 7.98
N PHE G 144 -27.83 22.28 8.46
CA PHE G 144 -28.83 23.30 8.20
C PHE G 144 -29.72 23.47 9.42
N VAL G 145 -29.98 24.71 9.80
CA VAL G 145 -30.82 25.03 10.95
C VAL G 145 -31.49 26.37 10.71
N ALA G 146 -32.74 26.48 11.14
CA ALA G 146 -33.52 27.71 10.96
C ALA G 146 -34.58 27.80 12.05
N GLY G 147 -34.88 29.04 12.44
CA GLY G 147 -35.95 29.28 13.40
C GLY G 147 -35.56 29.06 14.84
N PHE G 148 -34.57 29.80 15.31
CA PHE G 148 -34.11 29.66 16.68
C PHE G 148 -35.13 30.18 17.67
N GLU G 149 -35.37 29.42 18.74
CA GLU G 149 -36.22 29.85 19.84
C GLU G 149 -35.44 29.62 21.13
N ASP G 150 -35.28 30.67 21.92
CA ASP G 150 -34.40 30.62 23.07
C ASP G 150 -35.03 29.86 24.23
N GLY G 151 -34.17 29.36 25.11
CA GLY G 151 -34.61 28.70 26.33
C GLY G 151 -33.67 29.01 27.48
N GLY G 152 -32.77 29.96 27.27
CA GLY G 152 -31.79 30.33 28.27
C GLY G 152 -30.36 29.95 27.94
N ALA G 153 -30.12 29.35 26.78
CA ALA G 153 -28.78 28.92 26.39
C ALA G 153 -28.14 29.78 25.32
N GLY G 154 -28.93 30.33 24.40
CA GLY G 154 -28.40 31.19 23.36
C GLY G 154 -28.29 30.47 22.02
N ASP G 155 -27.99 31.27 20.99
CA ASP G 155 -27.86 30.75 19.64
C ASP G 155 -26.37 30.62 19.32
N SER G 156 -25.90 29.38 19.17
CA SER G 156 -24.52 29.13 18.83
C SER G 156 -24.36 28.17 17.65
N LEU G 157 -25.46 27.81 16.99
CA LEU G 157 -25.41 26.97 15.81
C LEU G 157 -25.84 27.67 14.54
N SER G 158 -26.51 28.83 14.64
CA SER G 158 -26.96 29.52 13.45
C SER G 158 -25.82 30.18 12.70
N TYR G 159 -24.75 30.55 13.41
CA TYR G 159 -23.57 31.09 12.73
C TYR G 159 -22.97 30.04 11.80
N HIS G 160 -23.03 28.78 12.21
CA HIS G 160 -22.65 27.64 11.39
C HIS G 160 -23.79 27.30 10.42
N SER G 161 -23.74 26.10 9.84
CA SER G 161 -24.68 25.61 8.84
C SER G 161 -24.25 26.09 7.46
N GLY G 162 -24.31 25.21 6.47
CA GLY G 162 -23.60 25.39 5.23
C GLY G 162 -22.15 24.95 5.27
N GLN G 163 -21.67 24.49 6.41
CA GLN G 163 -20.30 24.01 6.58
C GLN G 163 -20.31 22.50 6.75
N LYS G 164 -19.33 21.85 6.14
CA LYS G 164 -19.23 20.40 6.15
C LYS G 164 -18.69 19.90 7.49
N PHE G 165 -18.98 18.64 7.78
CA PHE G 165 -18.38 17.98 8.93
C PHE G 165 -16.87 17.84 8.71
N SER G 166 -16.14 17.82 9.82
CA SER G 166 -14.68 17.77 9.75
C SER G 166 -14.14 16.94 10.89
N THR G 167 -12.88 16.51 10.75
CA THR G 167 -12.18 15.72 11.74
C THR G 167 -10.70 16.09 11.71
N PHE G 168 -9.93 15.41 12.55
CA PHE G 168 -8.51 15.67 12.74
C PHE G 168 -7.65 14.93 11.71
N ASP G 169 -8.19 13.88 11.09
CA ASP G 169 -7.44 13.10 10.12
C ASP G 169 -7.87 13.38 8.69
N ARG G 170 -8.96 14.12 8.50
CA ARG G 170 -9.43 14.44 7.16
C ARG G 170 -8.72 15.64 6.58
N ASP G 171 -8.84 16.77 7.27
CA ASP G 171 -8.81 18.08 6.62
C ASP G 171 -7.45 18.77 6.67
N GLN G 172 -7.17 19.37 7.83
CA GLN G 172 -5.85 19.85 8.25
C GLN G 172 -5.04 20.50 7.12
N ASP G 173 -5.72 21.15 6.18
CA ASP G 173 -5.03 21.91 5.14
C ASP G 173 -5.50 23.37 5.11
N LEU G 174 -6.79 23.62 4.97
CA LEU G 174 -7.28 24.99 4.93
C LEU G 174 -7.26 25.64 6.30
N PHE G 175 -7.28 24.83 7.36
CA PHE G 175 -7.14 25.39 8.71
C PHE G 175 -5.76 26.02 8.92
N VAL G 176 -4.71 25.39 8.40
CA VAL G 176 -3.36 25.90 8.59
C VAL G 176 -3.16 27.21 7.82
N GLN G 177 -3.88 27.41 6.71
CA GLN G 177 -3.77 28.66 5.99
C GLN G 177 -4.53 29.79 6.69
N ASN G 178 -5.84 29.61 6.89
CA ASN G 178 -6.64 30.67 7.49
C ASN G 178 -6.25 30.91 8.94
N CYS G 179 -6.21 29.85 9.74
CA CYS G 179 -5.80 29.91 11.14
C CYS G 179 -4.41 29.28 11.28
N ALA G 180 -3.97 29.13 12.52
CA ALA G 180 -2.79 28.34 12.84
C ALA G 180 -3.23 27.11 13.63
N ALA G 181 -2.29 26.17 13.79
CA ALA G 181 -2.51 24.95 14.57
C ALA G 181 -3.59 24.06 13.99
N LEU G 182 -3.67 22.82 14.48
CA LEU G 182 -4.57 21.81 13.95
C LEU G 182 -5.87 21.78 14.76
N SER G 183 -6.93 21.34 14.09
CA SER G 183 -8.28 21.40 14.67
C SER G 183 -8.43 20.39 15.80
N SER G 184 -8.26 19.11 15.49
CA SER G 184 -8.41 18.01 16.46
C SER G 184 -9.79 18.02 17.10
N GLY G 185 -10.81 18.23 16.27
CA GLY G 185 -12.18 18.24 16.75
C GLY G 185 -13.13 17.75 15.68
N ALA G 186 -14.35 17.41 16.11
CA ALA G 186 -15.36 16.85 15.23
C ALA G 186 -16.66 17.63 15.40
N PHE G 187 -16.93 18.53 14.46
CA PHE G 187 -18.16 19.32 14.46
C PHE G 187 -18.25 20.01 13.10
N TRP G 188 -19.25 20.88 12.96
CA TRP G 188 -19.43 21.70 11.76
C TRP G 188 -18.74 23.04 11.99
N PHE G 189 -17.52 23.18 11.47
CA PHE G 189 -16.70 24.35 11.74
C PHE G 189 -16.82 25.37 10.61
N ARG G 190 -16.91 26.64 10.98
CA ARG G 190 -17.06 27.76 10.05
C ARG G 190 -15.81 28.63 9.96
N SER G 191 -15.18 28.92 11.09
CA SER G 191 -14.00 29.78 11.14
C SER G 191 -13.04 29.18 12.16
N CYS G 192 -12.12 30.00 12.67
CA CYS G 192 -11.10 29.57 13.61
C CYS G 192 -11.66 29.20 14.99
N HIS G 193 -12.99 29.19 15.18
CA HIS G 193 -13.57 28.88 16.48
C HIS G 193 -13.47 27.39 16.77
N PHE G 194 -13.01 27.03 17.97
CA PHE G 194 -12.77 25.64 18.32
C PHE G 194 -13.56 25.23 19.55
N ALA G 195 -14.84 25.61 19.60
CA ALA G 195 -15.72 25.27 20.71
C ALA G 195 -16.83 24.35 20.20
N ASN G 196 -16.95 23.18 20.80
CA ASN G 196 -17.97 22.23 20.40
C ASN G 196 -18.20 21.24 21.54
N LEU G 197 -19.28 20.47 21.41
CA LEU G 197 -19.67 19.50 22.42
C LEU G 197 -19.00 18.15 22.23
N ASN G 198 -18.16 17.98 21.21
CA ASN G 198 -17.43 16.74 20.98
C ASN G 198 -15.96 16.87 21.34
N GLY G 199 -15.65 17.62 22.40
CA GLY G 199 -14.30 17.79 22.86
C GLY G 199 -13.94 16.87 24.01
N PHE G 200 -12.79 17.13 24.60
CA PHE G 200 -12.30 16.32 25.71
C PHE G 200 -13.09 16.62 26.98
N TYR G 201 -13.15 15.62 27.85
CA TYR G 201 -13.90 15.74 29.10
C TYR G 201 -12.97 16.25 30.19
N LEU G 202 -13.08 17.53 30.49
CA LEU G 202 -12.36 18.17 31.58
C LEU G 202 -13.31 18.37 32.76
N GLY G 203 -12.77 18.91 33.84
CA GLY G 203 -13.56 19.11 35.05
C GLY G 203 -14.48 20.31 34.97
N GLY G 204 -14.66 20.99 36.10
CA GLY G 204 -15.54 22.15 36.11
C GLY G 204 -14.98 23.30 35.27
N SER G 205 -13.69 23.57 35.41
CA SER G 205 -13.05 24.67 34.71
C SER G 205 -11.64 24.27 34.30
N HIS G 206 -11.10 24.98 33.32
CA HIS G 206 -9.77 24.71 32.82
C HIS G 206 -9.09 26.02 32.43
N LEU G 207 -7.76 25.98 32.35
CA LEU G 207 -6.99 27.16 32.00
C LEU G 207 -6.72 27.27 30.50
N SER G 208 -6.76 26.16 29.78
CA SER G 208 -6.52 26.20 28.34
C SER G 208 -7.70 26.85 27.62
N TYR G 209 -7.51 27.10 26.33
CA TYR G 209 -8.57 27.68 25.52
C TYR G 209 -9.61 26.61 25.22
N ALA G 210 -10.49 26.87 24.26
CA ALA G 210 -11.66 26.02 24.05
C ALA G 210 -11.21 24.67 23.53
N ASN G 211 -11.12 23.68 24.44
CA ASN G 211 -10.86 22.31 24.04
C ASN G 211 -11.67 21.29 24.84
N GLY G 212 -12.60 21.74 25.68
CA GLY G 212 -13.48 20.84 26.38
C GLY G 212 -14.89 20.91 25.82
N ILE G 213 -15.89 20.54 26.62
CA ILE G 213 -17.28 20.62 26.18
C ILE G 213 -17.79 22.03 26.41
N ASN G 214 -17.71 22.88 25.39
CA ASN G 214 -17.94 24.31 25.51
C ASN G 214 -19.18 24.71 24.72
N TRP G 215 -20.04 25.51 25.36
CA TRP G 215 -21.14 26.21 24.69
C TRP G 215 -20.93 27.70 24.97
N ALA G 216 -20.43 28.41 23.97
CA ALA G 216 -19.89 29.75 24.21
C ALA G 216 -20.95 30.72 24.71
N GLN G 217 -22.17 30.61 24.20
CA GLN G 217 -23.20 31.59 24.56
C GLN G 217 -23.62 31.48 26.02
N TRP G 218 -23.64 30.26 26.58
CA TRP G 218 -24.11 30.11 27.95
C TRP G 218 -23.02 30.42 28.98
N LYS G 219 -21.93 29.65 28.96
CA LYS G 219 -20.89 29.76 29.97
C LYS G 219 -19.67 30.55 29.49
N GLY G 220 -19.06 30.12 28.41
CA GLY G 220 -17.89 30.78 27.88
C GLY G 220 -16.89 29.78 27.36
N PHE G 221 -15.68 30.25 27.10
CA PHE G 221 -14.63 29.45 26.50
C PHE G 221 -13.73 28.77 27.53
N TYR G 222 -14.05 28.88 28.82
CA TYR G 222 -13.21 28.32 29.87
C TYR G 222 -13.98 27.42 30.82
N TYR G 223 -15.18 26.98 30.45
CA TYR G 223 -16.00 26.12 31.29
C TYR G 223 -16.46 24.93 30.47
N SER G 224 -16.18 23.72 30.98
CA SER G 224 -16.59 22.49 30.34
C SER G 224 -17.78 21.91 31.09
N LEU G 225 -18.83 21.55 30.35
CA LEU G 225 -20.10 21.20 30.94
C LEU G 225 -20.04 19.81 31.58
N LYS G 226 -21.17 19.35 32.10
CA LYS G 226 -21.32 18.05 32.73
C LYS G 226 -22.08 17.05 31.89
N ARG G 227 -23.20 17.46 31.29
CA ARG G 227 -24.04 16.56 30.51
C ARG G 227 -24.45 17.26 29.23
N THR G 228 -24.48 16.49 28.14
CA THR G 228 -24.95 16.97 26.85
C THR G 228 -25.96 15.98 26.28
N GLU G 229 -26.87 16.49 25.46
CA GLU G 229 -27.86 15.65 24.81
C GLU G 229 -28.52 16.39 23.64
N MET G 230 -28.48 15.79 22.46
CA MET G 230 -29.12 16.36 21.28
C MET G 230 -30.17 15.38 20.76
N LYS G 231 -31.37 15.88 20.54
CA LYS G 231 -32.49 15.06 20.10
C LYS G 231 -33.15 15.68 18.87
N ILE G 232 -33.95 14.88 18.18
CA ILE G 232 -34.73 15.37 17.05
C ILE G 232 -36.14 14.82 17.16
N ARG G 233 -37.07 15.48 16.50
CA ARG G 233 -38.48 15.11 16.55
C ARG G 233 -39.17 15.62 15.29
N ARG G 234 -40.14 14.84 14.80
CA ARG G 234 -40.88 15.23 13.60
C ARG G 234 -41.76 16.44 13.89
N ALA G 235 -41.99 17.25 12.86
CA ALA G 235 -42.80 18.45 12.99
C ALA G 235 -43.55 18.74 11.70
N GLN H 17 -39.92 -16.37 6.86
CA GLN H 17 -38.83 -17.30 6.65
C GLN H 17 -38.27 -17.78 7.98
N PRO H 18 -37.72 -18.99 8.03
CA PRO H 18 -37.13 -19.48 9.28
C PRO H 18 -35.90 -18.68 9.66
N LEU H 19 -35.82 -18.29 10.92
CA LEU H 19 -34.67 -17.53 11.42
C LEU H 19 -33.63 -18.43 12.08
N ASP H 20 -34.06 -19.53 12.68
CA ASP H 20 -33.16 -20.48 13.32
C ASP H 20 -33.83 -21.84 13.36
N CYS H 21 -33.25 -22.76 14.13
CA CYS H 21 -33.79 -24.12 14.21
C CYS H 21 -35.11 -24.19 14.96
N ASP H 22 -35.43 -23.20 15.80
CA ASP H 22 -36.71 -23.21 16.49
C ASP H 22 -37.88 -23.12 15.51
N ASP H 23 -37.75 -22.29 14.49
CA ASP H 23 -38.77 -22.23 13.46
C ASP H 23 -38.70 -23.42 12.52
N ILE H 24 -37.55 -24.09 12.46
CA ILE H 24 -37.43 -25.31 11.68
C ILE H 24 -38.18 -26.46 12.36
N TYR H 25 -38.22 -26.45 13.68
CA TYR H 25 -38.98 -27.46 14.42
C TYR H 25 -40.44 -27.46 14.04
N ALA H 26 -41.01 -26.31 13.73
CA ALA H 26 -42.38 -26.22 13.27
C ALA H 26 -42.45 -26.66 11.80
N GLN H 27 -43.60 -26.46 11.17
CA GLN H 27 -43.95 -27.00 9.84
C GLN H 27 -43.54 -28.46 9.71
N GLY H 28 -43.55 -29.20 10.80
CA GLY H 28 -43.34 -30.64 10.76
C GLY H 28 -42.00 -31.08 10.20
N TYR H 29 -40.91 -30.48 10.67
CA TYR H 29 -39.58 -30.86 10.20
C TYR H 29 -38.69 -31.29 11.36
N GLN H 30 -39.24 -32.09 12.27
CA GLN H 30 -38.48 -32.57 13.42
C GLN H 30 -37.56 -33.72 13.00
N SER H 31 -36.31 -33.37 12.70
CA SER H 31 -35.31 -34.36 12.34
C SER H 31 -33.92 -33.83 12.63
N ASP H 32 -32.89 -34.56 12.22
CA ASP H 32 -31.50 -34.20 12.49
C ASP H 32 -30.74 -34.12 11.17
N GLY H 33 -30.40 -32.91 10.76
CA GLY H 33 -29.73 -32.72 9.50
C GLY H 33 -29.50 -31.24 9.22
N VAL H 34 -28.94 -30.99 8.05
CA VAL H 34 -28.57 -29.64 7.63
C VAL H 34 -29.77 -28.94 7.02
N TYR H 35 -30.07 -27.74 7.53
CA TYR H 35 -31.19 -26.97 7.00
C TYR H 35 -30.73 -25.59 6.58
N LEU H 36 -31.67 -24.71 6.24
CA LEU H 36 -31.37 -23.36 5.80
C LEU H 36 -32.02 -22.37 6.76
N ILE H 37 -31.31 -21.27 7.05
CA ILE H 37 -31.81 -20.22 7.92
C ILE H 37 -31.56 -18.87 7.26
N TYR H 38 -32.33 -17.88 7.68
CA TYR H 38 -32.35 -16.55 7.05
C TYR H 38 -32.09 -15.49 8.10
N PRO H 39 -30.83 -15.27 8.47
CA PRO H 39 -30.53 -14.29 9.52
C PRO H 39 -30.41 -12.86 9.02
N SER H 40 -30.14 -12.64 7.75
CA SER H 40 -29.83 -11.32 7.21
C SER H 40 -30.68 -11.02 5.98
N GLY H 41 -31.99 -11.25 6.09
CA GLY H 41 -32.90 -10.93 5.02
C GLY H 41 -33.43 -12.16 4.31
N PRO H 42 -34.45 -11.96 3.47
CA PRO H 42 -35.05 -13.10 2.76
C PRO H 42 -34.11 -13.75 1.76
N SER H 43 -33.06 -13.08 1.33
CA SER H 43 -32.11 -13.64 0.36
C SER H 43 -30.84 -14.09 1.07
N VAL H 44 -30.01 -14.81 0.32
CA VAL H 44 -28.72 -15.32 0.78
C VAL H 44 -28.87 -16.11 2.08
N PRO H 45 -29.44 -17.30 2.06
CA PRO H 45 -29.53 -18.11 3.27
C PRO H 45 -28.19 -18.77 3.61
N VAL H 46 -28.13 -19.38 4.78
CA VAL H 46 -26.93 -20.04 5.29
C VAL H 46 -27.27 -21.46 5.73
N PRO H 47 -26.51 -22.46 5.32
CA PRO H 47 -26.78 -23.83 5.78
C PRO H 47 -26.14 -24.10 7.13
N VAL H 48 -26.91 -24.71 8.03
CA VAL H 48 -26.50 -24.94 9.41
C VAL H 48 -26.99 -26.32 9.83
N PHE H 49 -26.56 -26.76 11.01
CA PHE H 49 -26.87 -28.08 11.53
C PHE H 49 -27.66 -27.94 12.82
N CYS H 50 -28.86 -28.51 12.85
CA CYS H 50 -29.74 -28.49 14.01
C CYS H 50 -29.75 -29.89 14.63
N ASP H 51 -29.52 -29.96 15.94
CA ASP H 51 -29.42 -31.24 16.64
C ASP H 51 -30.71 -31.38 17.44
N MET H 52 -31.70 -31.99 16.80
CA MET H 52 -33.05 -32.10 17.36
C MET H 52 -33.28 -33.44 18.04
N THR H 53 -32.38 -33.88 18.91
CA THR H 53 -32.59 -35.16 19.57
C THR H 53 -32.14 -35.22 21.03
N THR H 54 -31.70 -34.13 21.64
CA THR H 54 -31.13 -34.22 22.98
C THR H 54 -32.18 -34.02 24.08
N GLU H 55 -32.78 -32.83 24.15
CA GLU H 55 -33.73 -32.53 25.22
C GLU H 55 -35.10 -32.18 24.68
N GLY H 56 -35.21 -31.27 23.72
CA GLY H 56 -36.49 -30.89 23.17
C GLY H 56 -36.41 -30.44 21.74
N GLY H 57 -35.30 -30.71 21.07
CA GLY H 57 -35.07 -30.19 19.74
C GLY H 57 -34.39 -28.84 19.78
N LYS H 58 -34.54 -28.05 18.70
CA LYS H 58 -33.92 -26.72 18.59
C LYS H 58 -32.41 -26.91 18.67
N TRP H 59 -31.70 -26.22 19.57
CA TRP H 59 -30.28 -26.41 19.79
C TRP H 59 -29.48 -26.13 18.49
N THR H 60 -29.54 -24.88 18.06
CA THR H 60 -28.74 -24.45 16.93
C THR H 60 -27.26 -24.53 17.28
N VAL H 61 -26.46 -25.10 16.38
CA VAL H 61 -25.06 -25.41 16.64
C VAL H 61 -24.18 -24.43 15.88
N PHE H 62 -23.29 -23.73 16.58
CA PHE H 62 -22.37 -22.81 15.96
C PHE H 62 -20.91 -23.20 16.17
N GLN H 63 -20.63 -24.47 16.46
CA GLN H 63 -19.27 -24.96 16.58
C GLN H 63 -19.31 -26.49 16.62
N LYS H 64 -18.31 -27.12 16.01
CA LYS H 64 -18.27 -28.58 15.93
C LYS H 64 -16.85 -29.04 15.67
N ARG H 65 -16.38 -30.02 16.45
CA ARG H 65 -15.10 -30.69 16.21
C ARG H 65 -15.24 -32.14 16.65
N PHE H 66 -14.75 -33.08 15.82
CA PHE H 66 -14.62 -34.45 16.26
C PHE H 66 -13.30 -35.11 15.84
N ASN H 67 -12.56 -34.56 14.90
CA ASN H 67 -11.22 -35.05 14.58
C ASN H 67 -10.38 -33.87 14.12
N GLY H 68 -9.22 -34.13 13.54
CA GLY H 68 -8.34 -33.04 13.19
C GLY H 68 -8.84 -32.21 12.03
N SER H 69 -8.78 -32.77 10.82
CA SER H 69 -9.32 -32.18 9.60
C SER H 69 -9.14 -30.67 9.50
N VAL H 70 -10.23 -29.93 9.69
CA VAL H 70 -10.23 -28.48 9.53
C VAL H 70 -9.32 -27.84 10.56
N SER H 71 -8.53 -26.86 10.12
CA SER H 71 -7.66 -26.11 11.01
C SER H 71 -8.37 -24.87 11.54
N PHE H 72 -8.09 -24.52 12.80
CA PHE H 72 -8.79 -23.44 13.48
C PHE H 72 -7.89 -22.25 13.80
N PHE H 73 -6.72 -22.15 13.19
CA PHE H 73 -5.84 -21.00 13.44
C PHE H 73 -6.50 -19.71 12.97
N ARG H 74 -6.68 -19.55 11.66
CA ARG H 74 -7.51 -18.49 11.07
C ARG H 74 -7.14 -17.08 11.50
N GLY H 75 -7.95 -16.09 11.10
CA GLY H 75 -7.73 -14.71 11.45
C GLY H 75 -9.02 -13.97 11.79
N TRP H 76 -9.00 -12.64 11.74
CA TRP H 76 -10.19 -11.87 12.12
C TRP H 76 -11.29 -11.97 11.06
N ASN H 77 -10.91 -11.91 9.78
CA ASN H 77 -11.90 -12.00 8.72
C ASN H 77 -12.61 -13.36 8.72
N ASP H 78 -11.85 -14.45 8.92
CA ASP H 78 -12.45 -15.77 8.90
C ASP H 78 -13.41 -15.97 10.06
N TYR H 79 -13.02 -15.54 11.26
CA TYR H 79 -13.93 -15.64 12.40
C TYR H 79 -15.10 -14.68 12.28
N LYS H 80 -14.96 -13.60 11.52
CA LYS H 80 -16.09 -12.70 11.30
C LYS H 80 -17.10 -13.26 10.31
N LEU H 81 -16.62 -13.95 9.27
CA LEU H 81 -17.50 -14.44 8.22
C LEU H 81 -17.84 -15.92 8.33
N GLY H 82 -16.98 -16.73 8.92
CA GLY H 82 -17.28 -18.13 9.09
C GLY H 82 -16.52 -19.02 8.13
N PHE H 83 -16.26 -20.26 8.56
CA PHE H 83 -15.51 -21.21 7.77
C PHE H 83 -15.98 -22.62 8.11
N GLY H 84 -15.61 -23.57 7.26
CA GLY H 84 -15.92 -24.97 7.49
C GLY H 84 -17.07 -25.46 6.62
N ARG H 85 -17.52 -26.66 6.94
CA ARG H 85 -18.61 -27.31 6.23
C ARG H 85 -19.75 -27.63 7.19
N ALA H 86 -20.97 -27.67 6.66
CA ALA H 86 -22.15 -27.85 7.51
C ALA H 86 -22.23 -29.25 8.10
N ASP H 87 -21.80 -30.27 7.35
CA ASP H 87 -21.90 -31.64 7.86
C ASP H 87 -20.70 -32.02 8.71
N GLY H 88 -19.56 -31.37 8.52
CA GLY H 88 -18.38 -31.67 9.32
C GLY H 88 -18.13 -30.67 10.42
N GLU H 89 -16.91 -30.15 10.49
CA GLU H 89 -16.54 -29.13 11.47
C GLU H 89 -16.66 -27.75 10.84
N TYR H 90 -17.05 -26.76 11.65
CA TYR H 90 -17.26 -25.42 11.13
C TYR H 90 -17.32 -24.41 12.25
N TRP H 91 -17.37 -23.13 11.85
CA TRP H 91 -17.59 -22.01 12.75
C TRP H 91 -18.58 -21.07 12.08
N LEU H 92 -19.71 -20.83 12.74
CA LEU H 92 -20.81 -20.12 12.09
C LEU H 92 -20.44 -18.68 11.74
N GLY H 93 -19.77 -17.98 12.65
CA GLY H 93 -19.39 -16.60 12.32
C GLY H 93 -20.01 -15.62 13.29
N LEU H 94 -19.16 -14.73 13.82
CA LEU H 94 -19.61 -13.80 14.85
C LEU H 94 -20.72 -12.88 14.34
N GLN H 95 -20.68 -12.52 13.07
CA GLN H 95 -21.69 -11.61 12.50
C GLN H 95 -23.07 -12.25 12.54
N ASN H 96 -23.18 -13.51 12.12
CA ASN H 96 -24.47 -14.18 12.07
C ASN H 96 -25.01 -14.45 13.46
N MET H 97 -24.13 -14.86 14.39
CA MET H 97 -24.58 -15.05 15.76
C MET H 97 -25.03 -13.73 16.38
N HIS H 98 -24.33 -12.64 16.09
CA HIS H 98 -24.77 -11.34 16.60
C HIS H 98 -26.13 -10.97 16.05
N LEU H 99 -26.33 -11.18 14.74
CA LEU H 99 -27.61 -10.85 14.13
C LEU H 99 -28.74 -11.69 14.73
N LEU H 100 -28.46 -12.97 14.98
CA LEU H 100 -29.47 -13.85 15.58
C LEU H 100 -29.81 -13.40 17.00
N THR H 101 -28.79 -13.18 17.83
CA THR H 101 -29.04 -12.86 19.23
C THR H 101 -29.61 -11.47 19.43
N LEU H 102 -29.40 -10.54 18.50
CA LEU H 102 -29.94 -9.20 18.66
C LEU H 102 -31.46 -9.21 18.65
N LYS H 103 -32.08 -9.97 17.76
CA LYS H 103 -33.53 -9.97 17.61
C LYS H 103 -34.24 -10.70 18.74
N GLN H 104 -33.77 -11.89 19.11
CA GLN H 104 -34.44 -12.74 20.08
C GLN H 104 -33.49 -13.12 21.22
N LYS H 105 -34.08 -13.47 22.36
CA LYS H 105 -33.30 -13.99 23.47
C LYS H 105 -32.95 -15.46 23.21
N TYR H 106 -31.90 -15.93 23.89
CA TYR H 106 -31.43 -17.30 23.69
C TYR H 106 -30.89 -17.83 25.01
N GLU H 107 -30.24 -19.00 24.94
CA GLU H 107 -29.72 -19.70 26.10
C GLU H 107 -28.67 -20.68 25.63
N LEU H 108 -27.52 -20.71 26.30
CA LEU H 108 -26.33 -21.41 25.83
C LEU H 108 -26.16 -22.75 26.51
N ARG H 109 -25.80 -23.76 25.73
CA ARG H 109 -25.44 -25.08 26.24
C ARG H 109 -24.14 -25.54 25.61
N VAL H 110 -23.25 -26.10 26.42
CA VAL H 110 -21.98 -26.66 25.97
C VAL H 110 -21.89 -28.10 26.45
N ASP H 111 -21.52 -29.00 25.55
CA ASP H 111 -21.32 -30.40 25.90
C ASP H 111 -19.99 -30.88 25.34
N LEU H 112 -19.23 -31.59 26.16
CA LEU H 112 -17.86 -31.96 25.84
C LEU H 112 -17.63 -33.41 26.24
N GLU H 113 -16.58 -34.01 25.67
CA GLU H 113 -16.31 -35.44 25.82
C GLU H 113 -14.83 -35.69 25.79
N ASP H 114 -14.33 -36.43 26.79
CA ASP H 114 -12.92 -36.75 26.88
C ASP H 114 -12.55 -37.83 25.87
N PHE H 115 -11.31 -38.31 25.91
CA PHE H 115 -10.86 -39.23 24.88
C PHE H 115 -11.34 -40.66 25.14
N GLU H 116 -11.30 -41.12 26.40
CA GLU H 116 -11.58 -42.53 26.63
C GLU H 116 -13.02 -42.91 26.30
N ASN H 117 -14.02 -42.53 27.13
CA ASN H 117 -15.42 -42.65 26.75
C ASN H 117 -16.32 -41.65 27.46
N ASN H 118 -15.74 -40.77 28.28
CA ASN H 118 -16.49 -39.94 29.21
C ASN H 118 -17.10 -38.72 28.52
N THR H 119 -18.20 -38.22 29.09
CA THR H 119 -18.86 -37.03 28.60
C THR H 119 -19.31 -36.17 29.78
N ALA H 120 -19.57 -34.90 29.49
CA ALA H 120 -20.06 -33.95 30.47
C ALA H 120 -20.75 -32.80 29.74
N TYR H 121 -21.32 -31.87 30.51
CA TYR H 121 -22.00 -30.74 29.90
C TYR H 121 -22.16 -29.61 30.91
N ALA H 122 -22.45 -28.43 30.40
CA ALA H 122 -22.71 -27.24 31.20
C ALA H 122 -23.82 -26.43 30.56
N LYS H 123 -24.48 -25.60 31.37
CA LYS H 123 -25.62 -24.80 30.90
C LYS H 123 -25.53 -23.39 31.45
N TYR H 124 -25.89 -22.42 30.61
CA TYR H 124 -25.94 -21.01 31.01
C TYR H 124 -27.31 -20.45 30.66
N ALA H 125 -27.85 -19.63 31.56
CA ALA H 125 -29.23 -19.19 31.43
C ALA H 125 -29.44 -18.12 30.37
N ASP H 126 -28.47 -17.23 30.18
CA ASP H 126 -28.59 -16.14 29.22
C ASP H 126 -27.32 -16.02 28.38
N PHE H 127 -27.50 -15.87 27.08
CA PHE H 127 -26.37 -15.75 26.16
C PHE H 127 -26.64 -14.66 25.15
N SER H 128 -25.68 -13.75 24.99
CA SER H 128 -25.80 -12.66 24.02
C SER H 128 -24.41 -12.17 23.65
N ILE H 129 -24.32 -11.52 22.49
CA ILE H 129 -23.07 -10.99 21.96
C ILE H 129 -23.28 -9.52 21.65
N SER H 130 -22.54 -8.64 22.35
CA SER H 130 -22.64 -7.21 22.19
C SER H 130 -24.09 -6.75 22.28
N PRO H 131 -24.69 -6.78 23.47
CA PRO H 131 -26.14 -6.61 23.59
C PRO H 131 -26.69 -5.31 23.02
N ASN H 132 -26.21 -4.15 23.49
CA ASN H 132 -26.79 -2.87 23.14
C ASN H 132 -25.79 -1.92 22.51
N ALA H 133 -24.99 -2.40 21.56
CA ALA H 133 -23.99 -1.59 20.87
C ALA H 133 -24.60 -1.03 19.59
N VAL H 134 -24.33 0.24 19.31
CA VAL H 134 -24.76 0.84 18.06
C VAL H 134 -24.07 0.17 16.88
N SER H 135 -22.76 -0.08 17.02
CA SER H 135 -22.00 -0.85 16.04
C SER H 135 -21.32 -1.99 16.77
N ALA H 136 -21.63 -3.23 16.36
CA ALA H 136 -21.12 -4.40 17.06
C ALA H 136 -19.62 -4.59 16.81
N GLU H 137 -19.18 -4.33 15.57
CA GLU H 137 -17.78 -4.53 15.24
C GLU H 137 -16.87 -3.59 16.01
N GLU H 138 -17.33 -2.35 16.26
CA GLU H 138 -16.52 -1.41 17.01
C GLU H 138 -16.37 -1.82 18.46
N ASP H 139 -17.41 -2.44 19.02
CA ASP H 139 -17.33 -2.92 20.41
C ASP H 139 -16.35 -4.08 20.54
N GLY H 140 -16.27 -4.96 19.54
CA GLY H 140 -15.41 -6.10 19.61
C GLY H 140 -16.09 -7.43 19.85
N TYR H 141 -17.42 -7.49 19.73
CA TYR H 141 -18.20 -8.71 19.92
C TYR H 141 -17.99 -9.29 21.32
N THR H 142 -18.30 -8.47 22.33
CA THR H 142 -18.11 -8.89 23.70
C THR H 142 -19.07 -10.01 24.07
N LEU H 143 -18.74 -10.72 25.15
CA LEU H 143 -19.51 -11.86 25.61
C LEU H 143 -20.27 -11.50 26.88
N PHE H 144 -21.42 -12.12 27.07
CA PHE H 144 -22.23 -11.96 28.27
C PHE H 144 -22.95 -13.26 28.57
N VAL H 145 -22.68 -13.84 29.74
CA VAL H 145 -23.31 -15.08 30.17
C VAL H 145 -23.61 -14.99 31.65
N ALA H 146 -24.79 -15.48 32.04
CA ALA H 146 -25.19 -15.46 33.44
C ALA H 146 -26.16 -16.61 33.68
N GLY H 147 -26.26 -17.02 34.94
CA GLY H 147 -27.15 -18.11 35.32
C GLY H 147 -26.58 -19.48 35.03
N PHE H 148 -25.43 -19.79 35.63
CA PHE H 148 -24.80 -21.09 35.42
C PHE H 148 -25.60 -22.20 36.09
N GLU H 149 -25.59 -23.37 35.47
CA GLU H 149 -26.30 -24.54 35.97
C GLU H 149 -25.43 -25.77 35.74
N ASP H 150 -24.97 -26.38 36.82
CA ASP H 150 -23.94 -27.40 36.73
C ASP H 150 -24.48 -28.69 36.13
N GLY H 151 -23.58 -29.40 35.45
CA GLY H 151 -23.91 -30.71 34.90
C GLY H 151 -22.73 -31.66 34.98
N GLY H 152 -21.69 -31.28 35.72
CA GLY H 152 -20.51 -32.10 35.87
C GLY H 152 -19.28 -31.60 35.14
N ALA H 153 -19.33 -30.38 34.57
CA ALA H 153 -18.21 -29.83 33.83
C ALA H 153 -17.55 -28.64 34.50
N GLY H 154 -18.27 -27.93 35.36
CA GLY H 154 -17.73 -26.76 36.03
C GLY H 154 -18.05 -25.47 35.29
N ASP H 155 -17.72 -24.36 35.94
CA ASP H 155 -17.98 -23.04 35.39
C ASP H 155 -16.66 -22.47 34.84
N SER H 156 -16.58 -22.32 33.52
CA SER H 156 -15.38 -21.79 32.88
C SER H 156 -15.68 -20.64 31.92
N LEU H 157 -16.90 -20.11 31.92
CA LEU H 157 -17.24 -18.94 31.12
C LEU H 157 -17.77 -17.78 31.94
N SER H 158 -17.99 -17.96 33.25
CA SER H 158 -18.49 -16.87 34.08
C SER H 158 -17.39 -15.89 34.45
N TYR H 159 -16.15 -16.38 34.58
CA TYR H 159 -15.03 -15.49 34.88
C TYR H 159 -14.82 -14.47 33.76
N HIS H 160 -15.01 -14.91 32.52
CA HIS H 160 -15.01 -14.05 31.35
C HIS H 160 -16.35 -13.33 31.25
N SER H 161 -16.67 -12.79 30.07
CA SER H 161 -17.86 -11.99 29.80
C SER H 161 -17.60 -10.55 30.22
N GLY H 162 -17.96 -9.61 29.35
CA GLY H 162 -17.44 -8.26 29.41
C GLY H 162 -16.13 -8.09 28.69
N GLN H 163 -15.57 -9.17 28.15
CA GLN H 163 -14.32 -9.15 27.42
C GLN H 163 -14.59 -9.32 25.93
N LYS H 164 -13.74 -8.70 25.11
CA LYS H 164 -13.93 -8.73 23.67
C LYS H 164 -13.18 -9.90 23.04
N PHE H 165 -13.48 -10.15 21.77
CA PHE H 165 -12.80 -11.19 21.01
C PHE H 165 -11.43 -10.68 20.55
N SER H 166 -10.42 -11.52 20.68
CA SER H 166 -9.08 -11.19 20.22
C SER H 166 -8.51 -12.36 19.43
N THR H 167 -7.53 -12.05 18.60
CA THR H 167 -6.90 -13.02 17.72
C THR H 167 -5.39 -12.78 17.78
N PHE H 168 -4.64 -13.52 16.95
CA PHE H 168 -3.19 -13.46 16.91
C PHE H 168 -2.67 -12.32 16.05
N ASP H 169 -3.56 -11.65 15.32
CA ASP H 169 -3.14 -10.56 14.45
C ASP H 169 -3.84 -9.24 14.76
N ARG H 170 -4.94 -9.27 15.49
CA ARG H 170 -5.67 -8.03 15.76
C ARG H 170 -4.98 -7.23 16.85
N ASP H 171 -4.96 -7.80 18.05
CA ASP H 171 -4.48 -7.12 19.25
C ASP H 171 -2.99 -7.27 19.51
N GLN H 172 -2.61 -8.42 20.07
CA GLN H 172 -1.23 -8.82 20.38
C GLN H 172 -0.36 -7.67 20.88
N ASP H 173 -0.94 -6.72 21.62
CA ASP H 173 -0.15 -5.61 22.14
C ASP H 173 -0.38 -5.37 23.63
N LEU H 174 -1.61 -5.51 24.12
CA LEU H 174 -1.84 -5.33 25.54
C LEU H 174 -1.42 -6.57 26.32
N PHE H 175 -1.28 -7.70 25.63
CA PHE H 175 -0.89 -8.94 26.29
C PHE H 175 0.58 -8.96 26.66
N VAL H 176 1.44 -8.38 25.82
CA VAL H 176 2.88 -8.44 26.09
C VAL H 176 3.27 -7.52 27.23
N GLN H 177 2.33 -6.70 27.71
CA GLN H 177 2.63 -5.83 28.85
C GLN H 177 2.29 -6.51 30.17
N ASN H 178 1.05 -6.99 30.30
CA ASN H 178 0.66 -7.67 31.53
C ASN H 178 1.33 -9.03 31.64
N CYS H 179 1.29 -9.81 30.58
CA CYS H 179 1.86 -11.15 30.53
C CYS H 179 3.08 -11.12 29.61
N ALA H 180 3.68 -12.29 29.39
CA ALA H 180 4.72 -12.44 28.37
C ALA H 180 4.20 -13.31 27.24
N ALA H 181 4.95 -13.33 26.14
CA ALA H 181 4.65 -14.13 24.97
C ALA H 181 3.35 -13.69 24.30
N LEU H 182 3.10 -14.19 23.09
CA LEU H 182 1.92 -13.84 22.32
C LEU H 182 0.81 -14.85 22.57
N SER H 183 -0.42 -14.46 22.23
CA SER H 183 -1.58 -15.27 22.58
C SER H 183 -1.78 -16.42 21.59
N SER H 184 -1.97 -16.10 20.31
CA SER H 184 -2.21 -17.08 19.26
C SER H 184 -3.44 -17.94 19.58
N GLY H 185 -4.56 -17.28 19.88
CA GLY H 185 -5.79 -17.97 20.17
C GLY H 185 -6.99 -17.11 19.82
N ALA H 186 -8.15 -17.75 19.78
CA ALA H 186 -9.39 -17.09 19.35
C ALA H 186 -10.50 -17.38 20.36
N PHE H 187 -10.62 -16.53 21.37
CA PHE H 187 -11.65 -16.67 22.38
C PHE H 187 -11.77 -15.34 23.11
N TRP H 188 -12.69 -15.28 24.07
CA TRP H 188 -12.86 -14.11 24.93
C TRP H 188 -11.96 -14.28 26.14
N PHE H 189 -10.86 -13.51 26.18
CA PHE H 189 -9.84 -13.67 27.19
C PHE H 189 -9.99 -12.60 28.27
N ARG H 190 -9.58 -12.94 29.49
CA ARG H 190 -9.64 -12.02 30.61
C ARG H 190 -8.27 -11.70 31.20
N SER H 191 -7.41 -12.70 31.37
CA SER H 191 -6.07 -12.50 31.90
C SER H 191 -5.13 -13.44 31.16
N CYS H 192 -3.98 -13.72 31.76
CA CYS H 192 -3.01 -14.58 31.07
C CYS H 192 -3.43 -16.03 30.99
N HIS H 193 -4.63 -16.45 31.40
CA HIS H 193 -5.07 -17.81 31.17
C HIS H 193 -5.39 -17.99 29.69
N PHE H 194 -4.66 -18.89 29.03
CA PHE H 194 -4.74 -19.02 27.58
C PHE H 194 -5.30 -20.38 27.17
N ALA H 195 -6.32 -20.84 27.88
CA ALA H 195 -6.96 -22.13 27.61
C ALA H 195 -8.35 -21.90 27.04
N ASN H 196 -8.60 -22.45 25.85
CA ASN H 196 -9.88 -22.27 25.19
C ASN H 196 -10.12 -23.46 24.26
N LEU H 197 -11.38 -23.57 23.81
CA LEU H 197 -11.82 -24.68 22.98
C LEU H 197 -11.55 -24.47 21.49
N ASN H 198 -10.90 -23.37 21.11
CA ASN H 198 -10.54 -23.10 19.72
C ASN H 198 -9.04 -23.20 19.50
N GLY H 199 -8.39 -24.16 20.13
CA GLY H 199 -6.94 -24.33 20.03
C GLY H 199 -6.54 -25.39 19.03
N PHE H 200 -5.35 -25.95 19.25
CA PHE H 200 -4.81 -26.97 18.38
C PHE H 200 -5.34 -28.35 18.78
N TYR H 201 -5.27 -29.29 17.83
CA TYR H 201 -5.77 -30.65 18.05
C TYR H 201 -4.58 -31.57 18.35
N LEU H 202 -4.33 -31.80 19.64
CA LEU H 202 -3.28 -32.68 20.09
C LEU H 202 -3.90 -34.01 20.54
N GLY H 203 -3.05 -34.92 21.00
CA GLY H 203 -3.52 -36.21 21.43
C GLY H 203 -4.23 -36.17 22.77
N GLY H 204 -4.23 -37.28 23.49
CA GLY H 204 -4.90 -37.31 24.79
C GLY H 204 -4.24 -36.39 25.80
N SER H 205 -2.91 -36.46 25.90
CA SER H 205 -2.17 -35.69 26.88
C SER H 205 -0.93 -35.09 26.22
N HIS H 206 -0.50 -33.94 26.74
CA HIS H 206 0.66 -33.24 26.21
C HIS H 206 1.45 -32.64 27.36
N LEU H 207 2.75 -32.42 27.10
CA LEU H 207 3.64 -31.87 28.11
C LEU H 207 3.63 -30.35 28.16
N SER H 208 3.30 -29.70 27.05
CA SER H 208 3.25 -28.25 27.00
C SER H 208 2.05 -27.73 27.78
N TYR H 209 2.04 -26.43 28.03
CA TYR H 209 0.98 -25.82 28.82
C TYR H 209 -0.26 -25.67 27.94
N ALA H 210 -1.24 -24.90 28.40
CA ALA H 210 -2.57 -24.91 27.79
C ALA H 210 -2.49 -24.30 26.39
N ASN H 211 -2.37 -25.17 25.38
CA ASN H 211 -2.41 -24.72 23.99
C ASN H 211 -3.21 -25.66 23.10
N GLY H 212 -4.06 -26.51 23.66
CA GLY H 212 -4.92 -27.38 22.89
C GLY H 212 -6.38 -27.08 23.16
N ILE H 213 -7.22 -28.10 23.09
CA ILE H 213 -8.65 -27.95 23.39
C ILE H 213 -8.86 -28.23 24.87
N ASN H 214 -8.75 -27.21 25.70
CA ASN H 214 -8.74 -27.37 27.15
C ASN H 214 -9.98 -26.76 27.78
N TRP H 215 -10.60 -27.50 28.70
CA TRP H 215 -11.66 -27.01 29.56
C TRP H 215 -11.16 -27.14 30.99
N ALA H 216 -10.85 -26.01 31.61
CA ALA H 216 -10.03 -26.01 32.81
C ALA H 216 -10.69 -26.76 33.97
N GLN H 217 -12.00 -26.59 34.13
CA GLN H 217 -12.66 -27.15 35.31
C GLN H 217 -12.73 -28.66 35.28
N TRP H 218 -12.96 -29.26 34.10
CA TRP H 218 -13.19 -30.70 34.05
C TRP H 218 -11.89 -31.49 34.19
N LYS H 219 -10.97 -31.30 33.25
CA LYS H 219 -9.73 -32.09 33.22
C LYS H 219 -8.54 -31.31 33.77
N GLY H 220 -8.27 -30.14 33.23
CA GLY H 220 -7.15 -29.33 33.66
C GLY H 220 -6.48 -28.69 32.47
N PHE H 221 -5.23 -28.28 32.66
CA PHE H 221 -4.47 -27.57 31.65
C PHE H 221 -3.52 -28.48 30.88
N TYR H 222 -3.61 -29.80 31.06
CA TYR H 222 -2.70 -30.73 30.40
C TYR H 222 -3.43 -31.85 29.68
N TYR H 223 -4.66 -31.61 29.22
CA TYR H 223 -5.45 -32.64 28.54
C TYR H 223 -6.27 -31.97 27.45
N SER H 224 -6.06 -32.38 26.21
CA SER H 224 -6.79 -31.87 25.07
C SER H 224 -7.95 -32.82 24.74
N LEU H 225 -9.14 -32.27 24.64
CA LEU H 225 -10.36 -33.08 24.55
C LEU H 225 -10.47 -33.71 23.16
N LYS H 226 -11.56 -34.44 22.94
CA LYS H 226 -11.80 -35.18 21.71
C LYS H 226 -12.91 -34.57 20.85
N ARG H 227 -14.00 -34.11 21.46
CA ARG H 227 -15.12 -33.55 20.72
C ARG H 227 -15.65 -32.33 21.46
N THR H 228 -16.02 -31.30 20.69
CA THR H 228 -16.62 -30.09 21.24
C THR H 228 -17.89 -29.75 20.47
N GLU H 229 -18.80 -29.05 21.14
CA GLU H 229 -20.05 -28.62 20.53
C GLU H 229 -20.73 -27.54 21.37
N MET H 230 -21.06 -26.40 20.76
CA MET H 230 -21.74 -25.30 21.43
C MET H 230 -23.09 -25.08 20.76
N LYS H 231 -24.16 -25.07 21.54
CA LYS H 231 -25.51 -24.91 21.03
C LYS H 231 -26.25 -23.84 21.81
N ILE H 232 -27.16 -23.14 21.12
CA ILE H 232 -28.00 -22.13 21.74
C ILE H 232 -29.45 -22.46 21.44
N ARG H 233 -30.34 -22.02 22.33
CA ARG H 233 -31.77 -22.31 22.21
C ARG H 233 -32.57 -21.14 22.76
N ARG H 234 -33.74 -20.90 22.17
CA ARG H 234 -34.61 -19.82 22.61
C ARG H 234 -35.19 -20.13 23.99
N ALA H 235 -35.26 -19.10 24.83
CA ALA H 235 -35.79 -19.23 26.18
C ALA H 235 -36.96 -18.29 26.40
#